data_1NKT
#
_entry.id   1NKT
#
_cell.length_a   206.050
_cell.length_b   206.050
_cell.length_c   292.857
_cell.angle_alpha   90.00
_cell.angle_beta   90.00
_cell.angle_gamma   120.00
#
_symmetry.space_group_name_H-M   'P 62 2 2'
#
loop_
_entity.id
_entity.type
_entity.pdbx_description
1 polymer 'Preprotein translocase secA 1 subunit'
2 non-polymer 'MAGNESIUM ION'
3 non-polymer "ADENOSINE-5'-DIPHOSPHATE"
4 water water
#
_entity_poly.entity_id   1
_entity_poly.type   'polypeptide(L)'
_entity_poly.pdbx_seq_one_letter_code
;MKETAAAKFERQHMDSPDLGTLVPRGSMADILSKLLRLGEGRMVKRLKKVADYVGTLSDDVEKLTDAELRAKTDEFKRRL
ADQKNPETLDDLLPEAFAVAREAAWRVLDQRPFDVQVMGAAALHLGNVAEMKTGEGKTLTCVLPAYLNALAGNGVHIVTV
NDYLAKRDSEWMGRVHRFLGLQVGVILATMTPDERRVAYNADITYGTNNEFGFDYLRDNMAHSLDDLVQRGHHYAIVDEV
DSILIDEARTPLIISGPADGASNWYTEFARLAPLMEKDVHYEVDLRKRTVGVHEKGVEFVEDQLGIDNLYEAANSPLVSY
LNNALKAKELFSRDKDYIVRDGEVLIVDEFTGRVLIGRRYNEGMHQAIEAKEHVEIKAENQTLATITLQNYFRLYDKLAG
MTGTAQTEAAELHEIYKLGVVSIPTNMPMIREDQSDLIYKTEEAKYIAVVDDVAERYAKGQPVLIGTTSVERSEYLSRQF
TKRRIPHNVLNAKYHEQEATIIAVAGRRGGVTVATNMAGRGTDIVLGGNVDFLTDQRLRERGLDPVETPEEYEAAWHSEL
PIVKEEASKEAKEVIEAGGLYVLGTERHESRRIDNQLRGRSGRQGDPGESRFYLSLGDELMRRFNGAALETLLTRLNLPD
DVPIEAKMVTRAIKSAQTQVEQQNFEVRKNVLKYDEVMNQQRKVIYAERRRILEGENLKDQALDMVRDVITAYVDGATGE
GYAEDWDLDALWTALKTLYPVGITADSLTRKDHEFERDDLTREELLEALLKDAERAYAAREAELEEIAGEGAMRQLERNV
LLNVIDRKWREHLYEMDYLKEGIGLRAMAQRDPLVEYQREGYDMFMAMLDGMKEESVGFLFNVTVEAVPAPPVAPAAEPA
ELAEFAAAAAAAAQQRSAVDGGARERAPSALRAKGVASESPA
;
_entity_poly.pdbx_strand_id   A,B
#
loop_
_chem_comp.id
_chem_comp.type
_chem_comp.name
_chem_comp.formula
ADP non-polymer ADENOSINE-5'-DIPHOSPHATE 'C10 H15 N5 O10 P2'
MG non-polymer 'MAGNESIUM ION' 'Mg 2'
#
# COMPACT_ATOMS: atom_id res chain seq x y z
N ASP A 15 18.49 -46.05 8.90
CA ASP A 15 19.82 -46.19 8.24
C ASP A 15 20.09 -47.55 7.55
N SER A 16 19.25 -47.88 6.56
CA SER A 16 19.14 -49.22 5.96
C SER A 16 19.72 -49.34 4.54
N PRO A 17 19.75 -50.56 3.99
CA PRO A 17 20.20 -50.79 2.61
C PRO A 17 19.03 -50.91 1.62
N ASP A 18 19.33 -51.12 0.34
CA ASP A 18 18.27 -51.15 -0.65
C ASP A 18 18.40 -52.07 -1.86
N LEU A 19 19.54 -52.73 -2.04
CA LEU A 19 19.64 -53.65 -3.18
C LEU A 19 18.51 -54.69 -3.16
N GLY A 20 17.78 -54.81 -4.25
CA GLY A 20 16.66 -55.72 -4.33
C GLY A 20 15.67 -55.70 -3.16
N THR A 21 15.28 -54.49 -2.73
CA THR A 21 14.19 -54.29 -1.78
C THR A 21 13.19 -53.56 -2.62
N LEU A 22 11.94 -54.01 -2.64
CA LEU A 22 10.97 -53.36 -3.47
C LEU A 22 10.72 -51.93 -2.99
N VAL A 23 10.14 -51.81 -1.79
CA VAL A 23 9.86 -50.57 -1.11
C VAL A 23 11.12 -49.92 -0.51
N PRO A 24 11.39 -48.64 -0.80
CA PRO A 24 12.60 -47.98 -0.30
C PRO A 24 12.59 -47.70 1.21
N ARG A 25 13.69 -48.08 1.85
CA ARG A 25 13.82 -48.03 3.31
C ARG A 25 14.68 -46.87 3.77
N GLY A 26 14.01 -45.92 4.43
CA GLY A 26 14.72 -44.90 5.20
C GLY A 26 15.86 -44.24 4.45
N SER A 27 17.06 -44.81 4.51
CA SER A 27 18.20 -44.12 3.89
C SER A 27 18.08 -43.88 2.37
N MET A 28 17.53 -44.87 1.67
CA MET A 28 17.22 -44.72 0.24
C MET A 28 16.02 -43.81 0.02
N ALA A 29 15.05 -43.88 0.92
CA ALA A 29 13.85 -43.06 0.83
C ALA A 29 14.17 -41.56 0.93
N ASP A 30 15.26 -41.23 1.64
CA ASP A 30 15.71 -39.87 1.76
C ASP A 30 16.25 -39.43 0.42
N ILE A 31 17.26 -40.13 -0.09
CA ILE A 31 17.77 -39.80 -1.40
C ILE A 31 16.60 -39.53 -2.34
N LEU A 32 15.55 -40.36 -2.28
CA LEU A 32 14.45 -40.24 -3.23
C LEU A 32 13.63 -38.96 -3.02
N SER A 33 13.38 -38.60 -1.75
CA SER A 33 12.80 -37.31 -1.39
C SER A 33 13.71 -36.12 -1.81
N LYS A 34 15.03 -36.24 -1.65
CA LYS A 34 15.92 -35.21 -2.14
C LYS A 34 15.60 -34.93 -3.61
N LEU A 35 15.90 -35.87 -4.51
CA LEU A 35 15.63 -35.71 -5.95
C LEU A 35 14.18 -35.26 -6.35
N LEU A 36 13.23 -35.29 -5.41
CA LEU A 36 11.87 -34.80 -5.65
C LEU A 36 11.91 -33.31 -5.88
N ARG A 37 12.38 -32.61 -4.85
CA ARG A 37 12.61 -31.17 -4.90
C ARG A 37 13.51 -30.74 -6.07
N LEU A 38 14.40 -31.62 -6.53
CA LEU A 38 15.29 -31.26 -7.63
C LEU A 38 14.67 -31.56 -8.99
N GLY A 39 13.42 -31.99 -8.98
CA GLY A 39 12.66 -32.23 -10.19
C GLY A 39 13.00 -33.48 -10.99
N GLU A 40 13.98 -34.27 -10.53
CA GLU A 40 14.48 -35.41 -11.30
C GLU A 40 13.52 -36.59 -11.49
N GLY A 41 12.60 -36.80 -10.57
CA GLY A 41 11.58 -37.79 -10.80
C GLY A 41 11.98 -39.26 -10.82
N ARG A 42 13.03 -39.63 -10.10
CA ARG A 42 13.36 -41.04 -9.95
C ARG A 42 12.34 -41.73 -9.06
N MET A 43 11.82 -41.01 -8.08
CA MET A 43 10.86 -41.55 -7.16
C MET A 43 9.62 -42.13 -7.84
N VAL A 44 9.14 -41.45 -8.88
CA VAL A 44 8.00 -41.96 -9.62
C VAL A 44 8.38 -43.31 -10.26
N LYS A 45 9.57 -43.41 -10.85
CA LYS A 45 9.99 -44.69 -11.44
C LYS A 45 9.90 -45.82 -10.40
N ARG A 46 10.33 -45.52 -9.18
CA ARG A 46 10.23 -46.46 -8.06
C ARG A 46 8.78 -46.81 -7.69
N LEU A 47 7.90 -45.82 -7.59
CA LEU A 47 6.55 -46.09 -7.15
C LEU A 47 5.85 -46.94 -8.21
N LYS A 48 6.23 -46.70 -9.46
CA LYS A 48 5.73 -47.44 -10.61
C LYS A 48 6.17 -48.90 -10.54
N LYS A 49 7.43 -49.12 -10.13
CA LYS A 49 7.93 -50.48 -9.90
C LYS A 49 7.14 -51.19 -8.79
N VAL A 50 6.83 -50.47 -7.72
CA VAL A 50 6.02 -51.03 -6.66
C VAL A 50 4.65 -51.35 -7.23
N ALA A 51 4.01 -50.39 -7.90
CA ALA A 51 2.63 -50.61 -8.34
C ALA A 51 2.58 -51.85 -9.23
N ASP A 52 3.44 -51.87 -10.25
CA ASP A 52 3.62 -53.05 -11.12
C ASP A 52 3.69 -54.37 -10.37
N TYR A 53 4.64 -54.48 -9.44
CA TYR A 53 4.71 -55.67 -8.63
C TYR A 53 3.36 -56.01 -7.97
N VAL A 54 2.79 -55.09 -7.19
CA VAL A 54 1.49 -55.32 -6.61
C VAL A 54 0.53 -55.90 -7.65
N GLY A 55 0.63 -55.40 -8.89
CA GLY A 55 -0.16 -55.89 -10.01
C GLY A 55 0.04 -57.36 -10.31
N THR A 56 1.27 -57.87 -10.15
CA THR A 56 1.50 -59.29 -10.36
C THR A 56 0.97 -60.15 -9.22
N LEU A 57 0.50 -59.54 -8.13
CA LEU A 57 -0.12 -60.33 -7.06
C LEU A 57 -1.66 -60.42 -7.19
N SER A 58 -2.16 -59.92 -8.31
CA SER A 58 -3.58 -59.82 -8.52
C SER A 58 -4.26 -61.17 -8.55
N ASP A 59 -3.61 -62.12 -9.20
CA ASP A 59 -4.19 -63.45 -9.39
C ASP A 59 -4.35 -64.19 -8.07
N ASP A 60 -3.28 -64.21 -7.26
CA ASP A 60 -3.29 -64.69 -5.88
C ASP A 60 -4.52 -64.26 -5.10
N VAL A 61 -4.85 -62.96 -5.12
CA VAL A 61 -6.00 -62.54 -4.36
C VAL A 61 -7.30 -62.75 -5.13
N GLU A 62 -7.23 -62.64 -6.46
CA GLU A 62 -8.42 -62.80 -7.32
C GLU A 62 -9.06 -64.17 -7.14
N LYS A 63 -8.26 -65.18 -6.83
CA LYS A 63 -8.75 -66.55 -6.69
C LYS A 63 -9.26 -66.91 -5.28
N LEU A 64 -9.27 -65.94 -4.38
CA LEU A 64 -9.70 -66.17 -3.00
C LEU A 64 -11.18 -65.94 -2.74
N THR A 65 -11.69 -66.70 -1.80
CA THR A 65 -13.02 -66.55 -1.22
C THR A 65 -13.14 -65.20 -0.47
N ASP A 66 -14.36 -64.67 -0.33
CA ASP A 66 -14.60 -63.47 0.48
C ASP A 66 -14.19 -63.65 1.93
N ALA A 67 -14.50 -64.80 2.51
CA ALA A 67 -14.00 -65.18 3.84
C ALA A 67 -12.46 -65.27 3.89
N GLU A 68 -11.87 -65.84 2.84
CA GLU A 68 -10.43 -66.05 2.72
C GLU A 68 -9.72 -64.71 2.50
N LEU A 69 -10.39 -63.80 1.78
CA LEU A 69 -9.84 -62.45 1.62
C LEU A 69 -9.88 -61.73 2.95
N ARG A 70 -10.99 -61.87 3.71
CA ARG A 70 -11.07 -61.28 5.05
C ARG A 70 -10.10 -61.87 6.10
N ALA A 71 -9.74 -63.13 5.92
CA ALA A 71 -8.78 -63.81 6.79
C ALA A 71 -7.36 -63.28 6.56
N LYS A 72 -7.17 -62.54 5.47
CA LYS A 72 -5.84 -62.04 5.19
C LYS A 72 -5.40 -61.06 6.26
N THR A 73 -6.36 -60.29 6.80
CA THR A 73 -6.08 -59.27 7.81
C THR A 73 -5.48 -59.91 9.06
N ASP A 74 -6.05 -61.03 9.48
CA ASP A 74 -5.58 -61.70 10.67
C ASP A 74 -4.24 -62.32 10.39
N GLU A 75 -4.03 -62.77 9.16
CA GLU A 75 -2.73 -63.33 8.77
C GLU A 75 -1.64 -62.28 8.83
N PHE A 76 -1.95 -61.07 8.37
CA PHE A 76 -0.97 -59.99 8.36
C PHE A 76 -0.58 -59.57 9.79
N LYS A 77 -1.59 -59.47 10.67
CA LYS A 77 -1.38 -59.12 12.08
C LYS A 77 -0.48 -60.17 12.74
N ARG A 78 -0.84 -61.43 12.52
CA ARG A 78 -0.07 -62.56 12.96
C ARG A 78 1.40 -62.39 12.52
N ARG A 79 1.60 -62.05 11.26
CA ARG A 79 2.93 -61.92 10.68
C ARG A 79 3.68 -60.72 11.20
N LEU A 80 2.96 -59.70 11.65
CA LEU A 80 3.56 -58.49 12.20
C LEU A 80 3.93 -58.62 13.67
N ALA A 81 3.50 -59.71 14.31
CA ALA A 81 3.75 -59.94 15.72
C ALA A 81 4.74 -61.07 15.90
N ASP A 82 5.03 -61.77 14.81
CA ASP A 82 5.99 -62.87 14.80
C ASP A 82 7.42 -62.40 15.07
N GLN A 83 7.94 -62.71 16.25
CA GLN A 83 9.34 -62.37 16.57
C GLN A 83 10.29 -63.46 16.12
N LYS A 84 9.77 -64.63 15.76
CA LYS A 84 10.62 -65.68 15.21
C LYS A 84 10.98 -65.42 13.74
N ASN A 85 10.15 -64.65 13.07
CA ASN A 85 10.26 -64.53 11.62
C ASN A 85 9.81 -63.13 11.19
N PRO A 86 10.56 -62.10 11.62
CA PRO A 86 10.05 -60.72 11.71
C PRO A 86 9.56 -60.12 10.38
N GLU A 87 8.46 -59.38 10.40
CA GLU A 87 8.06 -58.67 9.20
C GLU A 87 7.59 -57.26 9.57
N THR A 88 7.89 -56.31 8.69
CA THR A 88 7.54 -54.90 8.87
C THR A 88 6.42 -54.58 7.94
N LEU A 89 5.76 -53.45 8.19
CA LEU A 89 4.72 -52.99 7.28
C LEU A 89 5.25 -52.93 5.87
N ASP A 90 6.48 -52.45 5.72
CA ASP A 90 7.13 -52.39 4.43
C ASP A 90 7.23 -53.76 3.75
N ASP A 91 7.49 -54.80 4.53
CA ASP A 91 7.47 -56.16 3.99
C ASP A 91 6.08 -56.54 3.58
N LEU A 92 5.07 -56.07 4.28
CA LEU A 92 3.73 -56.53 3.95
C LEU A 92 3.04 -55.66 2.91
N LEU A 93 3.63 -54.54 2.56
CA LEU A 93 3.00 -53.60 1.63
C LEU A 93 2.45 -54.24 0.36
N PRO A 94 3.20 -55.00 -0.44
CA PRO A 94 2.64 -55.55 -1.67
C PRO A 94 1.40 -56.42 -1.42
N GLU A 95 1.52 -57.38 -0.52
CA GLU A 95 0.37 -58.23 -0.19
C GLU A 95 -0.82 -57.45 0.36
N ALA A 96 -0.58 -56.55 1.31
CA ALA A 96 -1.70 -55.88 1.96
C ALA A 96 -2.40 -54.99 0.96
N PHE A 97 -1.62 -54.29 0.11
CA PHE A 97 -2.23 -53.54 -1.01
C PHE A 97 -3.06 -54.38 -1.98
N ALA A 98 -2.54 -55.54 -2.39
CA ALA A 98 -3.23 -56.38 -3.36
C ALA A 98 -4.59 -56.78 -2.83
N VAL A 99 -4.60 -57.07 -1.52
CA VAL A 99 -5.80 -57.49 -0.80
C VAL A 99 -6.78 -56.33 -0.72
N ALA A 100 -6.31 -55.15 -0.33
CA ALA A 100 -7.22 -54.02 -0.25
C ALA A 100 -7.76 -53.70 -1.66
N ARG A 101 -6.91 -53.89 -2.67
CA ARG A 101 -7.27 -53.51 -4.04
C ARG A 101 -8.33 -54.43 -4.56
N GLU A 102 -8.16 -55.72 -4.31
CA GLU A 102 -9.16 -56.69 -4.69
C GLU A 102 -10.44 -56.54 -3.86
N ALA A 103 -10.31 -56.14 -2.58
CA ALA A 103 -11.50 -55.92 -1.75
C ALA A 103 -12.36 -54.79 -2.30
N ALA A 104 -11.71 -53.67 -2.60
CA ALA A 104 -12.38 -52.50 -3.16
C ALA A 104 -13.17 -52.86 -4.42
N TRP A 105 -12.55 -53.70 -5.26
CA TRP A 105 -13.14 -54.09 -6.52
C TRP A 105 -14.38 -54.90 -6.24
N ARG A 106 -14.29 -55.81 -5.27
CA ARG A 106 -15.41 -56.66 -4.92
C ARG A 106 -16.54 -55.87 -4.25
N VAL A 107 -16.15 -54.90 -3.41
CA VAL A 107 -17.13 -54.17 -2.62
C VAL A 107 -17.73 -53.04 -3.40
N LEU A 108 -16.85 -52.19 -3.95
CA LEU A 108 -17.28 -50.95 -4.60
C LEU A 108 -17.56 -51.10 -6.07
N ASP A 109 -17.07 -52.20 -6.66
CA ASP A 109 -17.08 -52.39 -8.11
C ASP A 109 -16.16 -51.36 -8.83
N GLN A 110 -15.08 -50.95 -8.16
CA GLN A 110 -14.06 -50.17 -8.81
C GLN A 110 -12.72 -50.67 -8.27
N ARG A 111 -11.80 -51.01 -9.16
CA ARG A 111 -10.51 -51.53 -8.76
C ARG A 111 -9.46 -50.39 -8.90
N PRO A 112 -8.81 -50.01 -7.80
CA PRO A 112 -7.80 -48.96 -7.83
C PRO A 112 -6.86 -49.07 -9.06
N PHE A 113 -6.70 -47.99 -9.83
CA PHE A 113 -5.89 -48.00 -11.04
C PHE A 113 -4.44 -48.10 -10.62
N ASP A 114 -3.61 -48.52 -11.57
CA ASP A 114 -2.17 -48.56 -11.38
C ASP A 114 -1.64 -47.27 -10.73
N VAL A 115 -2.21 -46.13 -11.13
CA VAL A 115 -1.71 -44.86 -10.60
C VAL A 115 -2.22 -44.60 -9.17
N GLN A 116 -3.40 -45.10 -8.84
CA GLN A 116 -3.85 -45.06 -7.46
C GLN A 116 -2.91 -45.89 -6.57
N VAL A 117 -2.39 -46.99 -7.09
CA VAL A 117 -1.51 -47.84 -6.31
C VAL A 117 -0.18 -47.12 -6.14
N MET A 118 0.24 -46.34 -7.13
CA MET A 118 1.44 -45.50 -6.99
C MET A 118 1.24 -44.44 -5.88
N GLY A 119 0.12 -43.72 -5.93
CA GLY A 119 -0.22 -42.74 -4.92
C GLY A 119 -0.24 -43.36 -3.53
N ALA A 120 -0.95 -44.47 -3.41
CA ALA A 120 -0.95 -45.31 -2.22
C ALA A 120 0.45 -45.53 -1.60
N ALA A 121 1.44 -45.92 -2.42
CA ALA A 121 2.73 -46.26 -1.88
C ALA A 121 3.38 -44.97 -1.41
N ALA A 122 3.15 -43.89 -2.13
CA ALA A 122 3.69 -42.60 -1.71
C ALA A 122 3.16 -42.22 -0.32
N LEU A 123 1.85 -42.40 -0.08
CA LEU A 123 1.27 -42.14 1.23
C LEU A 123 1.88 -43.04 2.31
N HIS A 124 2.13 -44.30 1.99
CA HIS A 124 2.74 -45.11 3.02
C HIS A 124 4.13 -44.59 3.37
N LEU A 125 4.82 -44.00 2.41
CA LEU A 125 6.22 -43.61 2.62
C LEU A 125 6.31 -42.25 3.30
N GLY A 126 5.15 -41.67 3.58
CA GLY A 126 5.09 -40.41 4.27
C GLY A 126 5.24 -39.19 3.39
N ASN A 127 4.67 -39.19 2.18
CA ASN A 127 4.72 -38.01 1.32
C ASN A 127 3.36 -37.48 0.99
N VAL A 128 3.34 -36.31 0.35
CA VAL A 128 2.11 -35.83 -0.30
C VAL A 128 2.14 -36.40 -1.70
N ALA A 129 1.13 -37.20 -2.02
CA ALA A 129 0.80 -37.58 -3.37
C ALA A 129 -0.05 -36.47 -4.02
N GLU A 130 0.55 -35.73 -4.95
CA GLU A 130 -0.22 -34.82 -5.77
C GLU A 130 -0.93 -35.57 -6.88
N MET A 131 -2.24 -35.74 -6.73
CA MET A 131 -3.07 -36.40 -7.75
C MET A 131 -4.19 -35.48 -8.15
N LYS A 132 -4.24 -35.16 -9.43
CA LYS A 132 -5.27 -34.25 -9.94
C LYS A 132 -6.71 -34.60 -9.52
N THR A 133 -7.57 -33.59 -9.49
CA THR A 133 -8.98 -33.79 -9.35
C THR A 133 -9.44 -34.91 -10.27
N GLY A 134 -10.10 -35.90 -9.67
CA GLY A 134 -10.80 -36.92 -10.44
C GLY A 134 -9.97 -38.16 -10.59
N GLU A 135 -8.78 -38.18 -10.01
CA GLU A 135 -7.93 -39.35 -10.09
C GLU A 135 -8.31 -40.42 -9.06
N GLY A 136 -9.15 -40.03 -8.11
CA GLY A 136 -9.64 -40.96 -7.12
C GLY A 136 -8.79 -41.01 -5.85
N LYS A 137 -8.61 -39.84 -5.21
CA LYS A 137 -7.84 -39.73 -3.97
C LYS A 137 -8.53 -40.48 -2.80
N THR A 138 -9.86 -40.43 -2.74
CA THR A 138 -10.61 -41.03 -1.65
C THR A 138 -10.27 -42.51 -1.50
N LEU A 139 -10.35 -43.25 -2.62
CA LEU A 139 -10.05 -44.66 -2.64
C LEU A 139 -8.54 -44.90 -2.55
N THR A 140 -7.73 -44.00 -3.08
CA THR A 140 -6.28 -44.23 -3.11
C THR A 140 -5.78 -44.43 -1.70
N CYS A 141 -6.31 -43.58 -0.83
CA CYS A 141 -6.18 -43.56 0.62
C CYS A 141 -6.32 -44.91 1.38
N VAL A 142 -7.27 -45.73 0.93
CA VAL A 142 -7.65 -46.97 1.59
C VAL A 142 -6.48 -47.93 1.75
N LEU A 143 -5.63 -47.99 0.74
CA LEU A 143 -4.57 -48.95 0.78
C LEU A 143 -3.54 -48.64 1.89
N PRO A 144 -2.96 -47.44 1.96
CA PRO A 144 -1.98 -47.21 3.02
C PRO A 144 -2.68 -47.18 4.38
N ALA A 145 -3.98 -46.85 4.40
CA ALA A 145 -4.74 -46.82 5.64
C ALA A 145 -4.94 -48.24 6.21
N TYR A 146 -5.44 -49.16 5.39
CA TYR A 146 -5.50 -50.58 5.72
C TYR A 146 -4.18 -51.10 6.22
N LEU A 147 -3.12 -50.96 5.40
CA LEU A 147 -1.79 -51.44 5.78
C LEU A 147 -1.33 -50.90 7.11
N ASN A 148 -1.42 -49.58 7.32
CA ASN A 148 -0.88 -49.04 8.58
C ASN A 148 -1.80 -49.34 9.79
N ALA A 149 -3.07 -49.63 9.51
CA ALA A 149 -4.03 -49.94 10.56
C ALA A 149 -3.71 -51.29 11.16
N LEU A 150 -3.15 -52.18 10.35
CA LEU A 150 -2.76 -53.51 10.80
C LEU A 150 -1.90 -53.48 12.04
N ALA A 151 -1.13 -52.39 12.20
CA ALA A 151 -0.19 -52.26 13.34
C ALA A 151 -0.94 -52.13 14.64
N GLY A 152 -2.26 -51.92 14.53
CA GLY A 152 -3.14 -51.67 15.65
C GLY A 152 -3.03 -50.35 16.40
N ASN A 153 -2.43 -49.30 15.84
CA ASN A 153 -2.36 -48.07 16.64
C ASN A 153 -3.32 -46.99 16.27
N GLY A 154 -4.09 -47.19 15.20
CA GLY A 154 -5.02 -46.21 14.71
C GLY A 154 -4.40 -45.32 13.64
N VAL A 155 -5.27 -44.87 12.73
CA VAL A 155 -4.88 -44.05 11.59
C VAL A 155 -5.87 -42.90 11.53
N HIS A 156 -5.38 -41.67 11.45
CA HIS A 156 -6.35 -40.58 11.26
C HIS A 156 -6.36 -40.13 9.81
N ILE A 157 -7.54 -40.11 9.19
CA ILE A 157 -7.72 -39.47 7.89
C ILE A 157 -8.45 -38.12 8.10
N VAL A 158 -7.84 -37.04 7.60
CA VAL A 158 -8.36 -35.70 7.79
C VAL A 158 -9.02 -35.12 6.50
N THR A 159 -10.27 -34.68 6.59
CA THR A 159 -10.89 -34.01 5.47
C THR A 159 -11.25 -32.61 5.90
N VAL A 160 -11.85 -31.86 5.00
CA VAL A 160 -11.98 -30.44 5.15
C VAL A 160 -13.27 -30.02 5.91
N ASN A 161 -14.30 -30.86 5.84
CA ASN A 161 -15.52 -30.63 6.59
C ASN A 161 -16.20 -31.93 7.04
N ASP A 162 -17.19 -31.80 7.92
CA ASP A 162 -17.93 -32.91 8.52
C ASP A 162 -18.68 -33.72 7.49
N TYR A 163 -19.34 -33.06 6.57
CA TYR A 163 -20.02 -33.81 5.51
C TYR A 163 -19.01 -34.77 4.85
N LEU A 164 -17.85 -34.29 4.44
CA LEU A 164 -16.88 -35.15 3.76
C LEU A 164 -16.24 -36.24 4.65
N ALA A 165 -16.01 -35.96 5.94
CA ALA A 165 -15.42 -36.97 6.82
C ALA A 165 -16.48 -38.04 6.97
N LYS A 166 -17.71 -37.65 7.27
CA LYS A 166 -18.76 -38.62 7.30
C LYS A 166 -18.87 -39.41 5.98
N ARG A 167 -18.89 -38.77 4.80
CA ARG A 167 -19.04 -39.60 3.58
C ARG A 167 -17.91 -40.53 3.27
N ASP A 168 -16.67 -40.10 3.47
CA ASP A 168 -15.56 -40.97 3.20
C ASP A 168 -15.55 -42.18 4.15
N SER A 169 -15.71 -41.92 5.46
CA SER A 169 -15.72 -42.98 6.48
C SER A 169 -16.80 -44.01 6.18
N GLU A 170 -17.95 -43.55 5.69
CA GLU A 170 -19.04 -44.41 5.32
C GLU A 170 -18.82 -45.16 3.99
N TRP A 171 -18.24 -44.49 3.02
CA TRP A 171 -17.99 -45.05 1.70
C TRP A 171 -16.75 -46.00 1.72
N MET A 172 -15.55 -45.50 2.04
CA MET A 172 -14.38 -46.38 2.14
C MET A 172 -14.51 -47.35 3.32
N GLY A 173 -15.24 -46.93 4.35
CA GLY A 173 -15.47 -47.79 5.48
C GLY A 173 -16.00 -49.14 5.05
N ARG A 174 -16.76 -49.19 3.95
CA ARG A 174 -17.27 -50.47 3.45
C ARG A 174 -16.10 -51.39 3.10
N VAL A 175 -15.05 -50.87 2.46
CA VAL A 175 -13.93 -51.73 2.13
C VAL A 175 -13.22 -52.20 3.41
N HIS A 176 -12.89 -51.28 4.31
CA HIS A 176 -12.25 -51.63 5.58
C HIS A 176 -13.02 -52.61 6.47
N ARG A 177 -14.34 -52.39 6.65
CA ARG A 177 -15.20 -53.30 7.41
C ARG A 177 -15.27 -54.69 6.78
N PHE A 178 -15.27 -54.75 5.45
CA PHE A 178 -15.22 -56.01 4.71
C PHE A 178 -13.94 -56.75 5.07
N LEU A 179 -12.84 -56.03 5.19
CA LEU A 179 -11.57 -56.62 5.58
C LEU A 179 -11.43 -56.80 7.11
N GLY A 180 -12.54 -56.62 7.83
CA GLY A 180 -12.56 -56.81 9.28
C GLY A 180 -12.06 -55.68 10.19
N LEU A 181 -11.67 -54.54 9.62
CA LEU A 181 -11.34 -53.33 10.39
C LEU A 181 -12.58 -52.58 10.87
N GLN A 182 -12.49 -51.87 12.01
CA GLN A 182 -13.55 -50.92 12.42
C GLN A 182 -13.12 -49.53 11.95
N VAL A 183 -14.09 -48.72 11.52
CA VAL A 183 -13.84 -47.37 11.00
C VAL A 183 -14.74 -46.37 11.73
N GLY A 184 -14.18 -45.27 12.24
CA GLY A 184 -14.99 -44.27 12.94
C GLY A 184 -14.87 -42.88 12.34
N VAL A 185 -15.86 -42.02 12.58
CA VAL A 185 -15.73 -40.60 12.29
C VAL A 185 -15.86 -39.80 13.55
N ILE A 186 -15.13 -38.71 13.63
CA ILE A 186 -15.50 -37.68 14.60
C ILE A 186 -16.20 -36.49 13.91
N LEU A 187 -17.25 -36.01 14.56
CA LEU A 187 -18.09 -34.95 14.03
C LEU A 187 -18.22 -33.92 15.14
N ALA A 188 -18.56 -32.70 14.75
CA ALA A 188 -18.75 -31.59 15.69
C ALA A 188 -19.79 -31.89 16.77
N THR A 189 -20.84 -32.60 16.39
CA THR A 189 -21.95 -32.79 17.29
C THR A 189 -21.73 -33.91 18.32
N MET A 190 -20.59 -34.61 18.29
CA MET A 190 -20.42 -35.82 19.07
C MET A 190 -19.91 -35.61 20.49
N THR A 191 -20.46 -36.39 21.43
CA THR A 191 -20.05 -36.39 22.84
C THR A 191 -18.66 -37.03 23.05
N PRO A 192 -18.02 -36.80 24.20
CA PRO A 192 -16.74 -37.45 24.53
C PRO A 192 -16.79 -38.99 24.43
N ASP A 193 -17.81 -39.60 24.99
CA ASP A 193 -18.02 -41.04 24.88
C ASP A 193 -18.05 -41.49 23.41
N GLU A 194 -18.83 -40.78 22.59
CA GLU A 194 -18.93 -41.11 21.17
C GLU A 194 -17.56 -40.99 20.49
N ARG A 195 -16.81 -39.95 20.79
CA ARG A 195 -15.49 -39.80 20.21
C ARG A 195 -14.54 -40.93 20.61
N ARG A 196 -14.62 -41.35 21.87
CA ARG A 196 -13.71 -42.33 22.40
C ARG A 196 -13.84 -43.61 21.56
N VAL A 197 -15.08 -44.01 21.31
CA VAL A 197 -15.34 -45.16 20.46
C VAL A 197 -14.75 -44.95 19.07
N ALA A 198 -15.01 -43.80 18.44
CA ALA A 198 -14.46 -43.49 17.11
C ALA A 198 -12.93 -43.54 17.07
N TYR A 199 -12.26 -42.96 18.07
CA TYR A 199 -10.80 -43.03 18.17
C TYR A 199 -10.33 -44.47 18.52
N ASN A 200 -11.26 -45.34 18.92
CA ASN A 200 -10.83 -46.71 19.21
C ASN A 200 -10.93 -47.61 17.98
N ALA A 201 -11.68 -47.15 16.97
CA ALA A 201 -11.70 -47.81 15.66
C ALA A 201 -10.25 -47.99 15.13
N ASP A 202 -10.07 -48.79 14.09
CA ASP A 202 -8.75 -48.96 13.49
C ASP A 202 -8.38 -47.76 12.63
N ILE A 203 -9.39 -47.11 12.06
CA ILE A 203 -9.23 -45.93 11.25
C ILE A 203 -10.30 -44.92 11.66
N THR A 204 -9.87 -43.67 11.83
CA THR A 204 -10.74 -42.59 12.23
C THR A 204 -10.69 -41.41 11.26
N TYR A 205 -11.82 -41.09 10.66
CA TYR A 205 -11.97 -39.89 9.84
C TYR A 205 -12.35 -38.69 10.70
N GLY A 206 -11.95 -37.49 10.28
CA GLY A 206 -12.40 -36.25 10.93
C GLY A 206 -11.79 -34.98 10.33
N THR A 207 -12.13 -33.81 10.86
CA THR A 207 -11.54 -32.56 10.40
C THR A 207 -10.42 -32.14 11.32
N ASN A 208 -9.60 -31.18 10.88
CA ASN A 208 -8.53 -30.69 11.73
C ASN A 208 -9.11 -30.08 12.99
N ASN A 209 -10.28 -29.48 12.86
CA ASN A 209 -10.97 -28.89 13.99
C ASN A 209 -11.24 -29.89 15.10
N GLU A 210 -12.00 -30.93 14.79
CA GLU A 210 -12.21 -32.03 15.71
C GLU A 210 -10.89 -32.71 16.24
N PHE A 211 -9.93 -33.06 15.38
CA PHE A 211 -8.76 -33.74 15.92
C PHE A 211 -8.06 -32.85 16.92
N GLY A 212 -7.82 -31.60 16.54
CA GLY A 212 -7.04 -30.69 17.37
C GLY A 212 -7.77 -30.27 18.63
N PHE A 213 -9.07 -30.01 18.55
CA PHE A 213 -9.80 -29.66 19.76
C PHE A 213 -9.84 -30.81 20.77
N ASP A 214 -9.96 -32.06 20.29
CA ASP A 214 -9.88 -33.23 21.17
C ASP A 214 -8.46 -33.38 21.73
N TYR A 215 -7.45 -32.95 20.98
CA TYR A 215 -6.11 -32.97 21.53
C TYR A 215 -6.08 -31.95 22.69
N LEU A 216 -6.74 -30.82 22.47
CA LEU A 216 -6.66 -29.72 23.42
C LEU A 216 -7.45 -30.07 24.66
N ARG A 217 -8.67 -30.59 24.48
CA ARG A 217 -9.47 -31.03 25.61
C ARG A 217 -8.77 -32.12 26.43
N ASP A 218 -8.10 -33.05 25.76
CA ASP A 218 -7.46 -34.15 26.47
C ASP A 218 -6.42 -33.58 27.43
N ASN A 219 -5.69 -32.55 27.01
CA ASN A 219 -4.69 -31.98 27.88
C ASN A 219 -5.23 -30.99 28.94
N MET A 220 -6.55 -30.84 28.95
CA MET A 220 -7.28 -30.19 30.04
C MET A 220 -8.00 -31.14 31.00
N ALA A 221 -8.09 -32.42 30.66
CA ALA A 221 -8.96 -33.34 31.41
C ALA A 221 -8.49 -33.63 32.84
N HIS A 222 -9.42 -33.82 33.77
CA HIS A 222 -9.03 -34.02 35.17
C HIS A 222 -8.97 -35.47 35.65
N SER A 223 -9.17 -36.40 34.71
CA SER A 223 -9.27 -37.83 34.95
C SER A 223 -8.83 -38.59 33.69
N LEU A 224 -8.04 -39.65 33.84
CA LEU A 224 -7.56 -40.44 32.69
C LEU A 224 -8.66 -41.08 31.86
N ASP A 225 -9.79 -41.40 32.51
CA ASP A 225 -10.98 -41.98 31.86
C ASP A 225 -11.57 -41.04 30.83
N ASP A 226 -11.29 -39.75 30.96
CA ASP A 226 -11.99 -38.75 30.17
C ASP A 226 -11.28 -38.45 28.85
N LEU A 227 -10.01 -38.88 28.73
CA LEU A 227 -9.24 -38.74 27.48
C LEU A 227 -9.98 -39.43 26.32
N VAL A 228 -10.04 -38.75 25.18
CA VAL A 228 -10.70 -39.35 24.03
C VAL A 228 -9.73 -39.97 23.01
N GLN A 229 -8.57 -39.37 22.78
CA GLN A 229 -7.67 -39.84 21.72
C GLN A 229 -6.78 -40.91 22.27
N ARG A 230 -6.01 -41.55 21.42
CA ARG A 230 -5.04 -42.53 21.86
C ARG A 230 -3.74 -42.46 21.09
N GLY A 231 -3.21 -41.24 20.97
CA GLY A 231 -1.93 -41.04 20.36
C GLY A 231 -2.00 -40.53 18.94
N HIS A 232 -0.85 -40.10 18.46
CA HIS A 232 -0.76 -39.52 17.14
C HIS A 232 0.16 -40.35 16.29
N HIS A 233 -0.43 -41.36 15.66
CA HIS A 233 0.40 -42.40 15.05
C HIS A 233 0.64 -42.17 13.55
N TYR A 234 -0.43 -42.07 12.78
CA TYR A 234 -0.33 -41.83 11.35
C TYR A 234 -1.48 -40.94 10.97
N ALA A 235 -1.23 -39.83 10.28
CA ALA A 235 -2.34 -38.99 9.76
C ALA A 235 -2.13 -38.81 8.28
N ILE A 236 -3.18 -39.12 7.53
CA ILE A 236 -3.22 -38.84 6.11
C ILE A 236 -4.21 -37.69 5.91
N VAL A 237 -3.68 -36.55 5.46
CA VAL A 237 -4.46 -35.31 5.28
C VAL A 237 -4.96 -35.19 3.86
N ASP A 238 -6.24 -35.40 3.64
CA ASP A 238 -6.83 -35.25 2.34
C ASP A 238 -6.89 -33.74 2.15
N GLU A 239 -6.88 -33.24 0.91
CA GLU A 239 -6.76 -31.82 0.67
C GLU A 239 -5.64 -31.16 1.52
N VAL A 240 -4.38 -31.64 1.45
CA VAL A 240 -3.31 -31.10 2.29
C VAL A 240 -3.13 -29.60 2.18
N ASP A 241 -3.16 -29.08 0.95
CA ASP A 241 -2.90 -27.66 0.79
C ASP A 241 -3.98 -26.83 1.49
N SER A 242 -5.25 -27.20 1.40
CA SER A 242 -6.28 -26.44 2.09
C SER A 242 -6.10 -26.44 3.62
N ILE A 243 -5.67 -27.60 4.16
CA ILE A 243 -5.57 -27.80 5.58
C ILE A 243 -4.21 -27.38 6.18
N LEU A 244 -3.11 -27.97 5.70
CA LEU A 244 -1.76 -27.64 6.23
C LEU A 244 -1.19 -26.29 5.79
N ILE A 245 -1.72 -25.71 4.72
CA ILE A 245 -1.26 -24.40 4.29
C ILE A 245 -2.28 -23.28 4.58
N ASP A 246 -3.45 -23.34 3.93
CA ASP A 246 -4.42 -22.26 3.99
C ASP A 246 -5.05 -22.09 5.35
N GLU A 247 -5.58 -23.17 5.92
CA GLU A 247 -6.24 -23.10 7.23
C GLU A 247 -5.23 -22.90 8.40
N ALA A 248 -3.94 -23.12 8.12
CA ALA A 248 -2.90 -23.01 9.11
C ALA A 248 -2.59 -21.58 9.54
N ARG A 249 -3.17 -20.60 8.87
CA ARG A 249 -3.01 -19.20 9.25
C ARG A 249 -3.56 -18.85 10.63
N THR A 250 -4.36 -19.76 11.17
CA THR A 250 -5.23 -19.49 12.30
C THR A 250 -5.10 -20.60 13.32
N PRO A 251 -4.88 -20.24 14.58
CA PRO A 251 -4.70 -21.27 15.61
C PRO A 251 -6.04 -21.84 16.05
N LEU A 252 -5.98 -23.00 16.72
CA LEU A 252 -7.13 -23.58 17.42
C LEU A 252 -7.09 -23.03 18.85
N ILE A 253 -8.16 -22.40 19.31
CA ILE A 253 -8.21 -21.77 20.63
C ILE A 253 -9.42 -22.20 21.48
N ILE A 254 -9.19 -22.67 22.70
CA ILE A 254 -10.27 -22.81 23.67
C ILE A 254 -10.16 -21.69 24.70
N SER A 255 -11.17 -20.84 24.71
CA SER A 255 -11.24 -19.69 25.61
C SER A 255 -12.37 -19.85 26.59
N GLY A 256 -12.22 -19.22 27.75
CA GLY A 256 -13.24 -19.22 28.77
C GLY A 256 -13.00 -18.21 29.88
N PRO A 257 -13.90 -18.21 30.86
CA PRO A 257 -13.81 -17.31 32.02
C PRO A 257 -12.50 -17.49 32.76
N ALA A 258 -11.80 -16.39 33.05
CA ALA A 258 -10.56 -16.43 33.81
C ALA A 258 -10.74 -17.09 35.19
N ASP A 259 -12.00 -17.07 35.69
CA ASP A 259 -12.40 -17.67 36.97
C ASP A 259 -11.42 -17.33 38.13
N GLY A 260 -10.98 -16.07 38.15
CA GLY A 260 -9.86 -15.62 38.96
C GLY A 260 -10.02 -15.69 40.48
N ALA A 261 -9.00 -15.13 41.14
CA ALA A 261 -8.95 -15.08 42.58
C ALA A 261 -9.40 -13.71 43.05
N SER A 262 -10.22 -13.04 42.22
CA SER A 262 -10.68 -11.67 42.49
C SER A 262 -11.04 -11.42 43.96
N ASN A 263 -11.78 -12.33 44.58
CA ASN A 263 -12.18 -12.08 45.97
C ASN A 263 -11.07 -12.18 47.01
N TRP A 264 -9.99 -12.92 46.69
CA TRP A 264 -8.81 -12.93 47.54
C TRP A 264 -7.96 -11.67 47.38
N TYR A 265 -7.78 -11.21 46.14
CA TYR A 265 -7.09 -9.96 45.87
C TYR A 265 -7.72 -8.83 46.66
N THR A 266 -9.03 -8.71 46.53
CA THR A 266 -9.82 -7.74 47.28
C THR A 266 -9.57 -7.90 48.79
N GLU A 267 -9.68 -9.12 49.30
CA GLU A 267 -9.50 -9.39 50.73
C GLU A 267 -8.11 -8.98 51.24
N PHE A 268 -7.09 -9.16 50.43
CA PHE A 268 -5.74 -8.83 50.87
C PHE A 268 -5.37 -7.35 50.68
N ALA A 269 -5.97 -6.68 49.70
CA ALA A 269 -5.89 -5.22 49.64
C ALA A 269 -6.54 -4.59 50.88
N ARG A 270 -7.56 -5.25 51.42
CA ARG A 270 -8.25 -4.78 52.61
C ARG A 270 -7.41 -4.99 53.89
N LEU A 271 -6.66 -6.10 53.91
CA LEU A 271 -5.89 -6.52 55.07
C LEU A 271 -4.55 -5.81 55.14
N ALA A 272 -3.98 -5.46 54.00
CA ALA A 272 -2.61 -4.92 53.97
C ALA A 272 -2.43 -3.63 54.78
N PRO A 273 -3.32 -2.65 54.61
CA PRO A 273 -3.32 -1.44 55.45
C PRO A 273 -3.43 -1.73 56.94
N LEU A 274 -4.31 -2.64 57.35
CA LEU A 274 -4.49 -2.96 58.77
C LEU A 274 -3.20 -3.47 59.45
N MET A 275 -2.36 -4.14 58.68
CA MET A 275 -1.05 -4.61 59.14
C MET A 275 -0.05 -3.44 59.21
N GLU A 276 0.85 -3.50 60.19
CA GLU A 276 1.79 -2.42 60.48
C GLU A 276 3.25 -2.74 60.14
N LYS A 277 3.90 -1.85 59.38
CA LYS A 277 5.32 -2.01 59.03
C LYS A 277 6.20 -2.24 60.27
N ASP A 278 7.10 -3.22 60.17
CA ASP A 278 8.09 -3.55 61.23
C ASP A 278 7.49 -4.16 62.49
N VAL A 279 6.15 -4.19 62.56
CA VAL A 279 5.47 -4.96 63.59
C VAL A 279 5.05 -6.30 62.98
N HIS A 280 4.18 -6.25 61.97
CA HIS A 280 3.61 -7.45 61.35
C HIS A 280 4.49 -8.00 60.24
N TYR A 281 5.27 -7.13 59.62
CA TYR A 281 6.11 -7.54 58.49
C TYR A 281 7.35 -6.68 58.35
N GLU A 282 8.29 -7.18 57.56
CA GLU A 282 9.54 -6.50 57.29
C GLU A 282 9.62 -6.21 55.79
N VAL A 283 10.24 -5.08 55.45
CA VAL A 283 10.51 -4.74 54.05
C VAL A 283 12.02 -4.73 53.86
N ASP A 284 12.50 -5.51 52.89
CA ASP A 284 13.86 -5.30 52.38
C ASP A 284 13.83 -4.25 51.28
N LEU A 285 13.93 -3.00 51.73
CA LEU A 285 14.00 -1.81 50.89
C LEU A 285 14.92 -2.07 49.70
N ARG A 286 16.09 -2.65 50.00
CA ARG A 286 17.17 -2.86 49.01
C ARG A 286 16.94 -4.08 48.13
N LYS A 287 16.58 -5.20 48.75
CA LYS A 287 16.44 -6.47 48.04
C LYS A 287 15.07 -6.68 47.40
N ARG A 288 14.23 -5.64 47.40
CA ARG A 288 12.93 -5.63 46.70
C ARG A 288 11.91 -6.63 47.27
N THR A 289 11.98 -6.85 48.58
CA THR A 289 11.38 -8.03 49.20
C THR A 289 10.63 -7.78 50.51
N VAL A 290 9.57 -8.56 50.75
CA VAL A 290 8.76 -8.46 51.98
C VAL A 290 8.74 -9.79 52.76
N GLY A 291 9.06 -9.71 54.05
CA GLY A 291 9.00 -10.89 54.91
C GLY A 291 7.92 -10.79 55.97
N VAL A 292 7.01 -11.77 55.99
CA VAL A 292 5.93 -11.75 56.97
C VAL A 292 6.43 -12.24 58.32
N HIS A 293 6.13 -11.49 59.38
CA HIS A 293 6.54 -11.83 60.74
C HIS A 293 5.53 -12.76 61.42
N GLU A 294 6.00 -13.51 62.41
CA GLU A 294 5.18 -14.34 63.30
C GLU A 294 3.87 -13.65 63.73
N LYS A 295 3.98 -12.45 64.29
CA LYS A 295 2.83 -11.63 64.67
C LYS A 295 1.84 -11.44 63.50
N GLY A 296 2.37 -11.20 62.30
CA GLY A 296 1.57 -10.95 61.12
C GLY A 296 0.84 -12.18 60.61
N VAL A 297 1.55 -13.30 60.57
CA VAL A 297 0.98 -14.60 60.20
C VAL A 297 -0.23 -14.90 61.06
N GLU A 298 -0.10 -14.67 62.37
CA GLU A 298 -1.20 -14.81 63.32
C GLU A 298 -2.34 -13.83 63.00
N PHE A 299 -2.01 -12.57 62.75
CA PHE A 299 -2.99 -11.55 62.41
C PHE A 299 -3.89 -12.01 61.26
N VAL A 300 -3.27 -12.40 60.14
CA VAL A 300 -4.01 -12.92 58.98
C VAL A 300 -4.80 -14.18 59.34
N GLU A 301 -4.14 -15.12 60.02
CA GLU A 301 -4.78 -16.34 60.47
C GLU A 301 -6.07 -16.02 61.23
N ASP A 302 -5.97 -15.11 62.19
CA ASP A 302 -7.12 -14.64 62.99
C ASP A 302 -8.20 -13.97 62.15
N GLN A 303 -7.80 -13.06 61.27
CA GLN A 303 -8.74 -12.33 60.44
C GLN A 303 -9.55 -13.23 59.50
N LEU A 304 -8.99 -14.38 59.15
CA LEU A 304 -9.64 -15.27 58.20
C LEU A 304 -10.33 -16.47 58.86
N GLY A 305 -10.13 -16.65 60.17
CA GLY A 305 -10.70 -17.78 60.90
C GLY A 305 -10.04 -19.09 60.52
N ILE A 306 -8.71 -19.07 60.46
CA ILE A 306 -7.93 -20.09 59.80
C ILE A 306 -6.69 -20.45 60.64
N ASP A 307 -6.26 -21.71 60.58
CA ASP A 307 -5.18 -22.20 61.46
C ASP A 307 -3.80 -22.14 60.82
N ASN A 308 -3.75 -22.30 59.49
CA ASN A 308 -2.52 -22.23 58.72
C ASN A 308 -2.88 -21.63 57.38
N LEU A 309 -1.96 -20.89 56.79
CA LEU A 309 -2.23 -20.24 55.52
C LEU A 309 -2.34 -21.15 54.29
N TYR A 310 -2.11 -22.45 54.46
CA TYR A 310 -2.16 -23.39 53.35
C TYR A 310 -3.28 -24.43 53.53
N GLU A 311 -4.22 -24.17 54.42
CA GLU A 311 -5.26 -25.16 54.72
C GLU A 311 -6.41 -25.16 53.70
N ALA A 312 -6.63 -24.03 53.04
CA ALA A 312 -7.67 -23.92 52.03
C ALA A 312 -7.17 -24.30 50.63
N ALA A 313 -7.73 -25.38 50.07
CA ALA A 313 -7.36 -25.88 48.74
C ALA A 313 -7.51 -24.80 47.67
N ASN A 314 -6.56 -24.72 46.74
CA ASN A 314 -6.69 -23.76 45.65
C ASN A 314 -6.65 -22.28 46.08
N SER A 315 -6.32 -22.03 47.35
CA SER A 315 -6.15 -20.65 47.84
C SER A 315 -4.76 -20.41 48.43
N PRO A 316 -3.83 -19.97 47.58
CA PRO A 316 -2.45 -19.68 48.01
C PRO A 316 -2.31 -18.38 48.81
N LEU A 317 -2.85 -18.37 50.02
CA LEU A 317 -2.92 -17.15 50.83
C LEU A 317 -1.56 -16.48 51.07
N VAL A 318 -0.50 -17.28 51.26
CA VAL A 318 0.84 -16.73 51.37
C VAL A 318 1.17 -15.84 50.15
N SER A 319 0.96 -16.35 48.95
CA SER A 319 1.32 -15.58 47.77
C SER A 319 0.48 -14.29 47.64
N TYR A 320 -0.83 -14.38 47.87
CA TYR A 320 -1.71 -13.21 47.93
C TYR A 320 -1.27 -12.17 48.95
N LEU A 321 -1.02 -12.60 50.19
CA LEU A 321 -0.57 -11.71 51.26
C LEU A 321 0.72 -10.97 50.91
N ASN A 322 1.72 -11.74 50.49
CA ASN A 322 3.02 -11.18 50.16
C ASN A 322 2.90 -10.15 49.06
N ASN A 323 2.04 -10.45 48.08
CA ASN A 323 1.81 -9.54 46.98
C ASN A 323 1.11 -8.25 47.41
N ALA A 324 0.13 -8.38 48.30
CA ALA A 324 -0.58 -7.21 48.84
C ALA A 324 0.37 -6.29 49.60
N LEU A 325 1.32 -6.87 50.31
CA LEU A 325 2.29 -6.09 51.07
C LEU A 325 3.35 -5.50 50.16
N LYS A 326 3.77 -6.28 49.17
CA LYS A 326 4.69 -5.77 48.15
C LYS A 326 4.01 -4.62 47.42
N ALA A 327 2.72 -4.80 47.11
CA ALA A 327 1.91 -3.73 46.53
C ALA A 327 1.96 -2.46 47.37
N LYS A 328 1.78 -2.62 48.67
CA LYS A 328 1.65 -1.48 49.59
C LYS A 328 2.96 -0.71 49.79
N GLU A 329 4.08 -1.40 49.77
CA GLU A 329 5.36 -0.83 50.20
C GLU A 329 6.38 -0.57 49.09
N LEU A 330 6.35 -1.41 48.05
CA LEU A 330 7.42 -1.43 47.06
C LEU A 330 7.04 -0.79 45.74
N PHE A 331 5.77 -0.42 45.60
CA PHE A 331 5.27 0.21 44.39
C PHE A 331 4.42 1.41 44.77
N SER A 332 4.74 2.55 44.17
CA SER A 332 4.08 3.79 44.52
C SER A 332 3.26 4.28 43.32
N ARG A 333 1.99 4.59 43.58
CA ARG A 333 1.16 5.30 42.61
C ARG A 333 1.87 6.58 42.16
N ASP A 334 1.69 6.97 40.90
CA ASP A 334 2.32 8.17 40.35
C ASP A 334 3.85 8.12 40.23
N LYS A 335 4.50 7.27 41.01
CA LYS A 335 5.93 7.03 40.79
C LYS A 335 6.14 5.91 39.75
N ASP A 336 5.56 4.73 39.99
CA ASP A 336 5.86 3.56 39.16
C ASP A 336 4.77 3.16 38.15
N TYR A 337 3.53 3.54 38.48
CA TYR A 337 2.36 3.30 37.65
C TYR A 337 1.35 4.40 37.97
N ILE A 338 0.36 4.58 37.11
CA ILE A 338 -0.74 5.49 37.38
C ILE A 338 -2.06 4.72 37.25
N VAL A 339 -3.16 5.29 37.73
CA VAL A 339 -4.46 4.67 37.49
C VAL A 339 -5.27 5.56 36.58
N ARG A 340 -5.68 5.04 35.43
CA ARG A 340 -6.44 5.84 34.46
C ARG A 340 -7.94 5.54 34.42
N ASP A 341 -8.41 4.65 33.55
CA ASP A 341 -9.87 4.42 33.51
C ASP A 341 -10.25 3.00 33.95
N GLY A 342 -9.95 2.67 35.21
CA GLY A 342 -10.11 1.31 35.68
C GLY A 342 -8.93 0.41 35.33
N GLU A 343 -7.85 1.01 34.84
CA GLU A 343 -6.59 0.30 34.51
C GLU A 343 -5.39 0.79 35.33
N VAL A 344 -4.57 -0.16 35.77
CA VAL A 344 -3.23 0.18 36.23
C VAL A 344 -2.34 0.28 35.01
N LEU A 345 -1.67 1.42 34.87
CA LEU A 345 -0.80 1.66 33.74
C LEU A 345 0.59 1.99 34.23
N ILE A 346 1.55 1.18 33.81
CA ILE A 346 2.94 1.33 34.20
C ILE A 346 3.59 2.53 33.50
N VAL A 347 4.33 3.34 34.25
CA VAL A 347 5.10 4.46 33.70
C VAL A 347 6.60 4.23 33.92
N ASP A 348 7.45 4.83 33.08
CA ASP A 348 8.91 4.73 33.29
C ASP A 348 9.52 5.66 34.39
N GLU A 349 10.84 5.53 34.57
CA GLU A 349 11.66 6.27 35.57
C GLU A 349 11.14 7.61 36.15
N PHE A 350 11.57 8.70 35.52
CA PHE A 350 11.21 10.08 35.88
C PHE A 350 10.94 10.96 34.63
N THR A 351 10.64 10.30 33.50
CA THR A 351 9.90 10.93 32.42
C THR A 351 8.42 10.68 32.67
N GLY A 352 8.12 9.50 33.21
CA GLY A 352 6.79 9.11 33.61
C GLY A 352 5.81 8.96 32.47
N ARG A 353 6.24 8.39 31.34
CA ARG A 353 5.34 8.12 30.21
C ARG A 353 4.71 6.74 30.25
N VAL A 354 3.48 6.64 29.76
CA VAL A 354 2.72 5.41 29.89
C VAL A 354 3.33 4.34 29.02
N LEU A 355 3.83 3.29 29.68
CA LEU A 355 4.41 2.15 29.00
C LEU A 355 3.28 1.24 28.65
N ILE A 356 2.60 1.59 27.59
CA ILE A 356 1.43 0.89 27.12
C ILE A 356 1.74 -0.60 26.87
N GLY A 357 0.92 -1.48 27.44
CA GLY A 357 1.09 -2.90 27.20
C GLY A 357 1.64 -3.68 28.40
N ARG A 358 2.67 -3.14 29.03
CA ARG A 358 3.28 -3.79 30.16
C ARG A 358 2.30 -3.95 31.33
N ARG A 359 2.38 -5.10 32.00
CA ARG A 359 1.66 -5.35 33.25
C ARG A 359 2.67 -5.85 34.24
N TYR A 360 2.31 -5.89 35.51
CA TYR A 360 3.14 -6.52 36.53
C TYR A 360 2.96 -8.06 36.53
N ASN A 361 3.95 -8.75 37.09
CA ASN A 361 4.02 -10.22 36.97
C ASN A 361 3.65 -10.99 38.23
N GLU A 362 3.13 -12.22 38.06
CA GLU A 362 2.97 -13.16 39.20
C GLU A 362 1.84 -12.77 40.15
N GLY A 363 0.76 -12.19 39.62
CA GLY A 363 -0.32 -11.65 40.44
C GLY A 363 -0.07 -10.28 41.04
N MET A 364 1.13 -9.72 40.84
CA MET A 364 1.44 -8.37 41.29
C MET A 364 0.49 -7.35 40.69
N HIS A 365 0.22 -7.48 39.39
CA HIS A 365 -0.72 -6.54 38.73
C HIS A 365 -2.10 -6.56 39.40
N GLN A 366 -2.63 -7.74 39.71
CA GLN A 366 -3.96 -7.81 40.34
C GLN A 366 -3.87 -7.28 41.77
N ALA A 367 -2.70 -7.50 42.39
CA ALA A 367 -2.44 -6.99 43.72
C ALA A 367 -2.56 -5.49 43.71
N ILE A 368 -2.01 -4.86 42.68
CA ILE A 368 -2.00 -3.41 42.64
C ILE A 368 -3.37 -2.88 42.28
N GLU A 369 -4.00 -3.47 41.29
CA GLU A 369 -5.39 -3.13 40.97
C GLU A 369 -6.25 -3.11 42.24
N ALA A 370 -6.18 -4.13 43.08
CA ALA A 370 -7.01 -4.21 44.28
C ALA A 370 -6.62 -3.14 45.32
N LYS A 371 -5.31 -2.89 45.42
CA LYS A 371 -4.75 -1.89 46.32
C LYS A 371 -5.23 -0.50 45.96
N GLU A 372 -5.53 -0.30 44.68
CA GLU A 372 -6.01 0.97 44.17
C GLU A 372 -7.53 0.92 43.98
N HIS A 373 -8.19 0.08 44.77
CA HIS A 373 -9.65 -0.05 44.73
C HIS A 373 -10.20 0.03 43.30
N VAL A 374 -9.48 -0.57 42.36
CA VAL A 374 -9.97 -0.68 40.99
C VAL A 374 -10.85 -1.90 40.94
N GLU A 375 -12.01 -1.80 40.27
CA GLU A 375 -12.83 -2.98 40.08
C GLU A 375 -12.06 -3.96 39.19
N ILE A 376 -11.90 -5.20 39.66
CA ILE A 376 -11.04 -6.17 38.95
C ILE A 376 -11.82 -6.95 37.89
N LYS A 377 -11.31 -6.86 36.66
CA LYS A 377 -12.03 -7.25 35.43
C LYS A 377 -12.39 -8.76 35.34
N ALA A 378 -13.70 -9.03 35.28
CA ALA A 378 -14.18 -10.34 34.85
C ALA A 378 -13.91 -10.44 33.33
N GLU A 379 -13.07 -11.41 32.94
CA GLU A 379 -12.57 -11.49 31.57
C GLU A 379 -12.66 -12.90 30.98
N ASN A 380 -12.56 -13.00 29.65
CA ASN A 380 -12.27 -14.27 28.99
C ASN A 380 -10.79 -14.37 28.62
N GLN A 381 -10.28 -15.60 28.60
CA GLN A 381 -8.87 -15.89 28.30
C GLN A 381 -8.63 -17.20 27.53
N THR A 382 -7.43 -17.32 27.01
CA THR A 382 -6.97 -18.59 26.47
C THR A 382 -6.88 -19.65 27.58
N LEU A 383 -7.44 -20.82 27.30
CA LEU A 383 -7.32 -21.96 28.22
C LEU A 383 -6.43 -23.07 27.62
N ALA A 384 -6.45 -23.19 26.30
CA ALA A 384 -5.59 -24.12 25.57
C ALA A 384 -5.50 -23.66 24.11
N THR A 385 -4.32 -23.79 23.50
CA THR A 385 -4.11 -23.53 22.07
C THR A 385 -3.09 -24.46 21.50
N ILE A 386 -3.22 -24.60 20.19
CA ILE A 386 -2.17 -25.08 19.34
C ILE A 386 -2.49 -24.63 17.90
N THR A 387 -1.43 -24.42 17.10
CA THR A 387 -1.57 -24.15 15.67
C THR A 387 -1.71 -25.48 14.97
N LEU A 388 -2.23 -25.46 13.75
CA LEU A 388 -2.40 -26.68 12.96
C LEU A 388 -1.00 -27.30 12.74
N GLN A 389 0.01 -26.45 12.53
CA GLN A 389 1.37 -26.85 12.25
C GLN A 389 1.95 -27.71 13.37
N ASN A 390 1.95 -27.18 14.59
CA ASN A 390 2.38 -27.95 15.74
C ASN A 390 1.46 -29.11 16.14
N TYR A 391 0.18 -29.06 15.78
CA TYR A 391 -0.67 -30.19 16.04
C TYR A 391 -0.23 -31.36 15.18
N PHE A 392 -0.20 -31.16 13.86
CA PHE A 392 0.12 -32.24 12.96
C PHE A 392 1.56 -32.73 13.05
N ARG A 393 2.43 -31.88 13.58
CA ARG A 393 3.80 -32.28 13.88
C ARG A 393 3.86 -33.38 14.94
N LEU A 394 2.76 -33.62 15.63
CA LEU A 394 2.71 -34.66 16.67
C LEU A 394 2.82 -36.09 16.14
N TYR A 395 2.28 -36.37 14.96
CA TYR A 395 2.21 -37.72 14.41
C TYR A 395 3.58 -38.36 14.10
N ASP A 396 3.73 -39.67 14.30
CA ASP A 396 5.01 -40.30 13.97
C ASP A 396 5.17 -40.36 12.46
N LYS A 397 4.04 -40.46 11.74
CA LYS A 397 4.03 -40.46 10.30
C LYS A 397 2.93 -39.56 9.72
N LEU A 398 3.31 -38.68 8.79
CA LEU A 398 2.40 -37.73 8.16
C LEU A 398 2.37 -37.95 6.63
N ALA A 399 1.18 -37.91 6.03
CA ALA A 399 1.03 -37.94 4.58
C ALA A 399 -0.18 -37.10 4.13
N GLY A 400 -0.34 -36.92 2.83
CA GLY A 400 -1.40 -36.05 2.39
C GLY A 400 -1.66 -36.26 0.92
N MET A 401 -2.84 -35.87 0.48
CA MET A 401 -3.18 -35.98 -0.91
C MET A 401 -3.82 -34.68 -1.29
N THR A 402 -3.60 -34.30 -2.53
CA THR A 402 -4.25 -33.13 -3.10
C THR A 402 -4.04 -33.09 -4.61
N GLY A 403 -4.89 -32.33 -5.29
CA GLY A 403 -4.67 -31.98 -6.68
C GLY A 403 -3.58 -30.93 -6.87
N THR A 404 -3.29 -30.13 -5.82
CA THR A 404 -2.30 -29.04 -6.00
C THR A 404 -1.38 -28.86 -4.81
N ALA A 405 -0.13 -29.25 -4.97
CA ALA A 405 0.82 -29.19 -3.87
C ALA A 405 2.20 -28.72 -4.25
N GLN A 406 2.62 -28.95 -5.51
CA GLN A 406 4.00 -28.58 -5.96
C GLN A 406 4.39 -27.14 -5.68
N THR A 407 3.45 -26.20 -5.80
CA THR A 407 3.72 -24.80 -5.40
C THR A 407 3.87 -24.59 -3.88
N GLU A 408 3.45 -25.55 -3.06
CA GLU A 408 3.61 -25.37 -1.63
C GLU A 408 4.78 -26.22 -1.13
N ALA A 409 5.52 -26.85 -2.04
CA ALA A 409 6.53 -27.85 -1.69
C ALA A 409 7.56 -27.42 -0.66
N ALA A 410 8.17 -26.26 -0.87
CA ALA A 410 9.24 -25.79 0.01
C ALA A 410 8.67 -25.70 1.41
N GLU A 411 7.46 -25.17 1.53
CA GLU A 411 6.90 -24.91 2.84
C GLU A 411 6.50 -26.23 3.51
N LEU A 412 5.86 -27.11 2.72
CA LEU A 412 5.50 -28.43 3.20
C LEU A 412 6.75 -29.14 3.74
N HIS A 413 7.92 -28.84 3.16
CA HIS A 413 9.10 -29.57 3.51
C HIS A 413 9.74 -28.96 4.73
N GLU A 414 9.79 -27.64 4.76
CA GLU A 414 10.31 -26.93 5.91
C GLU A 414 9.55 -27.15 7.21
N ILE A 415 8.21 -27.09 7.17
CA ILE A 415 7.38 -27.12 8.36
C ILE A 415 7.08 -28.55 8.79
N TYR A 416 6.80 -29.41 7.82
CA TYR A 416 6.22 -30.69 8.17
C TYR A 416 7.13 -31.85 7.83
N LYS A 417 8.27 -31.57 7.22
CA LYS A 417 9.12 -32.58 6.60
C LYS A 417 8.32 -33.49 5.68
N LEU A 418 7.48 -32.89 4.84
CA LEU A 418 6.63 -33.63 3.89
C LEU A 418 7.16 -33.45 2.47
N GLY A 419 7.35 -34.51 1.72
CA GLY A 419 7.83 -34.35 0.36
C GLY A 419 6.66 -34.32 -0.56
N VAL A 420 6.79 -33.79 -1.78
CA VAL A 420 5.65 -33.81 -2.72
C VAL A 420 5.98 -34.57 -4.01
N VAL A 421 5.16 -35.56 -4.36
CA VAL A 421 5.34 -36.37 -5.55
C VAL A 421 4.18 -36.14 -6.52
N SER A 422 4.50 -35.78 -7.75
CA SER A 422 3.47 -35.70 -8.77
C SER A 422 3.22 -37.07 -9.38
N ILE A 423 2.08 -37.65 -9.01
CA ILE A 423 1.67 -38.93 -9.55
C ILE A 423 1.17 -38.67 -10.96
N PRO A 424 1.66 -39.42 -11.93
CA PRO A 424 1.09 -39.35 -13.28
C PRO A 424 -0.37 -39.64 -13.25
N THR A 425 -1.02 -38.91 -14.13
CA THR A 425 -2.43 -39.03 -14.40
C THR A 425 -2.86 -40.40 -15.03
N ASN A 426 -4.07 -40.85 -14.76
CA ASN A 426 -4.51 -42.13 -15.35
C ASN A 426 -4.61 -42.07 -16.88
N MET A 427 -5.37 -41.12 -17.42
CA MET A 427 -5.40 -40.87 -18.86
C MET A 427 -4.63 -39.58 -19.24
N PRO A 428 -4.13 -39.44 -20.48
CA PRO A 428 -3.58 -38.15 -20.92
C PRO A 428 -4.58 -37.00 -20.71
N MET A 429 -4.15 -35.99 -19.96
CA MET A 429 -4.94 -34.80 -19.68
C MET A 429 -4.99 -33.94 -20.96
N ILE A 430 -6.18 -33.56 -21.37
CA ILE A 430 -6.34 -32.82 -22.62
C ILE A 430 -7.27 -31.62 -22.50
N ARG A 431 -7.59 -31.19 -21.27
CA ARG A 431 -8.32 -29.93 -21.06
C ARG A 431 -7.66 -28.75 -21.76
N GLU A 432 -8.43 -27.89 -22.42
CA GLU A 432 -7.86 -26.65 -22.94
C GLU A 432 -8.07 -25.52 -21.92
N ASP A 433 -6.97 -25.06 -21.33
CA ASP A 433 -6.95 -23.95 -20.36
C ASP A 433 -6.68 -22.59 -21.04
N GLN A 434 -7.76 -21.86 -21.33
CA GLN A 434 -7.62 -20.58 -22.03
C GLN A 434 -7.03 -19.46 -21.19
N SER A 435 -6.49 -18.48 -21.90
CA SER A 435 -6.01 -17.21 -21.33
C SER A 435 -7.14 -16.38 -20.71
N ASP A 436 -6.79 -15.62 -19.67
CA ASP A 436 -7.69 -14.63 -19.09
C ASP A 436 -8.24 -13.65 -20.14
N LEU A 437 -9.53 -13.36 -20.02
CA LEU A 437 -10.13 -12.18 -20.67
C LEU A 437 -10.30 -11.09 -19.60
N ILE A 438 -9.64 -9.94 -19.78
CA ILE A 438 -9.64 -8.88 -18.79
C ILE A 438 -10.47 -7.71 -19.28
N TYR A 439 -11.35 -7.17 -18.43
CA TYR A 439 -12.17 -6.02 -18.85
C TYR A 439 -11.94 -4.81 -17.94
N LYS A 440 -12.17 -3.62 -18.46
CA LYS A 440 -12.04 -2.37 -17.69
C LYS A 440 -13.00 -2.28 -16.49
N THR A 441 -14.19 -2.83 -16.63
CA THR A 441 -15.20 -2.75 -15.57
C THR A 441 -15.88 -4.09 -15.31
N GLU A 442 -16.38 -4.24 -14.08
CA GLU A 442 -17.21 -5.38 -13.70
C GLU A 442 -18.41 -5.41 -14.61
N GLU A 443 -19.04 -4.26 -14.83
CA GLU A 443 -20.25 -4.23 -15.61
C GLU A 443 -20.01 -4.99 -16.92
N ALA A 444 -18.87 -4.75 -17.56
CA ALA A 444 -18.59 -5.32 -18.87
C ALA A 444 -18.22 -6.80 -18.80
N LYS A 445 -17.32 -7.15 -17.89
CA LYS A 445 -17.02 -8.55 -17.60
C LYS A 445 -18.32 -9.39 -17.51
N TYR A 446 -19.28 -8.99 -16.68
CA TYR A 446 -20.50 -9.77 -16.47
C TYR A 446 -21.38 -9.86 -17.70
N ILE A 447 -21.52 -8.79 -18.49
CA ILE A 447 -22.22 -9.01 -19.74
C ILE A 447 -21.47 -10.01 -20.68
N ALA A 448 -20.15 -9.94 -20.75
CA ALA A 448 -19.40 -10.94 -21.53
C ALA A 448 -19.53 -12.39 -21.01
N VAL A 449 -19.54 -12.56 -19.67
CA VAL A 449 -19.72 -13.85 -18.99
C VAL A 449 -21.09 -14.46 -19.27
N VAL A 450 -22.14 -13.65 -19.10
CA VAL A 450 -23.50 -14.12 -19.23
C VAL A 450 -23.72 -14.51 -20.70
N ASP A 451 -22.98 -13.87 -21.60
CA ASP A 451 -23.16 -14.08 -23.03
C ASP A 451 -22.64 -15.44 -23.37
N ASP A 452 -21.44 -15.73 -22.87
CA ASP A 452 -20.81 -17.02 -22.99
C ASP A 452 -21.73 -18.11 -22.43
N VAL A 453 -22.08 -17.98 -21.15
CA VAL A 453 -22.98 -18.93 -20.52
C VAL A 453 -24.20 -19.19 -21.40
N ALA A 454 -24.82 -18.15 -21.93
CA ALA A 454 -26.05 -18.33 -22.72
C ALA A 454 -25.78 -19.19 -23.96
N GLU A 455 -24.69 -18.88 -24.67
CA GLU A 455 -24.26 -19.70 -25.81
C GLU A 455 -23.98 -21.16 -25.44
N ARG A 456 -23.22 -21.37 -24.36
CA ARG A 456 -22.89 -22.74 -23.92
C ARG A 456 -24.15 -23.55 -23.60
N TYR A 457 -25.12 -22.90 -22.96
CA TYR A 457 -26.30 -23.56 -22.50
C TYR A 457 -27.15 -23.97 -23.70
N ALA A 458 -27.23 -23.12 -24.71
CA ALA A 458 -27.99 -23.43 -25.93
C ALA A 458 -27.45 -24.70 -26.57
N LYS A 459 -26.11 -24.83 -26.59
CA LYS A 459 -25.44 -25.98 -27.17
C LYS A 459 -25.47 -27.22 -26.28
N GLY A 460 -26.00 -27.09 -25.06
CA GLY A 460 -26.05 -28.20 -24.12
C GLY A 460 -24.81 -28.41 -23.26
N GLN A 461 -23.71 -27.71 -23.54
CA GLN A 461 -22.49 -27.91 -22.77
C GLN A 461 -22.61 -27.40 -21.33
N PRO A 462 -22.40 -28.30 -20.35
CA PRO A 462 -22.52 -27.91 -18.95
C PRO A 462 -21.44 -26.91 -18.55
N VAL A 463 -21.84 -25.93 -17.74
CA VAL A 463 -20.90 -24.87 -17.31
C VAL A 463 -20.86 -24.79 -15.80
N LEU A 464 -19.65 -24.66 -15.28
CA LEU A 464 -19.40 -24.33 -13.88
C LEU A 464 -18.86 -22.89 -13.78
N ILE A 465 -19.61 -22.04 -13.11
CA ILE A 465 -19.16 -20.67 -12.93
C ILE A 465 -18.75 -20.46 -11.50
N GLY A 466 -17.53 -20.00 -11.31
CA GLY A 466 -17.05 -19.71 -9.97
C GLY A 466 -17.02 -18.22 -9.68
N THR A 467 -17.45 -17.87 -8.48
CA THR A 467 -17.23 -16.52 -7.97
C THR A 467 -16.54 -16.61 -6.66
N THR A 468 -16.62 -15.50 -5.93
CA THR A 468 -15.75 -15.24 -4.79
C THR A 468 -16.49 -14.51 -3.67
N SER A 469 -17.76 -14.18 -3.92
CA SER A 469 -18.68 -13.80 -2.88
C SER A 469 -20.14 -14.27 -3.17
N VAL A 470 -20.91 -14.49 -2.12
CA VAL A 470 -22.31 -14.88 -2.28
C VAL A 470 -23.02 -13.79 -3.08
N GLU A 471 -22.71 -12.54 -2.73
CA GLU A 471 -23.34 -11.38 -3.34
C GLU A 471 -23.17 -11.39 -4.86
N ARG A 472 -21.96 -11.68 -5.34
CA ARG A 472 -21.68 -11.70 -6.77
C ARG A 472 -22.37 -12.90 -7.43
N SER A 473 -22.24 -14.09 -6.84
CA SER A 473 -23.04 -15.23 -7.28
C SER A 473 -24.53 -14.87 -7.39
N GLU A 474 -25.06 -14.12 -6.43
CA GLU A 474 -26.47 -13.75 -6.47
C GLU A 474 -26.79 -12.79 -7.62
N TYR A 475 -25.86 -11.89 -7.91
CA TYR A 475 -26.02 -10.99 -9.03
C TYR A 475 -26.09 -11.77 -10.33
N LEU A 476 -25.21 -12.76 -10.47
CA LEU A 476 -25.14 -13.56 -11.67
C LEU A 476 -26.39 -14.39 -11.83
N SER A 477 -26.81 -15.02 -10.73
CA SER A 477 -28.11 -15.68 -10.64
C SER A 477 -29.23 -14.81 -11.23
N ARG A 478 -29.26 -13.53 -10.85
CA ARG A 478 -30.32 -12.61 -11.31
C ARG A 478 -30.24 -12.32 -12.81
N GLN A 479 -29.02 -12.23 -13.32
CA GLN A 479 -28.82 -12.07 -14.75
C GLN A 479 -29.24 -13.30 -15.56
N PHE A 480 -28.90 -14.48 -15.05
CA PHE A 480 -29.23 -15.75 -15.70
C PHE A 480 -30.76 -15.87 -15.77
N THR A 481 -31.41 -15.54 -14.66
CA THR A 481 -32.85 -15.57 -14.51
C THR A 481 -33.50 -14.62 -15.52
N LYS A 482 -32.89 -13.47 -15.74
CA LYS A 482 -33.43 -12.50 -16.69
C LYS A 482 -33.17 -12.89 -18.13
N ARG A 483 -32.14 -13.69 -18.36
CA ARG A 483 -31.90 -14.22 -19.70
C ARG A 483 -32.52 -15.60 -19.85
N ARG A 484 -33.29 -15.99 -18.83
CA ARG A 484 -34.01 -17.28 -18.75
C ARG A 484 -33.22 -18.63 -18.78
N ILE A 485 -31.98 -18.60 -18.28
CA ILE A 485 -31.12 -19.78 -18.16
C ILE A 485 -31.29 -20.40 -16.77
N PRO A 486 -31.87 -21.60 -16.69
CA PRO A 486 -32.02 -22.27 -15.38
C PRO A 486 -30.67 -22.79 -14.91
N HIS A 487 -30.42 -22.67 -13.60
CA HIS A 487 -29.09 -22.86 -13.00
C HIS A 487 -29.28 -23.02 -11.50
N ASN A 488 -28.22 -23.41 -10.79
CA ASN A 488 -28.27 -23.40 -9.32
C ASN A 488 -27.18 -22.57 -8.77
N VAL A 489 -27.40 -22.02 -7.58
CA VAL A 489 -26.32 -21.35 -6.87
C VAL A 489 -25.95 -22.15 -5.64
N LEU A 490 -24.65 -22.38 -5.44
CA LEU A 490 -24.11 -23.10 -4.29
C LEU A 490 -23.22 -22.14 -3.51
N ASN A 491 -23.61 -21.80 -2.28
CA ASN A 491 -22.89 -20.79 -1.51
C ASN A 491 -21.92 -21.30 -0.44
N ALA A 492 -21.54 -22.58 -0.54
CA ALA A 492 -20.60 -23.22 0.40
C ALA A 492 -21.13 -23.19 1.84
N LYS A 493 -22.42 -23.46 1.98
CA LYS A 493 -23.19 -23.22 3.19
C LYS A 493 -23.68 -24.59 3.66
N TYR A 494 -24.49 -25.24 2.82
CA TYR A 494 -25.01 -26.57 3.08
C TYR A 494 -24.34 -27.63 2.22
N HIS A 495 -23.40 -28.36 2.81
CA HIS A 495 -22.56 -29.25 2.04
C HIS A 495 -23.28 -30.45 1.41
N GLU A 496 -24.07 -31.20 2.18
CA GLU A 496 -24.69 -32.35 1.56
C GLU A 496 -25.60 -31.88 0.44
N GLN A 497 -26.43 -30.90 0.75
CA GLN A 497 -27.30 -30.32 -0.26
C GLN A 497 -26.56 -29.92 -1.55
N GLU A 498 -25.44 -29.22 -1.41
CA GLU A 498 -24.71 -28.70 -2.56
C GLU A 498 -23.97 -29.77 -3.37
N ALA A 499 -23.41 -30.77 -2.68
CA ALA A 499 -22.87 -31.97 -3.33
C ALA A 499 -23.93 -32.66 -4.21
N THR A 500 -25.17 -32.69 -3.74
CA THR A 500 -26.23 -33.26 -4.52
C THR A 500 -26.34 -32.54 -5.86
N ILE A 501 -26.14 -31.23 -5.89
CA ILE A 501 -26.33 -30.53 -7.15
C ILE A 501 -25.08 -30.77 -7.96
N ILE A 502 -23.92 -30.59 -7.35
CA ILE A 502 -22.66 -30.78 -8.05
C ILE A 502 -22.53 -32.18 -8.70
N ALA A 503 -22.94 -33.24 -8.03
CA ALA A 503 -22.82 -34.55 -8.63
C ALA A 503 -23.46 -34.62 -10.03
N VAL A 504 -24.55 -33.87 -10.25
CA VAL A 504 -25.16 -33.79 -11.60
C VAL A 504 -24.78 -32.53 -12.44
N ALA A 505 -23.76 -31.77 -12.02
CA ALA A 505 -23.44 -30.54 -12.73
C ALA A 505 -22.91 -30.79 -14.14
N GLY A 506 -22.32 -31.96 -14.36
CA GLY A 506 -21.77 -32.35 -15.65
C GLY A 506 -22.72 -33.11 -16.59
N ARG A 507 -24.01 -32.76 -16.57
CA ARG A 507 -25.00 -33.27 -17.52
C ARG A 507 -25.40 -32.15 -18.48
N ARG A 508 -25.97 -32.48 -19.64
CA ARG A 508 -26.33 -31.45 -20.58
C ARG A 508 -27.33 -30.43 -20.00
N GLY A 509 -27.05 -29.15 -20.24
CA GLY A 509 -27.91 -28.07 -19.78
C GLY A 509 -27.54 -27.62 -18.37
N GLY A 510 -26.43 -28.14 -17.90
CA GLY A 510 -26.03 -27.86 -16.56
C GLY A 510 -25.44 -26.47 -16.52
N VAL A 511 -25.94 -25.68 -15.58
CA VAL A 511 -25.37 -24.39 -15.34
C VAL A 511 -25.29 -24.25 -13.84
N THR A 512 -24.10 -24.09 -13.31
CA THR A 512 -23.91 -24.14 -11.88
C THR A 512 -22.97 -23.03 -11.40
N VAL A 513 -23.50 -22.17 -10.54
CA VAL A 513 -22.68 -21.11 -9.96
C VAL A 513 -22.15 -21.53 -8.60
N ALA A 514 -20.84 -21.55 -8.44
CA ALA A 514 -20.23 -22.04 -7.20
C ALA A 514 -19.47 -20.94 -6.47
N THR A 515 -20.08 -20.35 -5.45
CA THR A 515 -19.33 -19.30 -4.73
C THR A 515 -18.26 -19.88 -3.85
N ASN A 516 -17.14 -19.17 -3.74
CA ASN A 516 -15.86 -19.73 -3.20
C ASN A 516 -15.65 -21.18 -3.63
N MET A 517 -14.89 -22.03 -3.00
CA MET A 517 -14.80 -23.27 -3.77
C MET A 517 -15.95 -24.30 -3.54
N ALA A 518 -17.17 -23.81 -3.36
CA ALA A 518 -18.35 -24.66 -3.07
C ALA A 518 -18.46 -25.97 -3.84
N GLY A 519 -19.09 -26.96 -3.21
CA GLY A 519 -19.07 -28.34 -3.68
C GLY A 519 -17.68 -28.98 -3.70
N ARG A 520 -16.75 -28.53 -2.86
CA ARG A 520 -15.43 -29.18 -2.82
C ARG A 520 -15.60 -30.63 -2.44
N GLY A 521 -14.89 -31.50 -3.17
CA GLY A 521 -14.80 -32.90 -2.81
C GLY A 521 -15.74 -33.81 -3.57
N THR A 522 -16.71 -33.24 -4.30
CA THR A 522 -17.59 -34.04 -5.11
C THR A 522 -17.21 -33.86 -6.56
N ASP A 523 -16.68 -34.91 -7.17
CA ASP A 523 -16.19 -34.86 -8.54
C ASP A 523 -17.32 -34.64 -9.54
N ILE A 524 -17.07 -33.82 -10.56
CA ILE A 524 -18.14 -33.49 -11.51
C ILE A 524 -17.94 -34.39 -12.70
N VAL A 525 -18.56 -35.55 -12.67
CA VAL A 525 -18.23 -36.62 -13.58
C VAL A 525 -19.21 -36.47 -14.71
N LEU A 526 -18.72 -36.39 -15.94
CA LEU A 526 -19.60 -36.23 -17.10
C LEU A 526 -20.73 -37.29 -17.12
N GLY A 527 -21.95 -36.83 -17.32
CA GLY A 527 -23.10 -37.70 -17.24
C GLY A 527 -23.56 -38.01 -15.82
N GLY A 528 -22.84 -37.53 -14.81
CA GLY A 528 -23.24 -37.74 -13.43
C GLY A 528 -22.26 -38.61 -12.70
N ASN A 529 -21.92 -38.20 -11.47
CA ASN A 529 -21.04 -38.90 -10.53
C ASN A 529 -21.74 -40.15 -10.04
N VAL A 530 -21.18 -41.28 -10.43
CA VAL A 530 -21.99 -42.48 -10.48
C VAL A 530 -22.12 -43.05 -9.06
N ASP A 531 -20.99 -43.13 -8.37
CA ASP A 531 -20.99 -43.52 -6.98
C ASP A 531 -21.81 -42.59 -6.06
N PHE A 532 -21.70 -41.27 -6.25
CA PHE A 532 -22.53 -40.35 -5.48
C PHE A 532 -23.99 -40.72 -5.65
N LEU A 533 -24.45 -40.83 -6.89
CA LEU A 533 -25.86 -41.07 -7.15
C LEU A 533 -26.36 -42.46 -6.76
N THR A 534 -25.46 -43.47 -6.83
CA THR A 534 -25.90 -44.83 -6.47
C THR A 534 -26.26 -44.77 -4.98
N ASP A 535 -25.30 -44.24 -4.22
CA ASP A 535 -25.36 -44.06 -2.76
C ASP A 535 -26.54 -43.26 -2.34
N GLN A 536 -26.70 -42.15 -3.05
CA GLN A 536 -27.89 -41.32 -2.84
C GLN A 536 -29.22 -42.07 -3.04
N ARG A 537 -29.37 -42.93 -4.07
CA ARG A 537 -30.67 -43.65 -4.30
C ARG A 537 -30.87 -44.62 -3.18
N LEU A 538 -29.71 -45.09 -2.65
CA LEU A 538 -29.72 -46.16 -1.64
C LEU A 538 -30.22 -45.62 -0.30
N ARG A 539 -29.69 -44.44 0.06
CA ARG A 539 -30.14 -43.64 1.19
C ARG A 539 -31.66 -43.31 1.20
N GLU A 540 -32.25 -42.87 0.09
CA GLU A 540 -33.63 -42.45 0.16
C GLU A 540 -34.55 -43.69 0.35
N ARG A 541 -33.97 -44.89 0.16
CA ARG A 541 -34.75 -46.18 0.32
C ARG A 541 -34.60 -46.78 1.74
N GLY A 542 -33.77 -46.03 2.66
CA GLY A 542 -33.66 -46.42 4.06
C GLY A 542 -32.42 -47.23 4.35
N LEU A 543 -31.54 -47.36 3.36
CA LEU A 543 -30.32 -48.14 3.47
C LEU A 543 -29.11 -47.33 3.97
N ASP A 544 -28.18 -48.03 4.61
CA ASP A 544 -27.09 -47.38 5.36
C ASP A 544 -25.89 -48.32 5.45
N PRO A 545 -24.73 -47.88 4.94
CA PRO A 545 -23.49 -48.67 4.97
C PRO A 545 -23.20 -49.28 6.34
N VAL A 546 -23.50 -48.51 7.39
CA VAL A 546 -23.25 -48.93 8.76
C VAL A 546 -24.46 -49.57 9.39
N GLU A 547 -25.59 -48.88 9.43
CA GLU A 547 -26.74 -49.44 10.14
C GLU A 547 -27.39 -50.69 9.50
N THR A 548 -27.25 -50.87 8.19
CA THR A 548 -27.85 -52.03 7.48
C THR A 548 -26.91 -52.44 6.32
N PRO A 549 -25.76 -52.97 6.68
CA PRO A 549 -24.66 -53.14 5.72
C PRO A 549 -24.94 -54.20 4.68
N GLU A 550 -25.45 -55.37 5.07
CA GLU A 550 -25.68 -56.42 4.10
C GLU A 550 -26.61 -55.99 2.97
N GLU A 551 -27.76 -55.43 3.35
CA GLU A 551 -28.75 -54.89 2.43
C GLU A 551 -28.16 -53.77 1.57
N TYR A 552 -27.42 -52.85 2.19
CA TYR A 552 -26.81 -51.82 1.41
C TYR A 552 -25.97 -52.43 0.28
N GLU A 553 -25.05 -53.32 0.64
CA GLU A 553 -24.10 -53.89 -0.32
C GLU A 553 -24.81 -54.61 -1.50
N ALA A 554 -25.76 -55.47 -1.17
CA ALA A 554 -26.54 -56.20 -2.17
C ALA A 554 -27.39 -55.35 -3.13
N ALA A 555 -27.94 -54.24 -2.63
CA ALA A 555 -28.58 -53.23 -3.50
C ALA A 555 -27.49 -52.47 -4.30
N TRP A 556 -26.38 -52.11 -3.66
CA TRP A 556 -25.32 -51.46 -4.43
C TRP A 556 -24.98 -52.23 -5.70
N HIS A 557 -24.78 -53.55 -5.58
CA HIS A 557 -24.35 -54.37 -6.74
C HIS A 557 -25.35 -54.40 -7.88
N SER A 558 -26.64 -54.25 -7.59
CA SER A 558 -27.60 -54.16 -8.67
C SER A 558 -27.94 -52.72 -9.11
N GLU A 559 -27.59 -51.71 -8.29
CA GLU A 559 -28.00 -50.33 -8.57
C GLU A 559 -26.97 -49.60 -9.38
N LEU A 560 -25.72 -49.82 -9.04
CA LEU A 560 -24.57 -49.29 -9.76
C LEU A 560 -24.71 -49.52 -11.27
N PRO A 561 -24.88 -50.74 -11.77
CA PRO A 561 -24.95 -50.96 -13.22
C PRO A 561 -26.05 -50.12 -13.88
N ILE A 562 -27.22 -50.00 -13.23
CA ILE A 562 -28.32 -49.20 -13.75
C ILE A 562 -27.98 -47.70 -13.79
N VAL A 563 -27.40 -47.17 -12.70
CA VAL A 563 -27.03 -45.76 -12.68
C VAL A 563 -26.02 -45.46 -13.79
N LYS A 564 -25.01 -46.31 -13.95
CA LYS A 564 -23.94 -46.12 -14.96
C LYS A 564 -24.48 -46.03 -16.38
N GLU A 565 -25.48 -46.83 -16.70
CA GLU A 565 -26.05 -46.76 -18.02
C GLU A 565 -26.72 -45.40 -18.30
N GLU A 566 -27.80 -45.04 -17.57
CA GLU A 566 -28.57 -43.79 -17.84
C GLU A 566 -27.73 -42.56 -17.64
N ALA A 567 -26.71 -42.70 -16.79
CA ALA A 567 -25.51 -41.84 -16.84
C ALA A 567 -24.90 -42.20 -18.17
N SER A 568 -23.57 -42.04 -18.24
CA SER A 568 -22.74 -42.64 -19.27
C SER A 568 -23.11 -42.64 -20.78
N LYS A 569 -24.34 -42.98 -21.16
CA LYS A 569 -24.76 -42.58 -22.50
C LYS A 569 -25.00 -41.06 -22.56
N GLU A 570 -25.30 -40.48 -21.39
CA GLU A 570 -25.37 -39.03 -21.21
C GLU A 570 -23.96 -38.48 -21.27
N ALA A 571 -22.99 -39.23 -20.74
CA ALA A 571 -21.59 -38.87 -20.89
C ALA A 571 -21.17 -38.74 -22.37
N LYS A 572 -21.72 -39.58 -23.25
CA LYS A 572 -21.36 -39.57 -24.68
C LYS A 572 -21.74 -38.22 -25.27
N GLU A 573 -22.96 -37.78 -24.99
CA GLU A 573 -23.49 -36.51 -25.45
C GLU A 573 -22.74 -35.29 -24.89
N VAL A 574 -22.31 -35.36 -23.63
CA VAL A 574 -21.63 -34.23 -23.00
C VAL A 574 -20.24 -34.12 -23.61
N ILE A 575 -19.62 -35.26 -23.91
CA ILE A 575 -18.29 -35.27 -24.49
C ILE A 575 -18.31 -34.56 -25.84
N GLU A 576 -19.23 -34.97 -26.71
CA GLU A 576 -19.47 -34.29 -27.97
C GLU A 576 -19.71 -32.79 -27.81
N ALA A 577 -20.41 -32.39 -26.75
CA ALA A 577 -20.62 -30.97 -26.48
C ALA A 577 -19.34 -30.21 -26.05
N GLY A 578 -18.23 -30.92 -25.82
CA GLY A 578 -16.94 -30.32 -25.50
C GLY A 578 -16.37 -30.66 -24.11
N GLY A 579 -17.18 -31.38 -23.32
CA GLY A 579 -16.83 -31.69 -21.95
C GLY A 579 -17.29 -30.58 -21.04
N LEU A 580 -16.83 -30.57 -19.79
CA LEU A 580 -17.25 -29.52 -18.87
C LEU A 580 -16.50 -28.21 -19.16
N TYR A 581 -17.25 -27.13 -19.30
CA TYR A 581 -16.68 -25.77 -19.39
C TYR A 581 -16.60 -25.07 -18.02
N VAL A 582 -15.38 -24.76 -17.58
CA VAL A 582 -15.19 -24.02 -16.32
C VAL A 582 -14.91 -22.56 -16.58
N LEU A 583 -15.75 -21.71 -16.00
CA LEU A 583 -15.67 -20.28 -16.20
C LEU A 583 -15.44 -19.59 -14.86
N GLY A 584 -14.25 -19.09 -14.63
CA GLY A 584 -13.97 -18.34 -13.41
C GLY A 584 -14.28 -16.87 -13.56
N THR A 585 -14.78 -16.25 -12.50
CA THR A 585 -15.31 -14.88 -12.49
C THR A 585 -14.37 -13.83 -11.90
N GLU A 586 -13.50 -14.25 -10.98
CA GLU A 586 -12.40 -13.43 -10.48
C GLU A 586 -11.27 -14.31 -10.01
N ARG A 587 -10.17 -13.74 -9.58
CA ARG A 587 -9.08 -14.57 -9.15
C ARG A 587 -9.21 -14.75 -7.66
N HIS A 588 -8.68 -15.86 -7.13
CA HIS A 588 -8.75 -16.16 -5.69
C HIS A 588 -7.50 -15.59 -5.08
N GLU A 589 -7.33 -15.74 -3.77
CA GLU A 589 -6.10 -15.33 -3.09
C GLU A 589 -4.86 -16.08 -3.56
N SER A 590 -5.04 -17.13 -4.35
CA SER A 590 -3.85 -17.79 -4.91
C SER A 590 -4.14 -18.39 -6.27
N ARG A 591 -3.07 -18.40 -7.07
CA ARG A 591 -3.02 -19.09 -8.35
C ARG A 591 -3.42 -20.58 -8.21
N ARG A 592 -2.88 -21.22 -7.16
CA ARG A 592 -3.29 -22.57 -6.76
C ARG A 592 -4.80 -22.76 -6.74
N ILE A 593 -5.50 -21.94 -5.97
CA ILE A 593 -6.94 -22.11 -5.88
C ILE A 593 -7.61 -21.92 -7.24
N ASP A 594 -7.12 -20.93 -8.02
CA ASP A 594 -7.56 -20.73 -9.41
C ASP A 594 -7.48 -22.02 -10.21
N ASN A 595 -6.33 -22.71 -10.07
CA ASN A 595 -6.05 -23.96 -10.76
C ASN A 595 -6.91 -25.09 -10.24
N GLN A 596 -7.23 -25.06 -8.95
CA GLN A 596 -8.17 -26.03 -8.43
C GLN A 596 -9.50 -25.90 -9.19
N LEU A 597 -9.94 -24.69 -9.44
CA LEU A 597 -11.20 -24.56 -10.13
C LEU A 597 -11.10 -25.11 -11.57
N ARG A 598 -10.04 -24.73 -12.30
CA ARG A 598 -9.78 -25.23 -13.67
C ARG A 598 -9.79 -26.77 -13.70
N GLY A 599 -9.09 -27.37 -12.73
CA GLY A 599 -9.02 -28.81 -12.54
C GLY A 599 -10.32 -29.60 -12.54
N ARG A 600 -11.46 -28.95 -12.26
CA ARG A 600 -12.71 -29.65 -12.18
C ARG A 600 -13.13 -30.13 -13.57
N SER A 601 -12.54 -29.55 -14.58
CA SER A 601 -12.83 -29.99 -15.92
C SER A 601 -11.70 -30.89 -16.46
N GLY A 602 -12.07 -31.78 -17.37
CA GLY A 602 -11.09 -32.64 -18.04
C GLY A 602 -10.42 -33.71 -17.19
N ARG A 603 -11.19 -34.32 -16.32
CA ARG A 603 -10.75 -35.46 -15.55
C ARG A 603 -10.73 -36.72 -16.41
N GLN A 604 -9.90 -37.69 -16.00
CA GLN A 604 -9.87 -39.02 -16.59
C GLN A 604 -9.80 -38.89 -18.11
N GLY A 605 -9.10 -37.88 -18.58
CA GLY A 605 -8.84 -37.76 -20.01
C GLY A 605 -9.93 -37.15 -20.86
N ASP A 606 -11.05 -36.77 -20.26
CA ASP A 606 -12.14 -36.03 -20.92
C ASP A 606 -11.70 -34.74 -21.60
N PRO A 607 -12.33 -34.37 -22.70
CA PRO A 607 -12.16 -33.00 -23.19
C PRO A 607 -12.77 -32.01 -22.17
N GLY A 608 -12.22 -30.82 -22.13
CA GLY A 608 -12.86 -29.73 -21.43
C GLY A 608 -12.12 -28.44 -21.68
N GLU A 609 -12.76 -27.34 -21.28
CA GLU A 609 -12.20 -26.00 -21.44
C GLU A 609 -12.30 -25.24 -20.12
N SER A 610 -11.31 -24.42 -19.82
CA SER A 610 -11.46 -23.49 -18.70
C SER A 610 -11.05 -22.08 -19.10
N ARG A 611 -11.59 -21.08 -18.41
CA ARG A 611 -11.30 -19.69 -18.74
C ARG A 611 -11.77 -18.78 -17.63
N PHE A 612 -10.93 -17.82 -17.26
CA PHE A 612 -11.33 -16.80 -16.31
C PHE A 612 -11.67 -15.54 -17.02
N TYR A 613 -12.70 -14.86 -16.53
CA TYR A 613 -13.03 -13.52 -16.95
C TYR A 613 -12.69 -12.59 -15.77
N LEU A 614 -11.81 -11.61 -16.01
CA LEU A 614 -11.38 -10.69 -14.96
C LEU A 614 -11.73 -9.25 -15.30
N SER A 615 -11.56 -8.36 -14.33
CA SER A 615 -11.78 -6.94 -14.57
C SER A 615 -10.97 -6.08 -13.61
N LEU A 616 -10.65 -4.86 -14.05
CA LEU A 616 -9.93 -3.88 -13.25
C LEU A 616 -10.76 -3.38 -12.05
N GLY A 617 -12.02 -3.78 -11.98
CA GLY A 617 -12.90 -3.37 -10.90
C GLY A 617 -13.19 -4.50 -9.92
N ASP A 618 -12.45 -5.61 -10.06
CA ASP A 618 -12.60 -6.77 -9.19
C ASP A 618 -12.09 -6.45 -7.79
N GLU A 619 -12.61 -7.18 -6.79
CA GLU A 619 -12.16 -7.08 -5.40
C GLU A 619 -10.65 -7.03 -5.27
N LEU A 620 -9.97 -7.98 -5.90
CA LEU A 620 -8.51 -8.05 -5.83
C LEU A 620 -7.88 -6.77 -6.37
N MET A 621 -8.28 -6.39 -7.58
CA MET A 621 -7.70 -5.24 -8.25
C MET A 621 -7.98 -3.94 -7.53
N ARG A 622 -9.19 -3.80 -6.98
CA ARG A 622 -9.56 -2.67 -6.11
C ARG A 622 -8.64 -2.56 -4.86
N ARG A 623 -8.19 -3.68 -4.30
CA ARG A 623 -7.22 -3.64 -3.19
C ARG A 623 -5.97 -2.89 -3.62
N PHE A 624 -5.65 -2.96 -4.91
CA PHE A 624 -4.42 -2.39 -5.47
C PHE A 624 -4.71 -1.28 -6.50
N ASN A 625 -4.21 -1.41 -7.74
CA ASN A 625 -4.21 -0.28 -8.69
C ASN A 625 -5.28 -0.27 -9.80
N GLY A 626 -6.24 -1.19 -9.70
CA GLY A 626 -7.27 -1.36 -10.69
C GLY A 626 -7.95 -0.09 -11.18
N ALA A 627 -8.22 0.84 -10.27
CA ALA A 627 -8.97 2.04 -10.61
C ALA A 627 -8.12 3.02 -11.42
N ALA A 628 -6.82 3.08 -11.09
CA ALA A 628 -5.85 3.90 -11.83
C ALA A 628 -5.80 3.43 -13.29
N LEU A 629 -5.70 2.11 -13.46
CA LEU A 629 -5.65 1.49 -14.78
C LEU A 629 -6.88 1.83 -15.62
N GLU A 630 -8.06 1.76 -15.01
CA GLU A 630 -9.31 2.00 -15.74
C GLU A 630 -9.44 3.47 -16.13
N THR A 631 -8.84 4.33 -15.31
CA THR A 631 -8.79 5.77 -15.61
C THR A 631 -7.99 5.90 -16.90
N LEU A 632 -6.79 5.32 -16.88
CA LEU A 632 -5.86 5.33 -17.99
C LEU A 632 -6.48 4.86 -19.31
N LEU A 633 -7.11 3.69 -19.26
CA LEU A 633 -7.66 3.08 -20.46
C LEU A 633 -8.82 3.90 -21.03
N THR A 634 -9.67 4.45 -20.16
CA THR A 634 -10.70 5.39 -20.58
C THR A 634 -10.07 6.59 -21.28
N ARG A 635 -9.00 7.12 -20.68
CA ARG A 635 -8.26 8.21 -21.28
C ARG A 635 -7.65 7.83 -22.64
N LEU A 636 -7.22 6.57 -22.79
CA LEU A 636 -6.77 6.05 -24.08
C LEU A 636 -7.88 5.65 -25.08
N ASN A 637 -9.14 5.96 -24.75
CA ASN A 637 -10.32 5.63 -25.57
C ASN A 637 -10.62 4.15 -25.88
N LEU A 638 -10.17 3.22 -25.03
CA LEU A 638 -10.57 1.82 -25.19
C LEU A 638 -12.00 1.59 -24.73
N PRO A 639 -12.85 1.06 -25.59
CA PRO A 639 -14.22 0.74 -25.20
C PRO A 639 -14.29 -0.33 -24.10
N ASP A 640 -15.36 -0.30 -23.29
CA ASP A 640 -15.47 -1.16 -22.13
C ASP A 640 -15.50 -2.63 -22.45
N ASP A 641 -16.16 -3.00 -23.54
CA ASP A 641 -16.31 -4.41 -23.90
C ASP A 641 -15.16 -5.03 -24.72
N VAL A 642 -14.02 -4.34 -24.80
CA VAL A 642 -12.84 -4.86 -25.50
C VAL A 642 -11.85 -5.45 -24.50
N PRO A 643 -11.61 -6.76 -24.61
CA PRO A 643 -10.66 -7.46 -23.72
C PRO A 643 -9.33 -6.79 -23.77
N ILE A 644 -8.60 -6.73 -22.66
CA ILE A 644 -7.30 -6.05 -22.64
C ILE A 644 -6.15 -7.06 -22.77
N GLU A 645 -5.31 -6.90 -23.78
CA GLU A 645 -4.07 -7.67 -23.88
C GLU A 645 -2.91 -6.73 -23.91
N ALA A 646 -2.29 -6.58 -22.75
CA ALA A 646 -1.19 -5.67 -22.56
C ALA A 646 -0.34 -6.21 -21.42
N LYS A 647 0.93 -6.41 -21.71
CA LYS A 647 1.86 -6.91 -20.73
C LYS A 647 1.75 -6.22 -19.36
N MET A 648 1.61 -4.89 -19.38
CA MET A 648 1.54 -4.15 -18.14
C MET A 648 0.30 -4.47 -17.28
N VAL A 649 -0.84 -4.74 -17.91
CA VAL A 649 -2.04 -5.08 -17.16
C VAL A 649 -1.98 -6.55 -16.65
N THR A 650 -1.40 -7.43 -17.44
CA THR A 650 -1.20 -8.82 -17.09
C THR A 650 -0.30 -8.91 -15.85
N ARG A 651 0.82 -8.20 -15.91
CA ARG A 651 1.70 -8.04 -14.77
C ARG A 651 0.92 -7.55 -13.56
N ALA A 652 0.06 -6.55 -13.74
CA ALA A 652 -0.65 -5.96 -12.61
C ALA A 652 -1.58 -6.99 -11.91
N ILE A 653 -2.36 -7.76 -12.67
CA ILE A 653 -3.16 -8.84 -12.12
C ILE A 653 -2.28 -9.89 -11.38
N LYS A 654 -1.31 -10.49 -12.09
CA LYS A 654 -0.36 -11.43 -11.49
C LYS A 654 0.15 -10.86 -10.16
N SER A 655 0.51 -9.58 -10.20
CA SER A 655 1.20 -8.95 -9.07
C SER A 655 0.26 -8.70 -7.88
N ALA A 656 -1.02 -8.43 -8.14
CA ALA A 656 -1.98 -8.30 -7.05
C ALA A 656 -2.11 -9.65 -6.34
N GLN A 657 -2.47 -10.69 -7.07
CA GLN A 657 -2.56 -12.03 -6.50
C GLN A 657 -1.28 -12.45 -5.76
N THR A 658 -0.11 -12.23 -6.32
CA THR A 658 1.16 -12.63 -5.70
C THR A 658 1.42 -11.92 -4.37
N GLN A 659 0.86 -10.73 -4.22
CA GLN A 659 1.03 -10.00 -2.97
C GLN A 659 0.15 -10.58 -1.88
N VAL A 660 -1.09 -10.90 -2.21
CA VAL A 660 -2.00 -11.57 -1.30
C VAL A 660 -1.42 -12.93 -0.80
N GLU A 661 -0.89 -13.72 -1.75
CA GLU A 661 -0.17 -14.97 -1.49
C GLU A 661 0.94 -14.74 -0.45
N GLN A 662 1.86 -13.82 -0.76
CA GLN A 662 2.94 -13.46 0.15
C GLN A 662 2.47 -12.94 1.52
N GLN A 663 1.41 -12.15 1.56
CA GLN A 663 0.87 -11.67 2.83
C GLN A 663 0.42 -12.86 3.68
N ASN A 664 -0.42 -13.72 3.11
CA ASN A 664 -0.80 -14.98 3.72
C ASN A 664 0.36 -15.85 4.20
N PHE A 665 1.38 -15.99 3.37
CA PHE A 665 2.54 -16.74 3.76
C PHE A 665 3.16 -16.14 5.02
N GLU A 666 3.27 -14.81 5.09
CA GLU A 666 3.94 -14.17 6.21
C GLU A 666 3.10 -14.22 7.48
N VAL A 667 1.78 -14.24 7.33
CA VAL A 667 0.89 -14.39 8.48
C VAL A 667 1.14 -15.75 9.14
N ARG A 668 1.07 -16.80 8.31
CA ARG A 668 1.34 -18.20 8.66
C ARG A 668 2.67 -18.32 9.36
N LYS A 669 3.69 -17.75 8.74
CA LYS A 669 5.02 -17.78 9.30
C LYS A 669 5.10 -17.12 10.67
N ASN A 670 4.30 -16.08 10.88
CA ASN A 670 4.33 -15.38 12.14
C ASN A 670 3.56 -16.10 13.21
N VAL A 671 2.39 -16.62 12.83
CA VAL A 671 1.57 -17.41 13.72
C VAL A 671 2.40 -18.53 14.28
N LEU A 672 3.13 -19.23 13.40
CA LEU A 672 3.97 -20.35 13.81
C LEU A 672 5.14 -19.98 14.71
N LYS A 673 5.74 -18.84 14.47
CA LYS A 673 6.92 -18.39 15.22
C LYS A 673 6.53 -18.19 16.67
N TYR A 674 5.42 -17.50 16.90
CA TYR A 674 4.94 -17.19 18.26
C TYR A 674 4.40 -18.42 18.96
N ASP A 675 3.86 -19.33 18.16
CA ASP A 675 3.40 -20.57 18.71
C ASP A 675 4.54 -21.49 19.22
N GLU A 676 5.75 -21.41 18.63
CA GLU A 676 6.83 -22.28 19.06
C GLU A 676 7.11 -22.04 20.52
N VAL A 677 7.11 -20.78 20.93
CA VAL A 677 7.48 -20.42 22.31
C VAL A 677 6.53 -21.10 23.27
N MET A 678 5.23 -21.02 23.01
CA MET A 678 4.26 -21.63 23.87
C MET A 678 4.10 -23.14 23.66
N ASN A 679 4.55 -23.65 22.51
CA ASN A 679 4.54 -25.08 22.27
C ASN A 679 5.55 -25.80 23.15
N GLN A 680 6.71 -25.19 23.35
CA GLN A 680 7.71 -25.77 24.23
C GLN A 680 7.15 -25.90 25.63
N GLN A 681 6.53 -24.83 26.10
CA GLN A 681 5.98 -24.72 27.44
C GLN A 681 4.86 -25.73 27.66
N ARG A 682 3.98 -25.90 26.69
CA ARG A 682 2.90 -26.82 26.96
C ARG A 682 3.26 -28.31 26.93
N LYS A 683 4.29 -28.66 26.15
CA LYS A 683 4.89 -29.98 26.18
C LYS A 683 5.18 -30.35 27.64
N VAL A 684 5.97 -29.51 28.31
CA VAL A 684 6.32 -29.73 29.68
C VAL A 684 5.10 -29.86 30.58
N ILE A 685 4.24 -28.84 30.58
CA ILE A 685 3.06 -28.85 31.42
C ILE A 685 2.17 -30.05 31.11
N TYR A 686 1.87 -30.29 29.83
CA TYR A 686 1.03 -31.40 29.41
C TYR A 686 1.61 -32.75 29.89
N ALA A 687 2.93 -32.90 29.85
CA ALA A 687 3.60 -34.11 30.31
C ALA A 687 3.38 -34.32 31.79
N GLU A 688 3.48 -33.25 32.59
CA GLU A 688 3.21 -33.31 34.03
C GLU A 688 1.77 -33.74 34.30
N ARG A 689 0.83 -33.10 33.62
CA ARG A 689 -0.56 -33.45 33.85
C ARG A 689 -0.75 -34.94 33.57
N ARG A 690 -0.11 -35.45 32.51
CA ARG A 690 -0.20 -36.87 32.13
C ARG A 690 0.27 -37.82 33.24
N ARG A 691 1.50 -37.62 33.73
CA ARG A 691 2.00 -38.30 34.92
C ARG A 691 0.91 -38.46 35.97
N ILE A 692 0.26 -37.37 36.36
CA ILE A 692 -0.69 -37.40 37.47
C ILE A 692 -1.94 -38.19 37.11
N LEU A 693 -2.51 -37.87 35.95
CA LEU A 693 -3.74 -38.51 35.47
C LEU A 693 -3.57 -40.01 35.37
N GLU A 694 -2.33 -40.42 35.14
CA GLU A 694 -1.97 -41.80 34.99
C GLU A 694 -1.75 -42.53 36.31
N GLY A 695 -1.69 -41.79 37.41
CA GLY A 695 -1.55 -42.38 38.72
C GLY A 695 -0.13 -42.78 39.09
N GLU A 696 0.86 -42.14 38.49
CA GLU A 696 2.26 -42.40 38.83
C GLU A 696 2.55 -42.09 40.30
N ASN A 697 3.49 -42.84 40.87
CA ASN A 697 3.89 -42.62 42.24
C ASN A 697 4.75 -41.38 42.31
N LEU A 698 4.27 -40.35 43.00
CA LEU A 698 4.92 -39.05 42.95
C LEU A 698 5.77 -38.69 44.17
N LYS A 699 5.91 -39.65 45.08
CA LYS A 699 6.63 -39.45 46.32
C LYS A 699 8.02 -38.83 46.13
N ASP A 700 8.75 -39.26 45.10
CA ASP A 700 10.13 -38.79 44.93
C ASP A 700 10.16 -37.35 44.46
N GLN A 701 9.29 -37.04 43.50
CA GLN A 701 9.14 -35.68 42.97
C GLN A 701 8.63 -34.73 44.05
N ALA A 702 7.67 -35.19 44.83
CA ALA A 702 7.21 -34.46 46.01
C ALA A 702 8.38 -34.17 46.97
N LEU A 703 9.12 -35.20 47.35
CA LEU A 703 10.28 -35.03 48.23
C LEU A 703 11.38 -34.14 47.64
N ASP A 704 11.57 -34.19 46.33
CA ASP A 704 12.56 -33.34 45.65
C ASP A 704 12.17 -31.85 45.74
N MET A 705 10.89 -31.53 45.45
CA MET A 705 10.32 -30.19 45.59
C MET A 705 10.47 -29.62 47.00
N VAL A 706 10.08 -30.41 48.00
CA VAL A 706 10.35 -30.10 49.41
C VAL A 706 11.79 -29.69 49.61
N ARG A 707 12.71 -30.54 49.14
CA ARG A 707 14.14 -30.25 49.23
C ARG A 707 14.51 -28.97 48.49
N ASP A 708 13.97 -28.86 47.28
CA ASP A 708 14.26 -27.77 46.37
C ASP A 708 13.89 -26.42 46.96
N VAL A 709 12.73 -26.38 47.61
CA VAL A 709 12.21 -25.16 48.23
C VAL A 709 12.99 -24.82 49.50
N ILE A 710 13.23 -25.81 50.35
CA ILE A 710 13.98 -25.55 51.59
C ILE A 710 15.40 -25.13 51.26
N THR A 711 15.95 -25.70 50.20
CA THR A 711 17.29 -25.34 49.72
C THR A 711 17.38 -23.87 49.32
N ALA A 712 16.39 -23.40 48.57
CA ALA A 712 16.38 -22.03 48.06
C ALA A 712 16.15 -21.00 49.17
N TYR A 713 15.31 -21.33 50.14
CA TYR A 713 15.10 -20.48 51.30
C TYR A 713 16.37 -20.29 52.11
N VAL A 714 17.00 -21.40 52.46
CA VAL A 714 18.26 -21.40 53.22
C VAL A 714 19.28 -20.56 52.47
N ASP A 715 19.51 -20.93 51.21
CA ASP A 715 20.37 -20.16 50.30
C ASP A 715 20.04 -18.68 50.37
N GLY A 716 18.78 -18.32 50.11
CA GLY A 716 18.32 -16.94 50.09
C GLY A 716 18.48 -16.12 51.35
N ALA A 717 18.78 -16.77 52.46
CA ALA A 717 19.08 -16.07 53.71
C ALA A 717 20.48 -16.40 54.24
N THR A 718 21.33 -16.93 53.35
CA THR A 718 22.62 -17.48 53.80
C THR A 718 23.90 -16.90 53.16
N GLY A 719 23.82 -16.44 51.90
CA GLY A 719 24.94 -15.80 51.20
C GLY A 719 26.23 -15.45 51.97
N GLU A 720 26.52 -14.15 52.12
CA GLU A 720 27.80 -13.68 52.69
C GLU A 720 27.78 -13.42 54.22
N GLY A 721 28.82 -12.72 54.70
CA GLY A 721 29.02 -12.49 56.12
C GLY A 721 29.41 -13.77 56.83
N TYR A 722 28.64 -14.82 56.52
CA TYR A 722 28.91 -16.21 56.90
C TYR A 722 28.90 -16.48 58.42
N ALA A 723 28.29 -15.58 59.19
CA ALA A 723 28.29 -15.70 60.65
C ALA A 723 26.88 -15.81 61.27
N GLU A 724 26.81 -15.74 62.61
CA GLU A 724 25.54 -15.59 63.33
C GLU A 724 24.86 -14.31 62.84
N ASP A 725 25.69 -13.30 62.59
CA ASP A 725 25.34 -12.15 61.75
C ASP A 725 24.67 -12.62 60.45
N TRP A 726 23.38 -12.93 60.58
CA TRP A 726 22.53 -13.52 59.54
C TRP A 726 21.12 -13.21 60.00
N ASP A 727 20.14 -13.92 59.45
CA ASP A 727 18.74 -13.75 59.85
C ASP A 727 18.02 -15.09 59.95
N LEU A 728 18.06 -15.66 61.15
CA LEU A 728 17.45 -16.96 61.41
C LEU A 728 15.96 -16.85 61.72
N ASP A 729 15.57 -15.69 62.26
CA ASP A 729 14.18 -15.40 62.58
C ASP A 729 13.31 -15.28 61.31
N ALA A 730 13.87 -14.63 60.29
CA ALA A 730 13.20 -14.53 59.01
C ALA A 730 13.07 -15.91 58.37
N LEU A 731 14.12 -16.71 58.51
CA LEU A 731 14.15 -18.02 57.87
C LEU A 731 13.20 -19.00 58.54
N TRP A 732 13.16 -18.96 59.86
CA TRP A 732 12.36 -19.92 60.63
C TRP A 732 10.87 -19.71 60.43
N THR A 733 10.43 -18.45 60.55
CA THR A 733 9.02 -18.11 60.42
C THR A 733 8.50 -18.40 59.01
N ALA A 734 9.33 -18.12 58.02
CA ALA A 734 8.98 -18.35 56.61
C ALA A 734 8.80 -19.84 56.28
N LEU A 735 9.63 -20.68 56.88
CA LEU A 735 9.52 -22.11 56.70
C LEU A 735 8.40 -22.69 57.55
N LYS A 736 8.13 -22.05 58.69
CA LYS A 736 7.10 -22.50 59.63
C LYS A 736 5.73 -22.63 58.99
N THR A 737 5.37 -21.69 58.12
CA THR A 737 4.10 -21.74 57.41
C THR A 737 4.16 -22.77 56.28
N LEU A 738 5.37 -23.05 55.78
CA LEU A 738 5.54 -24.04 54.73
C LEU A 738 5.36 -25.45 55.24
N TYR A 739 5.93 -25.75 56.40
CA TYR A 739 5.86 -27.09 56.97
C TYR A 739 6.05 -26.96 58.48
N PRO A 740 5.58 -27.95 59.26
CA PRO A 740 5.77 -27.89 60.72
C PRO A 740 7.24 -28.12 61.10
N VAL A 741 8.05 -27.08 60.98
CA VAL A 741 9.44 -27.10 61.45
C VAL A 741 9.48 -27.69 62.86
N GLY A 742 10.35 -28.67 63.07
CA GLY A 742 10.46 -29.37 64.33
C GLY A 742 11.79 -29.28 65.07
N ILE A 743 12.64 -28.33 64.67
CA ILE A 743 13.90 -28.04 65.39
C ILE A 743 14.06 -26.54 65.58
N THR A 744 14.92 -26.15 66.51
CA THR A 744 15.12 -24.74 66.82
C THR A 744 16.36 -24.21 66.15
N ALA A 745 16.33 -22.92 65.84
CA ALA A 745 17.52 -22.18 65.49
C ALA A 745 18.52 -22.28 66.64
N ASP A 746 18.00 -22.45 67.85
CA ASP A 746 18.80 -22.68 69.07
C ASP A 746 19.46 -24.05 69.08
N SER A 747 18.71 -25.07 68.65
CA SER A 747 19.17 -26.46 68.61
C SER A 747 20.54 -26.59 67.93
N LEU A 748 20.76 -25.74 66.92
CA LEU A 748 21.94 -25.83 66.06
C LEU A 748 23.00 -24.73 66.22
N THR A 749 22.80 -23.79 67.15
CA THR A 749 23.80 -22.76 67.43
C THR A 749 24.53 -23.03 68.75
N LEU A 765 23.69 -26.74 58.28
CA LEU A 765 22.34 -26.14 58.57
C LEU A 765 21.23 -26.52 57.56
N LEU A 766 21.58 -26.60 56.27
CA LEU A 766 20.62 -27.05 55.26
C LEU A 766 20.33 -28.52 55.49
N GLU A 767 21.38 -29.32 55.65
CA GLU A 767 21.23 -30.74 55.91
C GLU A 767 20.38 -31.03 57.17
N ALA A 768 20.61 -30.26 58.23
CA ALA A 768 19.79 -30.32 59.44
C ALA A 768 18.31 -30.04 59.13
N LEU A 769 18.03 -28.90 58.51
CA LEU A 769 16.67 -28.55 58.20
C LEU A 769 16.01 -29.53 57.25
N LEU A 770 16.81 -30.28 56.50
CA LEU A 770 16.27 -31.14 55.46
C LEU A 770 15.77 -32.45 56.03
N LYS A 771 16.48 -32.96 57.03
CA LYS A 771 16.10 -34.18 57.73
C LYS A 771 14.84 -33.96 58.56
N ASP A 772 14.73 -32.75 59.11
CA ASP A 772 13.55 -32.39 59.90
C ASP A 772 12.30 -32.36 59.03
N ALA A 773 12.40 -31.71 57.88
CA ALA A 773 11.32 -31.67 56.90
C ALA A 773 11.06 -33.05 56.34
N GLU A 774 12.14 -33.78 56.12
CA GLU A 774 12.05 -35.10 55.53
C GLU A 774 11.28 -36.03 56.47
N ARG A 775 11.45 -35.83 57.77
CA ARG A 775 10.73 -36.60 58.77
C ARG A 775 9.36 -35.99 59.12
N ALA A 776 9.19 -34.69 58.85
CA ALA A 776 7.88 -34.03 58.99
C ALA A 776 6.93 -34.48 57.88
N TYR A 777 7.51 -34.74 56.70
CA TYR A 777 6.79 -35.38 55.59
C TYR A 777 6.41 -36.81 55.95
N ALA A 778 7.31 -37.53 56.62
CA ALA A 778 7.02 -38.89 57.09
C ALA A 778 5.89 -38.91 58.11
N ALA A 779 5.83 -37.84 58.92
CA ALA A 779 4.77 -37.60 59.90
C ALA A 779 3.45 -37.29 59.22
N ARG A 780 3.48 -36.31 58.31
CA ARG A 780 2.32 -35.95 57.51
C ARG A 780 1.77 -37.14 56.72
N GLU A 781 2.66 -37.96 56.16
CA GLU A 781 2.22 -39.14 55.41
C GLU A 781 1.38 -40.05 56.30
N ALA A 782 1.92 -40.39 57.48
CA ALA A 782 1.27 -41.30 58.42
C ALA A 782 -0.05 -40.73 58.95
N GLU A 783 -0.14 -39.39 59.00
CA GLU A 783 -1.38 -38.72 59.34
C GLU A 783 -2.45 -39.07 58.31
N LEU A 784 -2.07 -39.08 57.04
CA LEU A 784 -3.00 -39.35 55.95
C LEU A 784 -3.43 -40.83 55.91
N GLU A 785 -2.58 -41.70 56.45
CA GLU A 785 -2.95 -43.10 56.66
C GLU A 785 -3.97 -43.16 57.78
N GLU A 786 -3.76 -42.33 58.80
CA GLU A 786 -4.68 -42.20 59.92
C GLU A 786 -6.04 -41.73 59.42
N ILE A 787 -6.04 -40.74 58.52
CA ILE A 787 -7.28 -40.17 58.00
C ILE A 787 -7.94 -41.04 56.91
N ALA A 788 -7.20 -41.44 55.87
CA ALA A 788 -7.82 -42.17 54.76
C ALA A 788 -7.15 -43.49 54.34
N GLY A 789 -6.06 -43.86 55.01
CA GLY A 789 -5.48 -45.20 54.86
C GLY A 789 -4.70 -45.54 53.60
N GLU A 790 -4.17 -46.77 53.57
CA GLU A 790 -3.32 -47.31 52.49
C GLU A 790 -3.00 -46.39 51.30
N GLY A 791 -1.80 -45.80 51.33
CA GLY A 791 -1.30 -44.99 50.25
C GLY A 791 -2.12 -43.75 49.96
N ALA A 792 -2.71 -43.15 51.01
CA ALA A 792 -3.49 -41.92 50.85
C ALA A 792 -2.61 -40.69 50.63
N MET A 793 -1.34 -40.78 50.99
CA MET A 793 -0.41 -39.67 50.72
C MET A 793 -0.07 -39.58 49.24
N ARG A 794 -0.02 -40.74 48.56
CA ARG A 794 0.19 -40.82 47.12
C ARG A 794 -0.92 -40.11 46.34
N GLN A 795 -2.15 -40.20 46.84
CA GLN A 795 -3.31 -39.54 46.25
C GLN A 795 -3.39 -38.04 46.59
N LEU A 796 -2.88 -37.65 47.75
CA LEU A 796 -2.82 -36.24 48.11
C LEU A 796 -1.81 -35.49 47.24
N GLU A 797 -0.67 -36.13 46.94
CA GLU A 797 0.35 -35.52 46.09
C GLU A 797 -0.23 -35.21 44.72
N ARG A 798 -0.80 -36.24 44.11
CA ARG A 798 -1.37 -36.17 42.79
C ARG A 798 -2.44 -35.09 42.70
N ASN A 799 -3.39 -35.11 43.66
CA ASN A 799 -4.42 -34.08 43.77
C ASN A 799 -3.89 -32.65 43.90
N VAL A 800 -2.95 -32.45 44.82
CA VAL A 800 -2.40 -31.13 45.13
C VAL A 800 -1.63 -30.54 43.94
N LEU A 801 -0.76 -31.34 43.34
CA LEU A 801 0.00 -30.95 42.15
C LEU A 801 -0.89 -30.58 40.96
N LEU A 802 -1.89 -31.41 40.65
CA LEU A 802 -2.71 -31.14 39.49
C LEU A 802 -3.43 -29.80 39.69
N ASN A 803 -4.04 -29.62 40.87
CA ASN A 803 -4.69 -28.38 41.26
C ASN A 803 -3.77 -27.19 41.17
N VAL A 804 -2.52 -27.39 41.58
CA VAL A 804 -1.56 -26.30 41.57
C VAL A 804 -1.12 -25.99 40.13
N ILE A 805 -0.71 -27.00 39.35
CA ILE A 805 -0.37 -26.81 37.94
C ILE A 805 -1.53 -26.21 37.15
N ASP A 806 -2.76 -26.61 37.38
CA ASP A 806 -3.84 -26.09 36.56
C ASP A 806 -4.14 -24.64 36.85
N ARG A 807 -4.02 -24.27 38.12
CA ARG A 807 -4.37 -22.91 38.50
C ARG A 807 -3.24 -22.01 38.04
N LYS A 808 -2.00 -22.46 38.23
CA LYS A 808 -0.89 -21.61 37.93
C LYS A 808 -0.69 -21.45 36.43
N TRP A 809 -1.10 -22.43 35.66
CA TRP A 809 -0.84 -22.44 34.22
C TRP A 809 -1.92 -21.60 33.52
N ARG A 810 -3.16 -21.82 33.91
CA ARG A 810 -4.25 -20.94 33.53
C ARG A 810 -3.87 -19.48 33.79
N GLU A 811 -3.25 -19.18 34.92
CA GLU A 811 -2.94 -17.78 35.27
C GLU A 811 -1.85 -17.24 34.38
N HIS A 812 -0.83 -18.06 34.12
CA HIS A 812 0.23 -17.78 33.16
C HIS A 812 -0.35 -17.51 31.76
N LEU A 813 -1.28 -18.37 31.30
CA LEU A 813 -1.89 -18.20 29.99
C LEU A 813 -2.48 -16.82 29.82
N TYR A 814 -3.23 -16.39 30.85
CA TYR A 814 -3.84 -15.05 30.95
C TYR A 814 -2.76 -13.99 30.81
N GLU A 815 -1.61 -14.18 31.45
CA GLU A 815 -0.52 -13.19 31.36
C GLU A 815 0.13 -13.21 29.95
N MET A 816 0.24 -14.41 29.36
CA MET A 816 0.82 -14.59 28.02
C MET A 816 -0.09 -13.98 26.91
N ASP A 817 -1.39 -13.92 27.16
CA ASP A 817 -2.30 -13.30 26.23
C ASP A 817 -1.84 -11.87 26.01
N TYR A 818 -1.55 -11.18 27.10
CA TYR A 818 -1.27 -9.76 27.06
C TYR A 818 0.09 -9.52 26.45
N LEU A 819 0.99 -10.46 26.68
CA LEU A 819 2.34 -10.32 26.19
C LEU A 819 2.42 -10.41 24.66
N LYS A 820 1.72 -11.37 24.07
CA LYS A 820 1.65 -11.52 22.60
C LYS A 820 1.21 -10.21 21.98
N GLU A 821 0.01 -9.79 22.34
CA GLU A 821 -0.57 -8.53 21.94
C GLU A 821 0.43 -7.37 21.93
N GLY A 822 0.97 -7.07 23.10
CA GLY A 822 1.69 -5.83 23.28
C GLY A 822 3.09 -5.81 22.72
N ILE A 823 3.65 -6.98 22.42
CA ILE A 823 5.06 -7.01 22.04
C ILE A 823 5.25 -6.33 20.69
N GLY A 824 4.30 -6.55 19.76
CA GLY A 824 4.26 -5.88 18.48
C GLY A 824 4.59 -4.39 18.64
N LEU A 825 3.96 -3.79 19.65
CA LEU A 825 4.17 -2.41 20.05
C LEU A 825 5.54 -2.14 20.68
N ARG A 826 6.56 -2.92 20.30
CA ARG A 826 7.95 -2.61 20.69
C ARG A 826 8.92 -2.59 19.47
N ALA A 827 8.56 -3.36 18.42
CA ALA A 827 9.25 -3.39 17.11
C ALA A 827 10.03 -2.11 16.68
N MET A 828 11.32 -2.32 16.37
CA MET A 828 12.21 -1.27 15.81
C MET A 828 13.37 -1.90 14.99
N ALA A 829 14.02 -1.08 14.15
CA ALA A 829 15.28 -1.49 13.50
C ALA A 829 16.45 -1.33 14.49
N GLN A 830 16.37 -2.10 15.57
CA GLN A 830 17.36 -2.16 16.66
C GLN A 830 17.01 -3.33 17.59
N ARG A 831 15.78 -3.82 17.49
CA ARG A 831 15.29 -4.93 18.33
C ARG A 831 14.26 -5.81 17.60
N ASP A 832 14.46 -7.11 17.71
CA ASP A 832 13.56 -8.08 17.13
C ASP A 832 12.55 -8.42 18.22
N PRO A 833 11.25 -8.26 17.91
CA PRO A 833 10.17 -8.46 18.88
C PRO A 833 10.01 -9.91 19.35
N LEU A 834 10.31 -10.87 18.49
CA LEU A 834 10.22 -12.28 18.85
C LEU A 834 11.26 -12.68 19.92
N VAL A 835 12.50 -12.21 19.78
CA VAL A 835 13.49 -12.39 20.83
C VAL A 835 12.94 -11.92 22.17
N GLU A 836 12.40 -10.70 22.21
CA GLU A 836 11.90 -10.13 23.45
C GLU A 836 10.74 -10.89 24.06
N TYR A 837 9.90 -11.47 23.22
CA TYR A 837 8.74 -12.18 23.68
C TYR A 837 9.21 -13.49 24.29
N GLN A 838 10.19 -14.14 23.67
CA GLN A 838 10.83 -15.31 24.25
C GLN A 838 11.48 -15.05 25.61
N ARG A 839 12.35 -14.07 25.71
CA ARG A 839 12.99 -13.82 26.98
C ARG A 839 12.00 -13.58 28.11
N GLU A 840 11.01 -12.73 27.87
CA GLU A 840 10.04 -12.42 28.91
C GLU A 840 9.06 -13.56 29.13
N GLY A 841 8.71 -14.25 28.06
CA GLY A 841 7.78 -15.34 28.14
C GLY A 841 8.38 -16.54 28.80
N TYR A 842 9.67 -16.80 28.55
CA TYR A 842 10.34 -17.89 29.25
C TYR A 842 10.67 -17.55 30.69
N ASP A 843 11.03 -16.30 30.98
CA ASP A 843 11.23 -15.86 32.36
C ASP A 843 9.96 -16.10 33.14
N MET A 844 8.84 -15.66 32.58
CA MET A 844 7.56 -15.83 33.22
C MET A 844 7.30 -17.30 33.52
N PHE A 845 7.69 -18.18 32.60
CA PHE A 845 7.41 -19.60 32.70
C PHE A 845 8.22 -20.23 33.83
N MET A 846 9.49 -19.84 33.96
CA MET A 846 10.34 -20.34 35.03
C MET A 846 9.86 -19.88 36.40
N ALA A 847 9.49 -18.61 36.50
CA ALA A 847 8.92 -18.06 37.72
C ALA A 847 7.66 -18.81 38.08
N MET A 848 6.84 -19.10 37.09
CA MET A 848 5.66 -19.92 37.30
C MET A 848 6.04 -21.30 37.85
N LEU A 849 7.10 -21.91 37.35
CA LEU A 849 7.41 -23.25 37.77
C LEU A 849 7.84 -23.20 39.24
N ASP A 850 8.70 -22.23 39.57
CA ASP A 850 9.19 -22.09 40.94
C ASP A 850 8.00 -21.93 41.86
N GLY A 851 7.06 -21.07 41.51
CA GLY A 851 5.91 -20.90 42.35
C GLY A 851 5.04 -22.15 42.45
N MET A 852 5.04 -22.96 41.40
CA MET A 852 4.26 -24.19 41.41
C MET A 852 4.83 -25.09 42.48
N LYS A 853 6.17 -25.12 42.56
CA LYS A 853 6.90 -25.99 43.47
C LYS A 853 6.52 -25.61 44.90
N GLU A 854 6.61 -24.33 45.24
CA GLU A 854 6.53 -23.94 46.64
C GLU A 854 5.10 -23.88 47.15
N GLU A 855 4.14 -23.61 46.28
CA GLU A 855 2.76 -23.76 46.69
C GLU A 855 2.44 -25.23 46.88
N SER A 856 3.00 -26.08 46.03
CA SER A 856 2.81 -27.51 46.20
C SER A 856 3.29 -28.02 47.55
N VAL A 857 4.53 -27.69 47.93
CA VAL A 857 5.02 -28.15 49.22
C VAL A 857 4.23 -27.57 50.39
N GLY A 858 3.79 -26.33 50.28
CA GLY A 858 2.88 -25.74 51.25
C GLY A 858 1.59 -26.52 51.47
N PHE A 859 0.77 -26.61 50.43
CA PHE A 859 -0.47 -27.39 50.49
C PHE A 859 -0.21 -28.83 50.91
N LEU A 860 0.84 -29.43 50.38
CA LEU A 860 1.16 -30.81 50.68
C LEU A 860 1.25 -31.01 52.20
N PHE A 861 1.79 -30.02 52.89
CA PHE A 861 1.97 -30.13 54.32
C PHE A 861 0.70 -29.75 55.10
N ASN A 862 -0.06 -28.77 54.62
CA ASN A 862 -1.10 -28.16 55.46
C ASN A 862 -2.56 -28.17 54.99
N VAL A 863 -2.82 -28.61 53.77
CA VAL A 863 -4.17 -28.58 53.22
C VAL A 863 -5.12 -29.49 53.98
N THR A 864 -6.35 -29.00 54.16
CA THR A 864 -7.43 -29.73 54.82
C THR A 864 -7.90 -30.91 53.97
N VAL A 865 -8.16 -32.04 54.63
CA VAL A 865 -8.66 -33.26 53.99
C VAL A 865 -10.14 -33.57 54.27
N ASP B 15 34.01 35.04 -13.00
CA ASP B 15 35.47 34.72 -12.69
C ASP B 15 36.34 35.93 -12.22
N SER B 16 35.89 36.58 -11.16
CA SER B 16 36.50 37.78 -10.63
C SER B 16 37.01 37.66 -9.16
N PRO B 17 37.81 38.64 -8.70
CA PRO B 17 38.46 38.58 -7.39
C PRO B 17 37.55 39.06 -6.25
N ASP B 18 38.09 39.07 -5.03
CA ASP B 18 37.26 39.38 -3.88
C ASP B 18 37.97 40.19 -2.80
N LEU B 19 39.31 40.23 -2.80
CA LEU B 19 39.98 41.08 -1.84
C LEU B 19 39.47 42.53 -1.92
N GLY B 20 38.99 43.09 -0.81
CA GLY B 20 38.56 44.46 -0.80
C GLY B 20 37.21 44.77 -1.45
N THR B 21 36.48 43.74 -1.82
CA THR B 21 35.19 43.86 -2.49
C THR B 21 34.07 43.66 -1.47
N LEU B 22 33.08 44.54 -1.45
CA LEU B 22 32.01 44.34 -0.50
C LEU B 22 31.07 43.23 -0.92
N VAL B 23 30.70 43.16 -2.20
CA VAL B 23 29.66 42.24 -2.61
C VAL B 23 30.29 41.08 -3.34
N PRO B 24 30.11 39.86 -2.83
CA PRO B 24 30.83 38.70 -3.36
C PRO B 24 30.34 38.39 -4.77
N ARG B 25 31.25 38.13 -5.70
CA ARG B 25 30.79 37.82 -7.05
C ARG B 25 31.52 36.63 -7.59
N GLY B 26 30.89 36.00 -8.59
CA GLY B 26 31.55 35.00 -9.40
C GLY B 26 32.20 33.96 -8.51
N SER B 27 33.51 33.86 -8.62
CA SER B 27 34.24 32.80 -7.96
C SER B 27 33.89 32.67 -6.47
N MET B 28 33.96 33.78 -5.74
CA MET B 28 33.72 33.79 -4.31
C MET B 28 32.28 33.43 -3.95
N ALA B 29 31.33 34.05 -4.64
CA ALA B 29 29.93 33.75 -4.36
C ALA B 29 29.65 32.24 -4.39
N ASP B 30 30.34 31.51 -5.27
CA ASP B 30 30.14 30.10 -5.37
C ASP B 30 30.71 29.41 -4.16
N ILE B 31 31.97 29.69 -3.82
CA ILE B 31 32.55 29.11 -2.61
C ILE B 31 31.58 29.31 -1.45
N LEU B 32 30.83 30.41 -1.49
CA LEU B 32 29.99 30.80 -0.36
C LEU B 32 28.69 30.03 -0.40
N SER B 33 28.22 29.73 -1.61
CA SER B 33 27.09 28.81 -1.79
C SER B 33 27.45 27.36 -1.38
N LYS B 34 28.64 26.90 -1.73
CA LYS B 34 29.00 25.55 -1.32
C LYS B 34 28.91 25.45 0.19
N LEU B 35 29.66 26.29 0.92
CA LEU B 35 29.74 26.15 2.38
C LEU B 35 28.36 26.21 3.03
N LEU B 36 27.38 26.72 2.25
CA LEU B 36 25.98 26.84 2.64
C LEU B 36 25.34 25.46 2.74
N ARG B 37 25.37 24.71 1.63
CA ARG B 37 24.89 23.35 1.66
C ARG B 37 25.68 22.56 2.72
N LEU B 38 26.78 23.12 3.21
CA LEU B 38 27.59 22.44 4.25
C LEU B 38 27.33 22.94 5.67
N GLY B 39 26.49 23.97 5.80
CA GLY B 39 26.13 24.55 7.08
C GLY B 39 27.22 25.26 7.87
N GLU B 40 28.11 25.99 7.21
CA GLU B 40 29.14 26.78 7.91
C GLU B 40 28.71 28.23 8.12
N GLY B 41 28.00 28.81 7.16
CA GLY B 41 27.50 30.14 7.43
C GLY B 41 28.53 31.26 7.39
N ARG B 42 29.54 31.12 6.55
CA ARG B 42 30.44 32.24 6.25
C ARG B 42 29.65 33.26 5.43
N MET B 43 28.69 32.76 4.66
CA MET B 43 27.82 33.61 3.86
C MET B 43 27.04 34.58 4.71
N VAL B 44 26.45 34.08 5.78
CA VAL B 44 25.69 34.93 6.69
C VAL B 44 26.65 35.98 7.24
N LYS B 45 27.88 35.54 7.54
CA LYS B 45 28.89 36.47 8.03
C LYS B 45 29.19 37.57 7.00
N ARG B 46 29.21 37.20 5.73
CA ARG B 46 29.44 38.15 4.63
C ARG B 46 28.27 39.08 4.44
N LEU B 47 27.08 38.50 4.39
CA LEU B 47 25.86 39.23 4.26
C LEU B 47 25.70 40.27 5.38
N LYS B 48 26.17 39.97 6.58
CA LYS B 48 26.06 40.95 7.66
C LYS B 48 27.11 42.06 7.48
N LYS B 49 28.28 41.70 6.94
CA LYS B 49 29.25 42.73 6.57
C LYS B 49 28.65 43.77 5.61
N VAL B 50 27.82 43.30 4.66
CA VAL B 50 27.12 44.17 3.70
C VAL B 50 26.08 45.03 4.41
N ALA B 51 25.17 44.42 5.16
CA ALA B 51 24.23 45.19 5.95
C ALA B 51 24.92 46.30 6.79
N ASP B 52 26.05 45.97 7.40
CA ASP B 52 26.71 46.92 8.26
C ASP B 52 27.19 48.06 7.40
N TYR B 53 27.89 47.75 6.31
CA TYR B 53 28.29 48.83 5.43
C TYR B 53 27.09 49.73 5.07
N VAL B 54 26.00 49.14 4.58
CA VAL B 54 24.82 49.89 4.20
C VAL B 54 24.37 50.77 5.37
N GLY B 55 24.47 50.24 6.58
CA GLY B 55 24.20 50.98 7.80
C GLY B 55 25.06 52.23 7.99
N THR B 56 26.32 52.19 7.56
CA THR B 56 27.18 53.37 7.66
C THR B 56 26.76 54.47 6.69
N LEU B 57 25.90 54.13 5.73
CA LEU B 57 25.49 55.10 4.72
C LEU B 57 24.22 55.83 5.11
N SER B 58 23.72 55.54 6.31
CA SER B 58 22.41 56.01 6.76
C SER B 58 22.33 57.55 6.96
N ASP B 59 23.31 58.13 7.63
CA ASP B 59 23.41 59.59 7.75
C ASP B 59 23.37 60.28 6.39
N ASP B 60 24.15 59.76 5.43
CA ASP B 60 24.24 60.39 4.10
C ASP B 60 22.86 60.55 3.45
N VAL B 61 22.00 59.56 3.58
CA VAL B 61 20.68 59.64 2.95
C VAL B 61 19.64 60.36 3.82
N GLU B 62 19.87 60.36 5.13
CA GLU B 62 19.01 61.04 6.08
C GLU B 62 18.99 62.57 5.91
N LYS B 63 20.13 63.21 5.60
CA LYS B 63 20.09 64.67 5.37
C LYS B 63 19.48 65.12 4.04
N LEU B 64 19.20 64.19 3.14
CA LEU B 64 18.57 64.50 1.86
C LEU B 64 17.09 64.85 2.02
N THR B 65 16.63 65.83 1.25
CA THR B 65 15.20 66.11 1.12
C THR B 65 14.53 64.96 0.37
N ASP B 66 13.20 64.94 0.40
CA ASP B 66 12.41 63.99 -0.38
C ASP B 66 12.79 64.06 -1.86
N ALA B 67 12.94 65.27 -2.38
CA ALA B 67 13.22 65.51 -3.79
C ALA B 67 14.58 64.95 -4.16
N GLU B 68 15.56 65.29 -3.32
CA GLU B 68 16.96 64.88 -3.49
C GLU B 68 17.08 63.36 -3.48
N LEU B 69 16.21 62.73 -2.68
CA LEU B 69 16.16 61.30 -2.53
C LEU B 69 15.50 60.65 -3.73
N ARG B 70 14.53 61.35 -4.32
CA ARG B 70 13.82 60.92 -5.52
C ARG B 70 14.76 60.99 -6.72
N ALA B 71 15.71 61.91 -6.63
CA ALA B 71 16.64 62.16 -7.72
C ALA B 71 17.78 61.13 -7.73
N LYS B 72 18.03 60.49 -6.58
CA LYS B 72 19.05 59.42 -6.52
C LYS B 72 18.87 58.34 -7.60
N THR B 73 17.61 58.04 -7.92
CA THR B 73 17.27 57.08 -8.97
C THR B 73 17.85 57.48 -10.34
N ASP B 74 17.72 58.77 -10.71
CA ASP B 74 18.24 59.21 -12.00
C ASP B 74 19.74 59.22 -11.98
N GLU B 75 20.28 59.49 -10.80
CA GLU B 75 21.72 59.44 -10.56
C GLU B 75 22.28 58.04 -10.81
N PHE B 76 21.63 57.03 -10.21
CA PHE B 76 22.07 55.64 -10.32
C PHE B 76 21.96 55.16 -11.76
N LYS B 77 20.89 55.57 -12.42
CA LYS B 77 20.63 55.19 -13.80
C LYS B 77 21.72 55.75 -14.69
N ARG B 78 22.08 57.00 -14.44
CA ARG B 78 23.10 57.64 -15.23
C ARG B 78 24.48 57.02 -14.92
N ARG B 79 24.69 56.60 -13.68
CA ARG B 79 25.95 55.93 -13.31
C ARG B 79 26.05 54.52 -13.86
N LEU B 80 24.92 53.85 -13.98
CA LEU B 80 24.89 52.53 -14.58
C LEU B 80 25.16 52.55 -16.08
N ALA B 81 24.82 53.66 -16.74
CA ALA B 81 25.02 53.77 -18.18
C ALA B 81 26.36 54.38 -18.57
N ASP B 82 27.05 55.02 -17.63
CA ASP B 82 28.26 55.78 -17.93
C ASP B 82 29.37 54.88 -18.44
N GLN B 83 29.60 54.92 -19.74
CA GLN B 83 30.61 54.07 -20.36
C GLN B 83 32.06 54.48 -20.05
N LYS B 84 32.26 55.61 -19.36
CA LYS B 84 33.63 56.05 -19.04
C LYS B 84 34.01 55.78 -17.58
N ASN B 85 33.09 56.01 -16.67
CA ASN B 85 33.33 55.67 -15.28
C ASN B 85 32.35 54.56 -14.92
N PRO B 86 32.69 53.33 -15.29
CA PRO B 86 31.72 52.22 -15.33
C PRO B 86 31.36 51.77 -13.93
N GLU B 87 30.11 51.44 -13.70
CA GLU B 87 29.71 50.90 -12.42
C GLU B 87 28.65 49.83 -12.67
N THR B 88 28.63 48.82 -11.80
CA THR B 88 27.67 47.72 -11.90
C THR B 88 26.62 47.85 -10.80
N LEU B 89 25.62 46.99 -10.87
CA LEU B 89 24.60 46.94 -9.84
C LEU B 89 25.22 46.66 -8.46
N ASP B 90 26.14 45.70 -8.44
CA ASP B 90 26.98 45.39 -7.30
C ASP B 90 27.69 46.63 -6.72
N ASP B 91 28.30 47.46 -7.57
CA ASP B 91 28.85 48.72 -7.08
C ASP B 91 27.81 49.64 -6.43
N LEU B 92 26.57 49.55 -6.88
CA LEU B 92 25.56 50.52 -6.51
C LEU B 92 24.73 49.99 -5.37
N LEU B 93 24.92 48.69 -5.07
CA LEU B 93 24.13 48.02 -4.02
C LEU B 93 24.09 48.81 -2.72
N PRO B 94 25.23 49.14 -2.12
CA PRO B 94 25.22 49.88 -0.84
C PRO B 94 24.36 51.16 -0.86
N GLU B 95 24.55 52.00 -1.88
CA GLU B 95 23.87 53.27 -1.96
C GLU B 95 22.40 53.05 -2.29
N ALA B 96 22.14 52.18 -3.27
CA ALA B 96 20.76 51.98 -3.70
C ALA B 96 19.94 51.41 -2.56
N PHE B 97 20.56 50.49 -1.80
CA PHE B 97 19.94 49.95 -0.60
C PHE B 97 19.70 51.04 0.47
N ALA B 98 20.68 51.91 0.70
CA ALA B 98 20.53 52.95 1.73
C ALA B 98 19.36 53.88 1.38
N VAL B 99 19.28 54.20 0.08
CA VAL B 99 18.22 55.04 -0.44
C VAL B 99 16.88 54.33 -0.28
N ALA B 100 16.78 53.08 -0.74
CA ALA B 100 15.51 52.38 -0.60
C ALA B 100 15.07 52.24 0.86
N ARG B 101 16.06 52.04 1.74
CA ARG B 101 15.81 51.88 3.18
C ARG B 101 15.18 53.13 3.73
N GLU B 102 15.90 54.24 3.59
CA GLU B 102 15.44 55.56 3.98
C GLU B 102 14.05 55.87 3.40
N ALA B 103 13.87 55.50 2.13
CA ALA B 103 12.60 55.73 1.46
C ALA B 103 11.45 55.01 2.18
N ALA B 104 11.64 53.73 2.46
CA ALA B 104 10.63 52.95 3.19
C ALA B 104 10.35 53.61 4.55
N TRP B 105 11.42 54.04 5.22
CA TRP B 105 11.25 54.68 6.52
C TRP B 105 10.34 55.92 6.39
N ARG B 106 10.59 56.75 5.39
CA ARG B 106 9.84 57.98 5.19
C ARG B 106 8.40 57.72 4.75
N VAL B 107 8.21 56.69 3.93
CA VAL B 107 6.91 56.44 3.34
C VAL B 107 6.00 55.58 4.20
N LEU B 108 6.61 54.53 4.70
CA LEU B 108 5.93 53.43 5.35
C LEU B 108 5.91 53.68 6.84
N ASP B 109 6.87 54.44 7.34
CA ASP B 109 7.12 54.59 8.77
C ASP B 109 7.63 53.32 9.43
N GLN B 110 8.09 52.38 8.59
CA GLN B 110 8.89 51.23 9.03
C GLN B 110 10.21 51.21 8.26
N ARG B 111 11.32 51.19 9.01
CA ARG B 111 12.68 51.11 8.42
C ARG B 111 13.21 49.65 8.34
N PRO B 112 13.57 49.15 7.16
CA PRO B 112 14.18 47.80 7.10
C PRO B 112 15.20 47.55 8.24
N PHE B 113 15.03 46.46 9.00
CA PHE B 113 16.00 46.04 10.02
C PHE B 113 17.28 45.49 9.37
N ASP B 114 18.36 45.48 10.15
CA ASP B 114 19.66 44.96 9.66
C ASP B 114 19.50 43.62 8.94
N VAL B 115 18.67 42.77 9.56
CA VAL B 115 18.43 41.42 9.04
C VAL B 115 17.59 41.44 7.78
N GLN B 116 16.71 42.44 7.62
CA GLN B 116 16.03 42.61 6.34
C GLN B 116 17.02 42.98 5.19
N VAL B 117 17.97 43.85 5.50
CA VAL B 117 18.99 44.25 4.56
C VAL B 117 19.85 43.06 4.18
N MET B 118 20.10 42.20 5.14
CA MET B 118 20.87 41.00 4.85
C MET B 118 20.12 40.15 3.82
N GLY B 119 18.83 39.97 4.09
CA GLY B 119 17.98 39.21 3.21
C GLY B 119 17.97 39.86 1.85
N ALA B 120 17.82 41.19 1.86
CA ALA B 120 17.86 41.94 0.61
C ALA B 120 19.11 41.56 -0.21
N ALA B 121 20.29 41.56 0.42
CA ALA B 121 21.52 41.26 -0.30
C ALA B 121 21.48 39.84 -0.87
N ALA B 122 20.91 38.92 -0.09
CA ALA B 122 20.87 37.54 -0.51
C ALA B 122 20.00 37.42 -1.75
N LEU B 123 18.95 38.23 -1.82
CA LEU B 123 18.09 38.23 -2.99
C LEU B 123 18.82 38.78 -4.21
N HIS B 124 19.53 39.88 -4.07
CA HIS B 124 20.26 40.42 -5.19
C HIS B 124 21.22 39.38 -5.76
N LEU B 125 21.75 38.52 -4.87
CA LEU B 125 22.74 37.52 -5.26
C LEU B 125 22.09 36.27 -5.85
N GLY B 126 20.78 36.32 -6.02
CA GLY B 126 20.04 35.23 -6.62
C GLY B 126 19.92 33.98 -5.79
N ASN B 127 19.70 34.12 -4.47
CA ASN B 127 19.43 32.98 -3.58
C ASN B 127 18.04 33.06 -3.03
N VAL B 128 17.60 32.00 -2.36
CA VAL B 128 16.42 32.08 -1.50
C VAL B 128 16.86 32.61 -0.11
N ALA B 129 16.24 33.68 0.33
CA ALA B 129 16.43 34.11 1.70
C ALA B 129 15.37 33.47 2.60
N GLU B 130 15.81 32.55 3.46
CA GLU B 130 14.88 31.96 4.40
C GLU B 130 14.70 32.88 5.61
N MET B 131 13.53 33.51 5.70
CA MET B 131 13.23 34.46 6.75
C MET B 131 11.96 34.03 7.44
N LYS B 132 12.03 33.86 8.75
CA LYS B 132 10.88 33.37 9.48
C LYS B 132 9.62 34.21 9.29
N THR B 133 8.46 33.59 9.53
CA THR B 133 7.22 34.32 9.58
C THR B 133 7.34 35.50 10.54
N GLY B 134 6.86 36.66 10.08
CA GLY B 134 6.92 37.90 10.88
C GLY B 134 8.23 38.66 10.75
N GLU B 135 9.15 38.21 9.88
CA GLU B 135 10.41 38.90 9.68
C GLU B 135 10.34 40.09 8.69
N GLY B 136 9.24 40.19 7.94
CA GLY B 136 8.98 41.31 7.04
C GLY B 136 9.51 41.03 5.65
N LYS B 137 8.97 39.99 5.01
CA LYS B 137 9.52 39.58 3.72
C LYS B 137 9.10 40.56 2.63
N THR B 138 7.85 41.05 2.69
CA THR B 138 7.30 41.98 1.69
C THR B 138 8.22 43.19 1.53
N LEU B 139 8.61 43.79 2.65
CA LEU B 139 9.54 44.91 2.71
C LEU B 139 10.97 44.56 2.28
N THR B 140 11.48 43.43 2.74
CA THR B 140 12.85 42.98 2.44
C THR B 140 13.09 43.08 0.96
N CYS B 141 12.10 42.60 0.21
CA CYS B 141 12.02 42.52 -1.24
C CYS B 141 12.24 43.86 -1.97
N VAL B 142 11.91 44.98 -1.32
CA VAL B 142 11.95 46.26 -1.99
C VAL B 142 13.37 46.70 -2.41
N LEU B 143 14.37 46.40 -1.58
CA LEU B 143 15.72 46.82 -1.89
C LEU B 143 16.24 46.15 -3.19
N PRO B 144 16.26 44.82 -3.27
CA PRO B 144 16.81 44.20 -4.48
C PRO B 144 15.93 44.49 -5.70
N ALA B 145 14.62 44.69 -5.47
CA ALA B 145 13.71 45.04 -6.55
C ALA B 145 14.01 46.45 -7.13
N TYR B 146 14.10 47.44 -6.24
CA TYR B 146 14.64 48.72 -6.60
C TYR B 146 15.98 48.67 -7.35
N LEU B 147 16.97 48.04 -6.72
CA LEU B 147 18.29 48.00 -7.32
C LEU B 147 18.23 47.42 -8.72
N ASN B 148 17.63 46.25 -8.87
CA ASN B 148 17.61 45.60 -10.20
C ASN B 148 16.71 46.27 -11.26
N ALA B 149 15.69 47.02 -10.80
CA ALA B 149 14.77 47.71 -11.68
C ALA B 149 15.49 48.86 -12.34
N LEU B 150 16.43 49.48 -11.60
CA LEU B 150 17.27 50.55 -12.15
C LEU B 150 17.83 50.21 -13.50
N ALA B 151 18.13 48.94 -13.76
CA ALA B 151 18.75 48.52 -15.04
C ALA B 151 17.77 48.66 -16.22
N GLY B 152 16.49 48.96 -15.91
CA GLY B 152 15.46 49.14 -16.91
C GLY B 152 14.80 47.93 -17.58
N ASN B 153 15.09 46.70 -17.16
CA ASN B 153 14.49 45.57 -17.88
C ASN B 153 13.20 44.97 -17.32
N GLY B 154 12.79 45.37 -16.13
CA GLY B 154 11.64 44.74 -15.48
C GLY B 154 12.10 43.76 -14.43
N VAL B 155 11.29 43.66 -13.38
CA VAL B 155 11.51 42.76 -12.28
C VAL B 155 10.14 42.15 -11.99
N HIS B 156 10.05 40.83 -11.94
CA HIS B 156 8.79 40.18 -11.63
C HIS B 156 8.78 39.69 -10.19
N ILE B 157 7.83 40.16 -9.39
CA ILE B 157 7.66 39.64 -8.01
C ILE B 157 6.46 38.68 -8.02
N VAL B 158 6.64 37.46 -7.52
CA VAL B 158 5.62 36.45 -7.65
C VAL B 158 5.04 36.15 -6.28
N THR B 159 3.73 36.23 -6.13
CA THR B 159 3.12 35.80 -4.90
C THR B 159 2.13 34.68 -5.18
N VAL B 160 1.40 34.30 -4.15
CA VAL B 160 0.71 33.04 -4.17
C VAL B 160 -0.75 33.20 -4.63
N ASN B 161 -1.33 34.39 -4.49
CA ASN B 161 -2.66 34.65 -5.07
C ASN B 161 -2.87 36.14 -5.46
N ASP B 162 -3.97 36.39 -6.18
CA ASP B 162 -4.31 37.73 -6.67
C ASP B 162 -4.46 38.77 -5.60
N TYR B 163 -5.11 38.43 -4.49
CA TYR B 163 -5.22 39.37 -3.39
C TYR B 163 -3.83 39.82 -2.93
N LEU B 164 -2.88 38.90 -2.78
CA LEU B 164 -1.55 39.27 -2.33
C LEU B 164 -0.73 40.03 -3.41
N ALA B 165 -0.87 39.66 -4.67
CA ALA B 165 -0.14 40.39 -5.69
C ALA B 165 -0.63 41.85 -5.70
N LYS B 166 -1.94 42.07 -5.73
CA LYS B 166 -2.46 43.42 -5.61
C LYS B 166 -2.06 44.08 -4.30
N ARG B 167 -2.21 43.45 -3.13
CA ARG B 167 -1.79 44.20 -1.94
C ARG B 167 -0.30 44.51 -1.86
N ASP B 168 0.58 43.69 -2.41
CA ASP B 168 1.99 43.98 -2.28
C ASP B 168 2.39 45.13 -3.21
N SER B 169 1.96 45.00 -4.47
CA SER B 169 2.14 46.04 -5.47
C SER B 169 1.61 47.41 -5.01
N GLU B 170 0.48 47.43 -4.32
CA GLU B 170 -0.07 48.70 -3.86
C GLU B 170 0.59 49.21 -2.57
N TRP B 171 1.15 48.30 -1.79
CA TRP B 171 1.74 48.63 -0.50
C TRP B 171 3.19 49.02 -0.71
N MET B 172 4.00 48.08 -1.16
CA MET B 172 5.39 48.40 -1.44
C MET B 172 5.48 49.36 -2.61
N GLY B 173 4.48 49.31 -3.51
CA GLY B 173 4.42 50.23 -4.62
C GLY B 173 4.46 51.70 -4.19
N ARG B 174 4.01 52.00 -2.96
CA ARG B 174 4.17 53.36 -2.46
C ARG B 174 5.64 53.72 -2.33
N VAL B 175 6.48 52.79 -1.88
CA VAL B 175 7.89 53.11 -1.70
C VAL B 175 8.54 53.36 -3.08
N HIS B 176 8.44 52.38 -3.97
CA HIS B 176 8.95 52.50 -5.34
C HIS B 176 8.42 53.76 -6.06
N ARG B 177 7.12 54.06 -5.94
CA ARG B 177 6.55 55.23 -6.60
C ARG B 177 7.27 56.52 -6.08
N PHE B 178 7.51 56.56 -4.79
CA PHE B 178 8.24 57.66 -4.17
C PHE B 178 9.64 57.84 -4.76
N LEU B 179 10.22 56.75 -5.24
CA LEU B 179 11.57 56.80 -5.79
C LEU B 179 11.59 56.94 -7.31
N GLY B 180 10.43 57.28 -7.90
CA GLY B 180 10.29 57.51 -9.33
C GLY B 180 9.98 56.32 -10.23
N LEU B 181 9.85 55.11 -9.67
CA LEU B 181 9.51 53.92 -10.44
C LEU B 181 8.00 53.74 -10.70
N GLN B 182 7.63 53.04 -11.77
CA GLN B 182 6.25 52.52 -11.90
C GLN B 182 6.25 51.05 -11.53
N VAL B 183 5.19 50.69 -10.79
CA VAL B 183 4.90 49.34 -10.29
C VAL B 183 3.58 48.87 -10.91
N GLY B 184 3.55 47.68 -11.51
CA GLY B 184 2.31 47.14 -12.04
C GLY B 184 1.92 45.86 -11.33
N VAL B 185 0.65 45.44 -11.43
CA VAL B 185 0.24 44.09 -11.05
C VAL B 185 -0.47 43.46 -12.22
N ILE B 186 -0.27 42.17 -12.39
CA ILE B 186 -1.17 41.41 -13.28
C ILE B 186 -2.15 40.57 -12.47
N LEU B 187 -3.39 40.53 -12.90
CA LEU B 187 -4.43 39.83 -12.17
C LEU B 187 -5.17 38.94 -13.14
N ALA B 188 -5.87 37.95 -12.61
CA ALA B 188 -6.67 37.09 -13.46
C ALA B 188 -7.70 37.86 -14.33
N THR B 189 -8.25 38.96 -13.81
CA THR B 189 -9.25 39.63 -14.63
C THR B 189 -8.74 40.49 -15.79
N MET B 190 -7.43 40.71 -15.92
CA MET B 190 -7.05 41.84 -16.77
C MET B 190 -7.07 41.49 -18.23
N THR B 191 -7.32 42.49 -19.08
CA THR B 191 -7.25 42.26 -20.53
C THR B 191 -5.79 42.31 -20.99
N PRO B 192 -5.50 41.86 -22.20
CA PRO B 192 -4.12 41.96 -22.70
C PRO B 192 -3.60 43.40 -22.72
N ASP B 193 -4.38 44.41 -23.10
CA ASP B 193 -3.88 45.79 -23.03
C ASP B 193 -3.44 46.20 -21.62
N GLU B 194 -4.21 45.77 -20.60
CA GLU B 194 -3.92 46.18 -19.24
C GLU B 194 -2.66 45.43 -18.80
N ARG B 195 -2.63 44.16 -19.12
CA ARG B 195 -1.45 43.36 -18.88
C ARG B 195 -0.20 44.08 -19.43
N ARG B 196 -0.26 44.47 -20.69
CA ARG B 196 0.91 45.01 -21.37
C ARG B 196 1.47 46.21 -20.59
N VAL B 197 0.59 47.07 -20.10
CA VAL B 197 0.97 48.26 -19.34
C VAL B 197 1.69 47.86 -18.06
N ALA B 198 1.18 46.82 -17.41
CA ALA B 198 1.72 46.37 -16.14
C ALA B 198 3.11 45.77 -16.31
N TYR B 199 3.29 45.01 -17.38
CA TYR B 199 4.58 44.44 -17.74
C TYR B 199 5.57 45.53 -18.16
N ASN B 200 5.03 46.67 -18.60
CA ASN B 200 5.90 47.80 -18.98
C ASN B 200 6.36 48.63 -17.81
N ALA B 201 5.65 48.51 -16.68
CA ALA B 201 6.09 49.12 -15.43
C ALA B 201 7.49 48.61 -15.08
N ASP B 202 8.20 49.28 -14.16
CA ASP B 202 9.58 48.89 -13.81
C ASP B 202 9.57 47.60 -12.97
N ILE B 203 8.59 47.44 -12.09
CA ILE B 203 8.41 46.23 -11.29
C ILE B 203 7.00 45.72 -11.52
N THR B 204 6.82 44.41 -11.61
CA THR B 204 5.50 43.87 -11.88
C THR B 204 5.24 42.71 -10.93
N TYR B 205 4.16 42.83 -10.15
CA TYR B 205 3.68 41.79 -9.24
C TYR B 205 2.64 40.89 -9.92
N GLY B 206 2.62 39.62 -9.56
CA GLY B 206 1.58 38.72 -10.03
C GLY B 206 1.80 37.29 -9.56
N THR B 207 0.85 36.39 -9.87
CA THR B 207 0.98 34.98 -9.52
C THR B 207 1.70 34.18 -10.59
N ASN B 208 2.15 32.97 -10.23
CA ASN B 208 2.73 32.05 -11.22
C ASN B 208 1.74 31.74 -12.32
N ASN B 209 0.49 31.57 -11.96
CA ASN B 209 -0.56 31.42 -12.96
C ASN B 209 -0.56 32.53 -14.03
N GLU B 210 -0.58 33.80 -13.61
CA GLU B 210 -0.65 34.89 -14.55
C GLU B 210 0.68 35.00 -15.37
N PHE B 211 1.85 34.96 -14.71
CA PHE B 211 3.12 35.13 -15.45
C PHE B 211 3.29 34.05 -16.47
N GLY B 212 2.99 32.82 -16.06
CA GLY B 212 3.13 31.67 -16.91
C GLY B 212 2.12 31.56 -18.04
N PHE B 213 0.87 31.97 -17.81
CA PHE B 213 -0.14 31.87 -18.89
C PHE B 213 0.06 33.01 -19.89
N ASP B 214 0.51 34.18 -19.42
CA ASP B 214 0.89 35.25 -20.33
C ASP B 214 2.00 34.81 -21.28
N TYR B 215 2.94 34.03 -20.74
CA TYR B 215 4.02 33.47 -21.53
C TYR B 215 3.41 32.54 -22.57
N LEU B 216 2.44 31.71 -22.17
CA LEU B 216 1.89 30.73 -23.13
C LEU B 216 1.13 31.43 -24.25
N ARG B 217 0.36 32.45 -23.88
CA ARG B 217 -0.36 33.21 -24.87
C ARG B 217 0.57 33.95 -25.84
N ASP B 218 1.61 34.57 -25.29
CA ASP B 218 2.55 35.29 -26.13
C ASP B 218 3.07 34.36 -27.19
N ASN B 219 3.27 33.09 -26.85
CA ASN B 219 3.85 32.19 -27.81
C ASN B 219 2.83 31.51 -28.71
N MET B 220 1.58 31.91 -28.51
CA MET B 220 0.51 31.58 -29.43
C MET B 220 0.08 32.78 -30.30
N ALA B 221 0.51 33.98 -29.93
CA ALA B 221 0.07 35.21 -30.59
C ALA B 221 0.31 35.30 -32.10
N HIS B 222 -0.59 35.93 -32.82
CA HIS B 222 -0.48 35.97 -34.27
C HIS B 222 0.14 37.27 -34.75
N SER B 223 0.41 38.17 -33.83
CA SER B 223 1.06 39.42 -34.20
C SER B 223 1.87 40.00 -33.05
N LEU B 224 3.03 40.57 -33.38
CA LEU B 224 3.95 41.16 -32.39
C LEU B 224 3.31 42.23 -31.52
N ASP B 225 2.40 43.03 -32.11
CA ASP B 225 1.57 43.99 -31.38
C ASP B 225 1.03 43.37 -30.11
N ASP B 226 0.74 42.07 -30.18
CA ASP B 226 -0.11 41.44 -29.16
C ASP B 226 0.60 40.90 -27.93
N LEU B 227 1.93 40.71 -28.03
CA LEU B 227 2.73 40.28 -26.88
C LEU B 227 2.53 41.22 -25.69
N VAL B 228 2.37 40.64 -24.50
CA VAL B 228 2.18 41.40 -23.29
C VAL B 228 3.50 41.50 -22.52
N GLN B 229 4.28 40.42 -22.49
CA GLN B 229 5.48 40.36 -21.66
C GLN B 229 6.62 41.07 -22.34
N ARG B 230 7.74 41.27 -21.65
CA ARG B 230 8.94 41.79 -22.30
C ARG B 230 10.21 41.14 -21.78
N GLY B 231 10.22 39.80 -21.74
CA GLY B 231 11.39 39.08 -21.31
C GLY B 231 11.36 38.65 -19.85
N HIS B 232 12.41 37.98 -19.45
CA HIS B 232 12.43 37.29 -18.17
C HIS B 232 13.78 37.60 -17.57
N HIS B 233 13.79 38.72 -16.88
CA HIS B 233 15.03 39.27 -16.44
C HIS B 233 15.35 38.89 -15.00
N TYR B 234 14.47 39.22 -14.10
CA TYR B 234 14.68 38.90 -12.71
C TYR B 234 13.32 38.53 -12.09
N ALA B 235 13.24 37.37 -11.47
CA ALA B 235 12.04 37.05 -10.72
C ALA B 235 12.41 36.81 -9.27
N ILE B 236 11.69 37.48 -8.37
CA ILE B 236 11.75 37.20 -6.95
C ILE B 236 10.45 36.49 -6.61
N VAL B 237 10.58 35.20 -6.26
CA VAL B 237 9.41 34.41 -5.93
C VAL B 237 9.14 34.50 -4.43
N ASP B 238 8.05 35.14 -4.05
CA ASP B 238 7.67 35.24 -2.64
C ASP B 238 7.04 33.88 -2.33
N GLU B 239 7.06 33.39 -1.09
CA GLU B 239 6.65 32.00 -0.80
C GLU B 239 7.29 30.90 -1.74
N VAL B 240 8.62 30.91 -1.94
CA VAL B 240 9.27 30.03 -2.92
C VAL B 240 8.88 28.58 -2.78
N ASP B 241 8.83 28.11 -1.54
CA ASP B 241 8.53 26.71 -1.31
C ASP B 241 7.12 26.36 -1.79
N SER B 242 6.12 27.18 -1.54
CA SER B 242 4.78 26.94 -2.04
C SER B 242 4.67 26.86 -3.55
N ILE B 243 5.39 27.77 -4.23
CA ILE B 243 5.26 27.97 -5.66
C ILE B 243 6.24 27.07 -6.40
N LEU B 244 7.53 27.04 -6.00
CA LEU B 244 8.53 26.29 -6.77
C LEU B 244 8.54 24.81 -6.39
N ILE B 245 8.09 24.47 -5.19
CA ILE B 245 8.03 23.06 -4.80
C ILE B 245 6.62 22.59 -4.91
N ASP B 246 5.74 23.09 -4.04
CA ASP B 246 4.40 22.55 -3.94
C ASP B 246 3.57 22.68 -5.22
N GLU B 247 3.44 23.90 -5.73
CA GLU B 247 2.58 24.10 -6.90
C GLU B 247 3.22 23.53 -8.15
N ALA B 248 4.52 23.24 -8.10
CA ALA B 248 5.22 22.73 -9.27
C ALA B 248 4.86 21.30 -9.67
N ARG B 249 3.99 20.63 -8.93
CA ARG B 249 3.56 19.28 -9.32
C ARG B 249 2.63 19.25 -10.51
N THR B 250 2.01 20.39 -10.82
CA THR B 250 1.07 20.48 -11.95
C THR B 250 1.45 21.54 -12.96
N PRO B 251 1.37 21.18 -14.22
CA PRO B 251 1.78 22.11 -15.27
C PRO B 251 0.65 23.08 -15.63
N LEU B 252 1.01 24.14 -16.35
CA LEU B 252 0.09 25.13 -16.86
C LEU B 252 -0.30 24.66 -18.23
N ILE B 253 -1.60 24.50 -18.47
CA ILE B 253 -2.07 24.05 -19.75
C ILE B 253 -3.14 24.99 -20.27
N ILE B 254 -2.99 25.45 -21.50
CA ILE B 254 -4.07 26.06 -22.24
C ILE B 254 -4.55 24.95 -23.15
N SER B 255 -5.79 24.56 -22.97
CA SER B 255 -6.37 23.51 -23.81
C SER B 255 -7.53 24.12 -24.56
N GLY B 256 -7.98 23.39 -25.56
CA GLY B 256 -8.97 23.91 -26.45
C GLY B 256 -9.33 22.94 -27.54
N PRO B 257 -10.39 23.29 -28.28
CA PRO B 257 -10.87 22.48 -29.41
C PRO B 257 -9.78 22.32 -30.46
N ALA B 258 -9.66 21.09 -30.94
CA ALA B 258 -8.63 20.72 -31.89
C ALA B 258 -8.70 21.51 -33.23
N ASP B 259 -9.77 22.30 -33.45
CA ASP B 259 -9.87 23.18 -34.64
C ASP B 259 -10.20 22.40 -35.94
N GLY B 260 -10.92 21.28 -35.78
CA GLY B 260 -11.06 20.24 -36.78
C GLY B 260 -10.96 20.52 -38.28
N ALA B 261 -10.00 19.83 -38.93
CA ALA B 261 -10.03 19.59 -40.38
C ALA B 261 -11.06 18.49 -40.73
N SER B 262 -11.88 18.13 -39.72
CA SER B 262 -12.92 17.08 -39.80
C SER B 262 -13.73 17.01 -41.09
N ASN B 263 -14.07 18.16 -41.65
CA ASN B 263 -14.88 18.21 -42.86
C ASN B 263 -14.11 17.83 -44.13
N TRP B 264 -12.79 18.05 -44.12
CA TRP B 264 -11.93 17.63 -45.24
C TRP B 264 -11.67 16.15 -45.19
N TYR B 265 -11.62 15.60 -43.97
CA TYR B 265 -11.39 14.18 -43.77
C TYR B 265 -12.53 13.43 -44.42
N THR B 266 -13.74 13.89 -44.10
CA THR B 266 -14.96 13.33 -44.62
C THR B 266 -15.05 13.48 -46.14
N GLU B 267 -14.69 14.65 -46.64
CA GLU B 267 -14.75 14.92 -48.07
C GLU B 267 -13.87 13.96 -48.89
N PHE B 268 -12.66 13.72 -48.41
CA PHE B 268 -11.72 12.87 -49.14
C PHE B 268 -12.03 11.38 -49.02
N ALA B 269 -12.66 11.00 -47.91
CA ALA B 269 -13.24 9.66 -47.76
C ALA B 269 -14.40 9.41 -48.73
N ARG B 270 -15.17 10.46 -49.02
CA ARG B 270 -16.22 10.39 -50.02
C ARG B 270 -15.61 10.32 -51.44
N LEU B 271 -14.45 10.97 -51.60
CA LEU B 271 -13.78 11.09 -52.90
C LEU B 271 -12.92 9.89 -53.26
N ALA B 272 -12.18 9.37 -52.29
CA ALA B 272 -11.28 8.23 -52.53
C ALA B 272 -11.95 7.09 -53.31
N PRO B 273 -13.14 6.65 -52.88
CA PRO B 273 -13.89 5.59 -53.56
C PRO B 273 -14.24 5.86 -55.04
N LEU B 274 -14.52 7.11 -55.39
CA LEU B 274 -14.82 7.43 -56.79
C LEU B 274 -13.55 7.42 -57.65
N MET B 275 -12.40 7.16 -57.05
CA MET B 275 -11.15 7.17 -57.80
C MET B 275 -10.66 5.74 -58.08
N GLU B 276 -10.05 5.54 -59.24
CA GLU B 276 -9.74 4.22 -59.75
C GLU B 276 -8.24 3.89 -59.70
N LYS B 277 -7.90 2.76 -59.08
CA LYS B 277 -6.54 2.24 -59.10
C LYS B 277 -6.01 2.16 -60.53
N ASP B 278 -4.79 2.65 -60.72
CA ASP B 278 -4.06 2.63 -62.02
C ASP B 278 -4.64 3.55 -63.12
N VAL B 279 -5.70 4.30 -62.77
CA VAL B 279 -6.27 5.32 -63.64
C VAL B 279 -6.06 6.69 -62.99
N HIS B 280 -6.62 6.88 -61.79
CA HIS B 280 -6.43 8.11 -61.04
C HIS B 280 -5.15 8.13 -60.20
N TYR B 281 -4.62 6.95 -59.87
CA TYR B 281 -3.44 6.83 -59.01
C TYR B 281 -2.71 5.51 -59.18
N GLU B 282 -1.55 5.39 -58.55
CA GLU B 282 -0.82 4.13 -58.48
C GLU B 282 -0.48 3.82 -57.04
N VAL B 283 -0.33 2.53 -56.74
CA VAL B 283 0.03 2.10 -55.39
C VAL B 283 1.32 1.31 -55.46
N ASP B 284 2.34 1.77 -54.74
CA ASP B 284 3.53 0.97 -54.53
C ASP B 284 3.30 0.10 -53.30
N LEU B 285 3.05 -1.18 -53.55
CA LEU B 285 2.67 -2.14 -52.50
C LEU B 285 3.83 -2.47 -51.58
N ARG B 286 5.03 -2.57 -52.16
CA ARG B 286 6.24 -2.87 -51.42
C ARG B 286 6.66 -1.72 -50.51
N LYS B 287 6.34 -0.49 -50.92
CA LYS B 287 6.82 0.72 -50.23
C LYS B 287 5.87 1.35 -49.21
N ARG B 288 4.60 0.93 -49.18
CA ARG B 288 3.54 1.58 -48.39
C ARG B 288 3.33 3.03 -48.89
N THR B 289 3.12 3.15 -50.20
CA THR B 289 3.14 4.45 -50.88
C THR B 289 2.08 4.56 -51.97
N VAL B 290 1.66 5.78 -52.27
CA VAL B 290 0.64 6.05 -53.29
C VAL B 290 1.00 7.33 -54.05
N GLY B 291 0.86 7.31 -55.37
CA GLY B 291 1.05 8.53 -56.15
C GLY B 291 -0.16 8.85 -56.99
N VAL B 292 -0.58 10.12 -56.98
CA VAL B 292 -1.76 10.55 -57.74
C VAL B 292 -1.41 11.01 -59.17
N HIS B 293 -1.95 10.31 -60.18
CA HIS B 293 -1.69 10.65 -61.59
C HIS B 293 -2.38 11.94 -62.02
N GLU B 294 -1.88 12.52 -63.11
CA GLU B 294 -2.48 13.70 -63.76
C GLU B 294 -4.03 13.72 -63.77
N LYS B 295 -4.65 12.62 -64.22
CA LYS B 295 -6.10 12.49 -64.25
C LYS B 295 -6.75 12.63 -62.85
N GLY B 296 -6.12 12.04 -61.84
CA GLY B 296 -6.56 12.16 -60.44
C GLY B 296 -6.44 13.56 -59.85
N VAL B 297 -5.34 14.26 -60.11
CA VAL B 297 -5.20 15.65 -59.68
C VAL B 297 -6.36 16.49 -60.22
N GLU B 298 -6.60 16.35 -61.53
CA GLU B 298 -7.66 17.07 -62.21
C GLU B 298 -9.04 16.70 -61.67
N PHE B 299 -9.24 15.42 -61.38
CA PHE B 299 -10.54 14.99 -60.89
C PHE B 299 -10.90 15.69 -59.60
N VAL B 300 -9.98 15.62 -58.63
CA VAL B 300 -10.16 16.24 -57.32
C VAL B 300 -10.38 17.73 -57.48
N GLU B 301 -9.59 18.33 -58.36
CA GLU B 301 -9.69 19.76 -58.67
C GLU B 301 -11.12 20.14 -59.06
N ASP B 302 -11.68 19.42 -60.03
CA ASP B 302 -13.02 19.68 -60.57
C ASP B 302 -14.14 19.42 -59.55
N GLN B 303 -13.94 18.40 -58.71
CA GLN B 303 -14.88 18.06 -57.63
C GLN B 303 -14.93 19.15 -56.55
N LEU B 304 -13.84 19.89 -56.41
CA LEU B 304 -13.74 20.94 -55.38
C LEU B 304 -13.79 22.36 -55.91
N GLY B 305 -14.01 22.51 -57.21
CA GLY B 305 -14.09 23.81 -57.87
C GLY B 305 -12.86 24.68 -57.63
N ILE B 306 -11.71 24.02 -57.57
CA ILE B 306 -10.44 24.63 -57.18
C ILE B 306 -9.44 24.46 -58.34
N ASP B 307 -8.36 25.24 -58.36
CA ASP B 307 -7.42 25.17 -59.50
C ASP B 307 -6.06 24.50 -59.23
N ASN B 308 -5.76 24.25 -57.95
CA ASN B 308 -4.51 23.64 -57.51
C ASN B 308 -4.73 23.21 -56.08
N LEU B 309 -4.24 22.03 -55.72
CA LEU B 309 -4.48 21.54 -54.37
C LEU B 309 -3.66 22.28 -53.31
N TYR B 310 -2.88 23.26 -53.74
CA TYR B 310 -2.16 24.11 -52.81
C TYR B 310 -2.67 25.56 -52.83
N GLU B 311 -3.81 25.77 -53.47
CA GLU B 311 -4.33 27.14 -53.66
C GLU B 311 -5.07 27.70 -52.44
N ALA B 312 -5.67 26.82 -51.65
CA ALA B 312 -6.41 27.23 -50.46
C ALA B 312 -5.51 27.26 -49.21
N ALA B 313 -5.17 28.46 -48.73
CA ALA B 313 -4.36 28.64 -47.51
C ALA B 313 -4.98 27.84 -46.38
N ASN B 314 -4.14 27.10 -45.65
CA ASN B 314 -4.61 26.32 -44.49
C ASN B 314 -5.30 25.00 -44.74
N SER B 315 -5.39 24.57 -46.00
CA SER B 315 -5.90 23.23 -46.28
C SER B 315 -4.90 22.39 -47.09
N PRO B 316 -4.17 21.51 -46.43
CA PRO B 316 -3.15 20.68 -47.07
C PRO B 316 -3.75 19.53 -47.91
N LEU B 317 -4.47 19.89 -48.95
CA LEU B 317 -5.24 18.93 -49.75
C LEU B 317 -4.46 17.72 -50.28
N VAL B 318 -3.21 17.96 -50.68
CA VAL B 318 -2.31 16.88 -51.12
C VAL B 318 -2.19 15.79 -50.04
N SER B 319 -2.04 16.18 -48.77
CA SER B 319 -1.92 15.20 -47.71
C SER B 319 -3.22 14.45 -47.44
N TYR B 320 -4.34 15.19 -47.33
CA TYR B 320 -5.64 14.58 -47.12
C TYR B 320 -5.93 13.54 -48.20
N LEU B 321 -5.68 13.93 -49.45
CA LEU B 321 -5.97 13.07 -50.57
C LEU B 321 -5.13 11.80 -50.44
N ASN B 322 -3.82 11.99 -50.28
CA ASN B 322 -2.83 10.94 -50.18
C ASN B 322 -3.13 9.99 -49.03
N ASN B 323 -3.53 10.56 -47.90
CA ASN B 323 -3.90 9.77 -46.75
C ASN B 323 -5.13 8.93 -47.04
N ALA B 324 -6.14 9.58 -47.64
CA ALA B 324 -7.39 8.90 -47.98
C ALA B 324 -7.10 7.74 -48.91
N LEU B 325 -6.16 7.93 -49.83
CA LEU B 325 -5.79 6.87 -50.76
C LEU B 325 -4.95 5.77 -50.12
N LYS B 326 -4.14 6.10 -49.11
CA LYS B 326 -3.45 5.08 -48.31
C LYS B 326 -4.50 4.31 -47.52
N ALA B 327 -5.41 5.04 -46.89
CA ALA B 327 -6.51 4.45 -46.15
C ALA B 327 -7.30 3.44 -46.99
N LYS B 328 -7.55 3.77 -48.25
CA LYS B 328 -8.32 2.88 -49.10
C LYS B 328 -7.58 1.60 -49.48
N GLU B 329 -6.27 1.70 -49.68
CA GLU B 329 -5.51 0.63 -50.32
C GLU B 329 -4.57 -0.16 -49.41
N LEU B 330 -3.92 0.54 -48.48
CA LEU B 330 -2.81 -0.05 -47.73
C LEU B 330 -3.18 -0.56 -46.34
N PHE B 331 -4.34 -0.11 -45.85
CA PHE B 331 -4.83 -0.47 -44.52
C PHE B 331 -6.17 -1.19 -44.66
N SER B 332 -6.23 -2.37 -44.07
CA SER B 332 -7.38 -3.24 -44.25
C SER B 332 -8.11 -3.44 -42.93
N ARG B 333 -9.43 -3.24 -42.97
CA ARG B 333 -10.31 -3.47 -41.84
C ARG B 333 -10.37 -4.95 -41.45
N ASP B 334 -10.13 -5.24 -40.17
CA ASP B 334 -10.11 -6.62 -39.66
C ASP B 334 -8.80 -7.33 -39.98
N LYS B 335 -7.72 -6.56 -40.12
CA LYS B 335 -6.38 -7.10 -40.34
C LYS B 335 -5.29 -6.16 -39.78
N ASP B 336 -5.42 -4.86 -40.06
CA ASP B 336 -4.52 -3.85 -39.48
C ASP B 336 -5.16 -3.12 -38.33
N TYR B 337 -6.48 -2.91 -38.44
CA TYR B 337 -7.27 -2.25 -37.42
C TYR B 337 -8.67 -2.83 -37.41
N ILE B 338 -9.35 -2.68 -36.27
CA ILE B 338 -10.78 -2.93 -36.17
C ILE B 338 -11.50 -1.66 -35.74
N VAL B 339 -12.82 -1.63 -35.91
CA VAL B 339 -13.65 -0.51 -35.47
C VAL B 339 -14.57 -0.96 -34.34
N ARG B 340 -14.61 -0.23 -33.22
CA ARG B 340 -15.43 -0.72 -32.12
C ARG B 340 -16.57 0.11 -31.52
N ASP B 341 -16.30 1.15 -30.75
CA ASP B 341 -17.42 2.01 -30.37
C ASP B 341 -17.20 3.32 -31.07
N GLY B 342 -17.21 3.25 -32.40
CA GLY B 342 -16.67 4.30 -33.24
C GLY B 342 -15.22 4.68 -32.92
N GLU B 343 -14.42 3.71 -32.47
CA GLU B 343 -12.98 3.90 -32.34
C GLU B 343 -12.29 2.98 -33.33
N VAL B 344 -11.25 3.52 -33.96
CA VAL B 344 -10.36 2.73 -34.78
C VAL B 344 -9.27 2.19 -33.87
N LEU B 345 -9.17 0.87 -33.79
CA LEU B 345 -8.19 0.29 -32.91
C LEU B 345 -7.26 -0.57 -33.73
N ILE B 346 -5.96 -0.39 -33.51
CA ILE B 346 -4.96 -1.13 -34.23
C ILE B 346 -4.77 -2.51 -33.61
N VAL B 347 -4.68 -3.52 -34.48
CA VAL B 347 -4.45 -4.93 -34.11
C VAL B 347 -3.20 -5.44 -34.84
N ASP B 348 -2.50 -6.42 -34.27
CA ASP B 348 -1.31 -6.90 -34.95
C ASP B 348 -1.63 -8.00 -35.97
N GLU B 349 -0.72 -8.15 -36.94
CA GLU B 349 -0.83 -9.07 -38.09
C GLU B 349 -1.85 -10.23 -38.04
N PHE B 350 -1.55 -11.26 -37.23
CA PHE B 350 -2.35 -12.48 -37.13
C PHE B 350 -2.40 -13.02 -35.68
N THR B 351 -2.11 -12.14 -34.71
CA THR B 351 -2.60 -12.30 -33.36
C THR B 351 -4.04 -11.76 -33.35
N GLY B 352 -4.23 -10.63 -34.03
CA GLY B 352 -5.52 -9.97 -34.10
C GLY B 352 -5.92 -9.27 -32.80
N ARG B 353 -4.98 -9.11 -31.87
CA ARG B 353 -5.28 -8.48 -30.58
C ARG B 353 -5.05 -6.96 -30.61
N VAL B 354 -5.90 -6.22 -29.88
CA VAL B 354 -5.85 -4.77 -29.80
C VAL B 354 -4.56 -4.26 -29.17
N LEU B 355 -3.83 -3.47 -29.95
CA LEU B 355 -2.61 -2.81 -29.52
C LEU B 355 -3.04 -1.53 -28.87
N ILE B 356 -3.45 -1.65 -27.61
CA ILE B 356 -4.07 -0.54 -26.93
C ILE B 356 -3.11 0.62 -26.78
N GLY B 357 -3.62 1.82 -27.01
CA GLY B 357 -2.84 3.02 -26.92
C GLY B 357 -2.24 3.49 -28.24
N ARG B 358 -2.48 2.77 -29.33
CA ARG B 358 -1.80 3.09 -30.58
C ARG B 358 -2.72 3.73 -31.57
N ARG B 359 -2.35 4.90 -32.09
CA ARG B 359 -3.08 5.48 -33.21
C ARG B 359 -2.19 5.60 -34.42
N TYR B 360 -2.77 5.99 -35.53
CA TYR B 360 -2.01 6.17 -36.74
C TYR B 360 -1.46 7.59 -36.84
N ASN B 361 -0.42 7.75 -37.65
CA ASN B 361 0.39 8.98 -37.66
C ASN B 361 0.13 10.00 -38.78
N GLU B 362 0.21 11.30 -38.42
CA GLU B 362 0.21 12.40 -39.42
C GLU B 362 -1.16 12.63 -40.12
N GLY B 363 -2.26 12.45 -39.37
CA GLY B 363 -3.64 12.49 -39.89
C GLY B 363 -4.15 11.24 -40.62
N MET B 364 -3.36 10.16 -40.63
CA MET B 364 -3.80 8.91 -41.20
C MET B 364 -4.95 8.34 -40.42
N HIS B 365 -4.94 8.54 -39.10
CA HIS B 365 -5.97 8.01 -38.23
C HIS B 365 -7.36 8.55 -38.55
N GLN B 366 -7.43 9.86 -38.77
CA GLN B 366 -8.69 10.49 -39.14
C GLN B 366 -9.15 10.01 -40.51
N ALA B 367 -8.20 9.83 -41.42
CA ALA B 367 -8.48 9.30 -42.74
C ALA B 367 -9.10 7.93 -42.61
N ILE B 368 -8.61 7.14 -41.64
CA ILE B 368 -9.19 5.82 -41.46
C ILE B 368 -10.58 5.90 -40.86
N GLU B 369 -10.74 6.70 -39.79
CA GLU B 369 -12.05 6.99 -39.23
C GLU B 369 -13.05 7.38 -40.33
N ALA B 370 -12.63 8.28 -41.22
CA ALA B 370 -13.49 8.78 -42.27
C ALA B 370 -13.90 7.66 -43.22
N LYS B 371 -12.90 6.88 -43.64
CA LYS B 371 -13.10 5.72 -44.51
C LYS B 371 -14.15 4.77 -43.93
N GLU B 372 -14.15 4.60 -42.61
CA GLU B 372 -15.10 3.69 -41.95
C GLU B 372 -16.42 4.34 -41.52
N HIS B 373 -16.70 5.53 -42.06
CA HIS B 373 -17.87 6.35 -41.68
C HIS B 373 -18.07 6.44 -40.18
N VAL B 374 -16.98 6.54 -39.44
CA VAL B 374 -17.04 6.74 -38.00
C VAL B 374 -17.18 8.22 -37.75
N GLU B 375 -18.07 8.58 -36.82
CA GLU B 375 -18.27 9.99 -36.47
C GLU B 375 -16.98 10.55 -35.92
N ILE B 376 -16.49 11.64 -36.53
CA ILE B 376 -15.23 12.28 -36.11
C ILE B 376 -15.48 13.24 -34.94
N LYS B 377 -15.23 12.69 -33.74
CA LYS B 377 -15.60 13.29 -32.45
C LYS B 377 -14.92 14.64 -32.21
N ALA B 378 -15.78 15.62 -31.90
CA ALA B 378 -15.35 16.97 -31.49
C ALA B 378 -14.59 16.91 -30.13
N GLU B 379 -13.36 17.42 -30.12
CA GLU B 379 -12.41 17.09 -29.05
C GLU B 379 -11.62 18.25 -28.44
N ASN B 380 -10.94 18.01 -27.33
CA ASN B 380 -10.04 19.01 -26.77
C ASN B 380 -8.63 18.49 -26.67
N GLN B 381 -7.67 19.41 -26.70
CA GLN B 381 -6.26 19.07 -26.65
C GLN B 381 -5.48 20.20 -26.03
N THR B 382 -4.23 19.90 -25.74
CA THR B 382 -3.27 20.87 -25.31
C THR B 382 -2.97 21.80 -26.49
N LEU B 383 -2.94 23.09 -26.22
CA LEU B 383 -2.56 24.06 -27.22
C LEU B 383 -1.24 24.72 -26.84
N ALA B 384 -0.93 24.75 -25.55
CA ALA B 384 0.32 25.28 -25.02
C ALA B 384 0.55 24.73 -23.61
N THR B 385 1.81 24.41 -23.27
CA THR B 385 2.20 24.06 -21.90
C THR B 385 3.59 24.48 -21.54
N ILE B 386 3.77 24.67 -20.24
CA ILE B 386 5.09 24.70 -19.63
C ILE B 386 4.80 24.36 -18.16
N THR B 387 5.72 23.63 -17.50
CA THR B 387 5.67 23.43 -16.03
C THR B 387 6.24 24.67 -15.37
N LEU B 388 6.00 24.82 -14.06
CA LEU B 388 6.53 25.98 -13.34
C LEU B 388 8.06 25.96 -13.37
N GLN B 389 8.64 24.76 -13.39
CA GLN B 389 10.07 24.63 -13.32
C GLN B 389 10.72 25.21 -14.56
N ASN B 390 10.36 24.72 -15.74
CA ASN B 390 10.83 25.30 -16.98
C ASN B 390 10.41 26.77 -17.19
N TYR B 391 9.26 27.18 -16.66
CA TYR B 391 8.90 28.59 -16.74
C TYR B 391 9.97 29.41 -16.01
N PHE B 392 10.14 29.16 -14.72
CA PHE B 392 11.04 29.97 -13.93
C PHE B 392 12.53 29.83 -14.25
N ARG B 393 12.88 28.77 -14.99
CA ARG B 393 14.22 28.58 -15.47
C ARG B 393 14.54 29.58 -16.59
N LEU B 394 13.53 30.30 -17.08
CA LEU B 394 13.75 31.26 -18.16
C LEU B 394 14.42 32.53 -17.65
N TYR B 395 14.14 32.97 -16.44
CA TYR B 395 14.73 34.22 -15.98
C TYR B 395 16.26 34.18 -15.98
N ASP B 396 16.91 35.31 -16.33
CA ASP B 396 18.38 35.45 -16.16
C ASP B 396 18.77 35.45 -14.69
N LYS B 397 17.92 35.90 -13.81
CA LYS B 397 18.29 35.80 -12.41
C LYS B 397 17.04 35.47 -11.60
N LEU B 398 17.18 34.51 -10.67
CA LEU B 398 16.05 34.04 -9.88
C LEU B 398 16.35 34.20 -8.41
N ALA B 399 15.35 34.57 -7.62
CA ALA B 399 15.51 34.54 -6.18
C ALA B 399 14.16 34.24 -5.49
N GLY B 400 14.11 34.24 -4.16
CA GLY B 400 12.90 33.83 -3.49
C GLY B 400 12.96 34.00 -1.99
N MET B 401 11.81 34.01 -1.33
CA MET B 401 11.79 34.15 0.11
C MET B 401 10.76 33.19 0.69
N THR B 402 10.97 32.76 1.93
CA THR B 402 10.04 31.87 2.61
C THR B 402 10.53 31.66 4.02
N GLY B 403 9.63 31.27 4.92
CA GLY B 403 10.03 30.92 6.27
C GLY B 403 10.59 29.49 6.36
N THR B 404 10.40 28.72 5.30
CA THR B 404 10.70 27.28 5.35
C THR B 404 11.21 26.86 3.99
N ALA B 405 12.53 26.73 3.87
CA ALA B 405 13.16 26.35 2.62
C ALA B 405 14.31 25.34 2.77
N GLN B 406 14.99 25.32 3.91
CA GLN B 406 16.14 24.41 4.07
C GLN B 406 15.80 22.95 3.81
N THR B 407 14.61 22.51 4.19
CA THR B 407 14.21 21.15 3.90
C THR B 407 14.01 20.94 2.39
N GLU B 408 13.97 22.00 1.60
CA GLU B 408 13.84 21.83 0.17
C GLU B 408 15.16 22.15 -0.59
N ALA B 409 16.22 22.38 0.17
CA ALA B 409 17.44 22.94 -0.39
C ALA B 409 18.04 22.11 -1.52
N ALA B 410 18.12 20.79 -1.37
CA ALA B 410 18.66 19.97 -2.46
C ALA B 410 17.84 20.14 -3.75
N GLU B 411 16.52 20.20 -3.64
CA GLU B 411 15.74 20.29 -4.84
C GLU B 411 15.81 21.70 -5.51
N LEU B 412 15.76 22.75 -4.69
CA LEU B 412 15.97 24.12 -5.17
C LEU B 412 17.31 24.26 -5.92
N HIS B 413 18.34 23.59 -5.41
CA HIS B 413 19.65 23.75 -5.94
C HIS B 413 19.75 23.02 -7.24
N GLU B 414 19.25 21.79 -7.29
CA GLU B 414 19.41 21.00 -8.48
C GLU B 414 18.49 21.47 -9.61
N ILE B 415 17.25 21.84 -9.30
CA ILE B 415 16.29 22.25 -10.33
C ILE B 415 16.52 23.70 -10.81
N TYR B 416 16.79 24.61 -9.87
CA TYR B 416 16.79 26.03 -10.18
C TYR B 416 18.14 26.69 -9.96
N LYS B 417 19.12 25.91 -9.51
CA LYS B 417 20.38 26.50 -9.03
C LYS B 417 20.14 27.59 -8.00
N LEU B 418 19.10 27.50 -7.18
CA LEU B 418 18.94 28.41 -6.07
C LEU B 418 19.60 27.90 -4.82
N GLY B 419 20.38 28.73 -4.13
CA GLY B 419 20.92 28.36 -2.83
C GLY B 419 20.04 28.87 -1.72
N VAL B 420 20.10 28.27 -0.53
CA VAL B 420 19.21 28.69 0.55
C VAL B 420 20.01 29.24 1.72
N VAL B 421 19.73 30.48 2.11
CA VAL B 421 20.44 31.17 3.19
C VAL B 421 19.48 31.41 4.31
N SER B 422 19.77 30.87 5.49
CA SER B 422 18.91 31.15 6.65
C SER B 422 19.31 32.50 7.26
N ILE B 423 18.50 33.52 7.02
CA ILE B 423 18.76 34.83 7.58
C ILE B 423 18.48 34.77 9.09
N PRO B 424 19.42 35.17 9.94
CA PRO B 424 19.11 35.21 11.38
C PRO B 424 17.94 36.12 11.62
N THR B 425 17.27 35.72 12.66
CA THR B 425 16.04 36.30 13.04
C THR B 425 16.35 37.61 13.79
N ASN B 426 15.51 38.62 13.60
CA ASN B 426 15.70 39.94 14.21
C ASN B 426 15.75 39.95 15.73
N MET B 427 14.76 39.33 16.38
CA MET B 427 14.79 39.07 17.84
C MET B 427 14.98 37.56 18.11
N PRO B 428 15.54 37.19 19.26
CA PRO B 428 15.63 35.75 19.62
C PRO B 428 14.27 35.03 19.68
N MET B 429 14.06 34.02 18.85
CA MET B 429 12.81 33.24 18.88
C MET B 429 12.67 32.44 20.18
N ILE B 430 11.52 32.58 20.84
CA ILE B 430 11.31 31.96 22.15
C ILE B 430 9.99 31.18 22.25
N ARG B 431 9.34 30.95 21.11
CA ARG B 431 8.11 30.17 21.04
C ARG B 431 8.37 28.73 21.47
N GLU B 432 7.45 28.19 22.25
CA GLU B 432 7.55 26.81 22.70
C GLU B 432 6.73 25.90 21.81
N ASP B 433 7.42 25.12 20.98
CA ASP B 433 6.78 24.07 20.21
C ASP B 433 6.70 22.78 21.02
N GLN B 434 5.48 22.45 21.44
CA GLN B 434 5.19 21.23 22.21
C GLN B 434 5.20 19.99 21.33
N SER B 435 5.47 18.83 21.92
CA SER B 435 5.42 17.60 21.16
C SER B 435 3.95 17.17 20.97
N ASP B 436 3.69 16.41 19.91
CA ASP B 436 2.34 16.00 19.50
C ASP B 436 1.54 15.26 20.56
N LEU B 437 0.21 15.42 20.55
CA LEU B 437 -0.67 14.63 21.42
C LEU B 437 -1.50 13.67 20.55
N ILE B 438 -1.26 12.37 20.68
CA ILE B 438 -1.83 11.39 19.77
C ILE B 438 -2.92 10.61 20.46
N TYR B 439 -4.09 10.54 19.83
CA TYR B 439 -5.26 9.89 20.38
C TYR B 439 -5.73 8.74 19.49
N LYS B 440 -6.32 7.70 20.08
CA LYS B 440 -6.86 6.58 19.31
C LYS B 440 -7.94 6.93 18.28
N THR B 441 -8.82 7.89 18.61
CA THR B 441 -9.94 8.19 17.72
C THR B 441 -10.05 9.71 17.49
N GLU B 442 -10.55 10.13 16.33
CA GLU B 442 -10.82 11.54 16.06
C GLU B 442 -11.66 12.09 17.21
N GLU B 443 -12.65 11.31 17.61
CA GLU B 443 -13.55 11.70 18.68
C GLU B 443 -12.81 12.22 19.91
N ALA B 444 -11.90 11.41 20.43
CA ALA B 444 -11.11 11.74 21.61
C ALA B 444 -10.17 12.91 21.36
N LYS B 445 -9.59 12.98 20.17
CA LYS B 445 -8.74 14.11 19.81
C LYS B 445 -9.56 15.40 19.86
N TYR B 446 -10.77 15.36 19.29
CA TYR B 446 -11.54 16.60 19.11
C TYR B 446 -12.14 17.14 20.42
N ILE B 447 -12.72 16.29 21.29
CA ILE B 447 -13.08 16.81 22.60
C ILE B 447 -11.81 17.26 23.38
N ALA B 448 -10.69 16.57 23.18
CA ALA B 448 -9.45 17.03 23.79
C ALA B 448 -9.08 18.44 23.33
N VAL B 449 -9.22 18.72 22.02
CA VAL B 449 -8.97 20.04 21.43
C VAL B 449 -9.95 21.10 21.98
N VAL B 450 -11.24 20.82 21.90
CA VAL B 450 -12.23 21.80 22.34
C VAL B 450 -12.00 22.27 23.79
N ASP B 451 -11.47 21.38 24.62
CA ASP B 451 -11.16 21.71 26.03
C ASP B 451 -10.01 22.68 26.17
N ASP B 452 -8.99 22.50 25.34
CA ASP B 452 -7.85 23.38 25.36
C ASP B 452 -8.33 24.79 24.97
N VAL B 453 -8.93 24.90 23.78
CA VAL B 453 -9.47 26.17 23.24
C VAL B 453 -10.36 26.88 24.26
N ALA B 454 -11.30 26.15 24.86
CA ALA B 454 -12.17 26.71 25.91
C ALA B 454 -11.43 27.32 27.10
N GLU B 455 -10.35 26.65 27.54
CA GLU B 455 -9.51 27.15 28.63
C GLU B 455 -8.78 28.41 28.19
N ARG B 456 -8.16 28.34 27.00
CA ARG B 456 -7.44 29.46 26.42
C ARG B 456 -8.34 30.70 26.29
N TYR B 457 -9.53 30.48 25.71
CA TYR B 457 -10.50 31.54 25.50
C TYR B 457 -10.86 32.21 26.81
N ALA B 458 -10.98 31.41 27.86
CA ALA B 458 -11.33 31.93 29.17
C ALA B 458 -10.19 32.77 29.76
N LYS B 459 -8.95 32.38 29.51
CA LYS B 459 -7.80 33.18 29.92
C LYS B 459 -7.62 34.42 29.02
N GLY B 460 -8.35 34.47 27.91
CA GLY B 460 -8.17 35.51 26.92
C GLY B 460 -7.13 35.23 25.82
N GLN B 461 -6.26 34.24 26.03
CA GLN B 461 -5.21 33.93 25.05
C GLN B 461 -5.82 33.64 23.68
N PRO B 462 -5.32 34.28 22.63
CA PRO B 462 -5.84 34.04 21.28
C PRO B 462 -5.36 32.70 20.73
N VAL B 463 -6.24 32.05 19.99
CA VAL B 463 -5.91 30.77 19.39
C VAL B 463 -6.11 30.77 17.88
N LEU B 464 -5.16 30.14 17.19
CA LEU B 464 -5.28 29.75 15.80
C LEU B 464 -5.36 28.20 15.74
N ILE B 465 -6.47 27.67 15.25
CA ILE B 465 -6.65 26.24 15.19
C ILE B 465 -6.60 25.84 13.74
N GLY B 466 -5.61 25.04 13.36
CA GLY B 466 -5.48 24.69 11.96
C GLY B 466 -6.20 23.39 11.72
N THR B 467 -6.95 23.30 10.64
CA THR B 467 -7.43 22.00 10.20
C THR B 467 -6.97 21.74 8.81
N THR B 468 -7.65 20.83 8.14
CA THR B 468 -7.14 20.37 6.87
C THR B 468 -8.20 20.03 5.85
N SER B 469 -9.45 20.31 6.22
CA SER B 469 -10.57 20.29 5.29
C SER B 469 -11.71 21.20 5.79
N VAL B 470 -12.43 21.78 4.85
CA VAL B 470 -13.57 22.61 5.16
C VAL B 470 -14.49 21.86 6.10
N GLU B 471 -14.68 20.56 5.84
CA GLU B 471 -15.67 19.84 6.63
C GLU B 471 -15.25 19.64 8.09
N ARG B 472 -13.95 19.51 8.35
CA ARG B 472 -13.48 19.40 9.73
C ARG B 472 -13.53 20.76 10.49
N SER B 473 -13.20 21.85 9.80
CA SER B 473 -13.32 23.19 10.35
C SER B 473 -14.75 23.49 10.78
N GLU B 474 -15.70 23.14 9.91
CA GLU B 474 -17.13 23.24 10.23
C GLU B 474 -17.56 22.38 11.42
N TYR B 475 -17.14 21.10 11.46
CA TYR B 475 -17.49 20.28 12.62
C TYR B 475 -16.99 20.96 13.90
N LEU B 476 -15.75 21.47 13.85
CA LEU B 476 -15.12 22.11 14.98
C LEU B 476 -15.86 23.39 15.38
N SER B 477 -16.21 24.18 14.36
CA SER B 477 -17.06 25.36 14.52
C SER B 477 -18.36 25.01 15.29
N ARG B 478 -19.03 23.96 14.83
CA ARG B 478 -20.29 23.52 15.47
C ARG B 478 -20.12 23.15 16.93
N GLN B 479 -18.95 22.61 17.28
CA GLN B 479 -18.61 22.30 18.66
C GLN B 479 -18.43 23.59 19.45
N PHE B 480 -17.48 24.40 18.99
CA PHE B 480 -17.22 25.72 19.58
C PHE B 480 -18.52 26.47 19.94
N THR B 481 -19.43 26.54 18.98
CA THR B 481 -20.77 27.12 19.12
C THR B 481 -21.56 26.49 20.29
N LYS B 482 -21.63 25.15 20.31
CA LYS B 482 -22.27 24.46 21.41
C LYS B 482 -21.58 24.75 22.75
N ARG B 483 -20.29 25.10 22.72
CA ARG B 483 -19.56 25.42 23.96
C ARG B 483 -19.64 26.92 24.35
N ARG B 484 -20.32 27.69 23.49
CA ARG B 484 -20.52 29.14 23.63
C ARG B 484 -19.26 29.99 23.34
N ILE B 485 -18.40 29.52 22.43
CA ILE B 485 -17.14 30.21 22.10
C ILE B 485 -17.20 30.94 20.75
N PRO B 486 -17.30 32.26 20.74
CA PRO B 486 -17.40 32.99 19.47
C PRO B 486 -16.09 32.85 18.71
N HIS B 487 -16.16 32.76 17.39
CA HIS B 487 -15.00 32.40 16.57
C HIS B 487 -15.26 32.65 15.07
N ASN B 488 -14.24 32.50 14.23
CA ASN B 488 -14.41 32.54 12.79
C ASN B 488 -13.79 31.34 12.10
N VAL B 489 -14.47 30.90 11.05
CA VAL B 489 -13.92 29.89 10.15
C VAL B 489 -13.40 30.55 8.88
N LEU B 490 -12.12 30.38 8.61
CA LEU B 490 -11.48 30.88 7.40
C LEU B 490 -11.18 29.70 6.48
N ASN B 491 -11.88 29.64 5.35
CA ASN B 491 -11.81 28.46 4.48
C ASN B 491 -10.95 28.56 3.25
N ALA B 492 -10.10 29.59 3.19
CA ALA B 492 -9.12 29.78 2.07
C ALA B 492 -9.81 30.04 0.74
N LYS B 493 -10.99 30.66 0.82
CA LYS B 493 -11.89 30.85 -0.30
C LYS B 493 -11.91 32.32 -0.73
N TYR B 494 -12.21 33.21 0.21
CA TYR B 494 -12.22 34.66 -0.02
C TYR B 494 -11.05 35.36 0.68
N HIS B 495 -9.96 35.57 -0.06
CA HIS B 495 -8.70 36.00 0.55
C HIS B 495 -8.77 37.36 1.27
N GLU B 496 -9.39 38.36 0.64
CA GLU B 496 -9.44 39.65 1.29
C GLU B 496 -10.27 39.65 2.58
N GLN B 497 -11.45 39.02 2.57
CA GLN B 497 -12.22 38.92 3.79
C GLN B 497 -11.46 38.15 4.86
N GLU B 498 -10.73 37.13 4.44
CA GLU B 498 -10.04 36.29 5.38
C GLU B 498 -8.80 36.97 5.97
N ALA B 499 -8.09 37.76 5.17
CA ALA B 499 -7.09 38.69 5.69
C ALA B 499 -7.69 39.64 6.78
N THR B 500 -8.78 40.33 6.47
CA THR B 500 -9.35 41.23 7.43
C THR B 500 -9.48 40.58 8.80
N ILE B 501 -10.01 39.35 8.84
CA ILE B 501 -10.20 38.66 10.11
C ILE B 501 -8.84 38.27 10.70
N ILE B 502 -7.98 37.65 9.89
CA ILE B 502 -6.74 37.12 10.39
C ILE B 502 -5.86 38.22 10.98
N ALA B 503 -5.89 39.40 10.37
CA ALA B 503 -5.11 40.54 10.87
C ALA B 503 -5.36 40.93 12.34
N VAL B 504 -6.56 40.65 12.85
CA VAL B 504 -6.85 40.88 14.26
C VAL B 504 -6.96 39.59 15.10
N ALA B 505 -6.46 38.48 14.59
CA ALA B 505 -6.56 37.18 15.31
C ALA B 505 -5.70 37.04 16.59
N GLY B 506 -4.68 37.88 16.73
CA GLY B 506 -3.77 37.89 17.88
C GLY B 506 -4.19 38.93 18.92
N ARG B 507 -5.51 39.04 19.08
CA ARG B 507 -6.17 39.90 20.06
C ARG B 507 -6.76 39.03 21.13
N ARG B 508 -6.96 39.56 22.33
CA ARG B 508 -7.58 38.77 23.39
C ARG B 508 -8.95 38.26 22.98
N GLY B 509 -9.23 37.02 23.37
CA GLY B 509 -10.50 36.37 23.11
C GLY B 509 -10.55 35.82 21.70
N GLY B 510 -9.47 36.00 20.97
CA GLY B 510 -9.44 35.67 19.56
C GLY B 510 -9.46 34.17 19.34
N VAL B 511 -10.44 33.71 18.58
CA VAL B 511 -10.56 32.30 18.23
C VAL B 511 -10.74 32.18 16.70
N THR B 512 -9.76 31.59 16.04
CA THR B 512 -9.75 31.54 14.59
C THR B 512 -9.43 30.14 14.09
N VAL B 513 -10.41 29.50 13.44
CA VAL B 513 -10.19 28.20 12.81
C VAL B 513 -9.77 28.44 11.35
N ALA B 514 -8.65 27.85 10.92
CA ALA B 514 -8.16 28.12 9.59
C ALA B 514 -7.97 26.85 8.78
N THR B 515 -8.84 26.60 7.81
CA THR B 515 -8.64 25.40 7.03
C THR B 515 -7.57 25.54 5.94
N ASN B 516 -6.83 24.45 5.76
CA ASN B 516 -5.66 24.45 4.89
C ASN B 516 -4.78 25.62 5.23
N MET B 517 -4.20 26.37 4.35
CA MET B 517 -3.45 27.36 5.11
C MET B 517 -4.05 28.75 5.13
N ALA B 518 -5.36 28.80 5.38
CA ALA B 518 -6.16 30.03 5.28
C ALA B 518 -5.46 31.24 5.91
N GLY B 519 -5.66 32.39 5.28
CA GLY B 519 -5.06 33.63 5.74
C GLY B 519 -3.58 33.67 5.50
N ARG B 520 -3.09 32.85 4.56
CA ARG B 520 -1.67 32.85 4.22
C ARG B 520 -1.30 34.26 3.80
N GLY B 521 -0.19 34.75 4.37
CA GLY B 521 0.37 36.02 3.94
C GLY B 521 0.09 37.20 4.83
N THR B 522 -0.96 37.12 5.67
CA THR B 522 -1.25 38.17 6.63
C THR B 522 -0.72 37.78 8.01
N ASP B 523 0.27 38.55 8.48
CA ASP B 523 0.98 38.29 9.73
C ASP B 523 0.10 38.55 10.92
N ILE B 524 0.10 37.61 11.88
CA ILE B 524 -0.81 37.68 12.99
C ILE B 524 -0.15 38.41 14.13
N VAL B 525 -0.10 39.72 14.01
CA VAL B 525 0.58 40.56 15.00
C VAL B 525 -0.22 40.64 16.29
N LEU B 526 0.47 40.38 17.41
CA LEU B 526 -0.16 40.44 18.71
C LEU B 526 -0.63 41.87 18.93
N GLY B 527 -1.91 42.02 19.26
CA GLY B 527 -2.53 43.32 19.32
C GLY B 527 -3.26 43.71 18.05
N GLY B 528 -2.72 43.32 16.91
CA GLY B 528 -3.30 43.61 15.62
C GLY B 528 -2.18 43.99 14.67
N ASN B 529 -2.22 43.48 13.44
CA ASN B 529 -1.30 43.89 12.36
C ASN B 529 -1.52 45.38 12.05
N VAL B 530 -0.58 46.21 12.46
CA VAL B 530 -0.86 47.63 12.56
C VAL B 530 -0.97 48.25 11.16
N ASP B 531 0.01 47.93 10.33
CA ASP B 531 -0.04 48.25 8.91
C ASP B 531 -1.33 47.83 8.21
N PHE B 532 -1.69 46.55 8.33
CA PHE B 532 -2.93 46.08 7.74
C PHE B 532 -4.10 46.97 8.18
N LEU B 533 -4.16 47.29 9.46
CA LEU B 533 -5.27 48.00 10.04
C LEU B 533 -5.28 49.45 9.62
N THR B 534 -4.09 50.02 9.45
CA THR B 534 -4.00 51.41 9.07
C THR B 534 -4.50 51.58 7.66
N ASP B 535 -4.06 50.67 6.78
CA ASP B 535 -4.48 50.61 5.38
C ASP B 535 -5.96 50.44 5.25
N GLN B 536 -6.48 49.45 5.95
CA GLN B 536 -7.91 49.15 5.95
C GLN B 536 -8.79 50.31 6.38
N ARG B 537 -8.33 51.06 7.39
CA ARG B 537 -9.09 52.18 7.96
C ARG B 537 -9.08 53.36 6.98
N LEU B 538 -7.93 53.54 6.31
CA LEU B 538 -7.85 54.56 5.28
C LEU B 538 -8.80 54.23 4.12
N ARG B 539 -8.74 53.00 3.62
CA ARG B 539 -9.59 52.56 2.52
C ARG B 539 -11.11 52.56 2.78
N GLU B 540 -11.58 52.16 3.95
CA GLU B 540 -13.02 52.16 4.06
C GLU B 540 -13.65 53.55 4.22
N ARG B 541 -12.80 54.57 4.10
CA ARG B 541 -13.22 55.96 3.89
C ARG B 541 -12.99 56.43 2.42
N GLY B 542 -12.59 55.55 1.50
CA GLY B 542 -12.55 55.97 0.12
C GLY B 542 -11.16 56.33 -0.39
N LEU B 543 -10.12 56.16 0.41
CA LEU B 543 -8.80 56.56 -0.02
C LEU B 543 -8.11 55.38 -0.66
N ASP B 544 -7.10 55.68 -1.47
CA ASP B 544 -6.43 54.70 -2.27
C ASP B 544 -5.01 55.16 -2.58
N PRO B 545 -4.04 54.26 -2.37
CA PRO B 545 -2.63 54.61 -2.56
C PRO B 545 -2.38 55.09 -3.95
N VAL B 546 -3.18 54.66 -4.93
CA VAL B 546 -2.98 55.09 -6.32
C VAL B 546 -3.95 56.17 -6.75
N GLU B 547 -5.24 56.01 -6.45
CA GLU B 547 -6.24 57.01 -6.87
C GLU B 547 -6.18 58.32 -6.08
N THR B 548 -5.77 58.25 -4.81
CA THR B 548 -5.68 59.46 -3.98
C THR B 548 -4.33 59.50 -3.24
N PRO B 549 -3.23 59.53 -3.99
CA PRO B 549 -1.91 59.26 -3.40
C PRO B 549 -1.53 60.24 -2.28
N GLU B 550 -1.68 61.52 -2.52
CA GLU B 550 -1.22 62.51 -1.55
C GLU B 550 -1.94 62.36 -0.23
N GLU B 551 -3.25 62.18 -0.31
CA GLU B 551 -4.13 62.14 0.83
C GLU B 551 -3.95 60.84 1.61
N TYR B 552 -3.69 59.74 0.87
CA TYR B 552 -3.45 58.43 1.48
C TYR B 552 -2.22 58.52 2.37
N GLU B 553 -1.14 59.07 1.82
CA GLU B 553 0.14 59.24 2.51
C GLU B 553 -0.03 60.16 3.72
N ALA B 554 -0.80 61.22 3.53
CA ALA B 554 -1.01 62.18 4.60
C ALA B 554 -1.70 61.45 5.74
N ALA B 555 -2.70 60.64 5.37
CA ALA B 555 -3.56 59.93 6.32
C ALA B 555 -2.77 58.87 7.07
N TRP B 556 -1.82 58.29 6.36
CA TRP B 556 -0.98 57.22 6.89
C TRP B 556 -0.06 57.67 8.00
N HIS B 557 0.74 58.72 7.75
CA HIS B 557 1.67 59.24 8.76
C HIS B 557 0.88 59.75 9.98
N SER B 558 -0.34 60.22 9.77
CA SER B 558 -1.16 60.72 10.85
C SER B 558 -1.76 59.61 11.71
N GLU B 559 -2.25 58.55 11.07
CA GLU B 559 -3.07 57.58 11.78
C GLU B 559 -2.38 56.25 12.15
N LEU B 560 -1.28 55.91 11.50
CA LEU B 560 -0.50 54.77 11.99
C LEU B 560 -0.28 54.91 13.52
N PRO B 561 0.27 56.03 13.99
CA PRO B 561 0.52 56.17 15.42
C PRO B 561 -0.73 55.97 16.25
N ILE B 562 -1.91 56.42 15.80
CA ILE B 562 -3.14 56.15 16.56
C ILE B 562 -3.41 54.64 16.62
N VAL B 563 -3.51 54.00 15.45
CA VAL B 563 -3.66 52.57 15.33
C VAL B 563 -2.64 51.78 16.16
N LYS B 564 -1.36 52.11 16.01
CA LYS B 564 -0.26 51.46 16.72
C LYS B 564 -0.45 51.60 18.22
N GLU B 565 -0.88 52.76 18.69
CA GLU B 565 -1.08 52.96 20.11
C GLU B 565 -2.15 52.01 20.71
N GLU B 566 -3.26 51.81 19.99
CA GLU B 566 -4.40 51.02 20.52
C GLU B 566 -4.25 49.51 20.28
N ALA B 567 -3.68 49.12 19.14
CA ALA B 567 -2.96 47.84 19.08
C ALA B 567 -1.85 48.10 20.10
N SER B 568 -1.02 47.11 20.41
CA SER B 568 0.14 47.43 21.27
C SER B 568 -0.08 47.57 22.80
N LYS B 569 -1.03 48.40 23.24
CA LYS B 569 -1.41 48.29 24.64
C LYS B 569 -2.29 47.04 24.77
N GLU B 570 -2.78 46.58 23.62
CA GLU B 570 -3.53 45.34 23.52
C GLU B 570 -2.55 44.18 23.38
N ALA B 571 -1.45 44.40 22.66
CA ALA B 571 -0.35 43.44 22.59
C ALA B 571 0.09 43.02 23.97
N LYS B 572 0.30 44.02 24.82
CA LYS B 572 0.84 43.87 26.16
C LYS B 572 0.00 42.92 27.01
N GLU B 573 -1.32 42.99 26.85
CA GLU B 573 -2.25 42.05 27.47
C GLU B 573 -2.12 40.64 26.90
N VAL B 574 -2.08 40.54 25.57
CA VAL B 574 -1.97 39.28 24.88
C VAL B 574 -0.64 38.63 25.28
N ILE B 575 0.37 39.45 25.58
CA ILE B 575 1.69 38.92 26.00
C ILE B 575 1.61 38.26 27.40
N GLU B 576 1.01 38.97 28.35
CA GLU B 576 0.77 38.42 29.67
C GLU B 576 0.11 37.03 29.61
N ALA B 577 -0.78 36.85 28.63
CA ALA B 577 -1.54 35.61 28.47
C ALA B 577 -0.82 34.50 27.73
N GLY B 578 0.44 34.74 27.36
CA GLY B 578 1.28 33.73 26.71
C GLY B 578 1.49 33.91 25.21
N GLY B 579 0.96 34.98 24.64
CA GLY B 579 1.11 35.22 23.20
C GLY B 579 0.19 34.33 22.39
N LEU B 580 0.48 34.17 21.10
CA LEU B 580 -0.37 33.35 20.24
C LEU B 580 -0.25 31.86 20.54
N TYR B 581 -1.39 31.18 20.64
CA TYR B 581 -1.39 29.72 20.76
C TYR B 581 -1.84 29.11 19.46
N VAL B 582 -0.97 28.33 18.84
CA VAL B 582 -1.29 27.65 17.60
C VAL B 582 -1.59 26.19 17.86
N LEU B 583 -2.79 25.77 17.50
CA LEU B 583 -3.23 24.43 17.73
C LEU B 583 -3.49 23.80 16.37
N GLY B 584 -2.60 22.90 15.94
CA GLY B 584 -2.85 22.10 14.76
C GLY B 584 -3.76 20.92 15.14
N THR B 585 -4.59 20.51 14.18
CA THR B 585 -5.62 19.48 14.36
C THR B 585 -5.27 18.16 13.65
N GLU B 586 -4.35 18.24 12.69
CA GLU B 586 -3.82 17.09 11.98
C GLU B 586 -2.57 17.51 11.23
N ARG B 587 -1.84 16.55 10.70
CA ARG B 587 -0.61 16.88 10.01
C ARG B 587 -0.95 17.16 8.55
N HIS B 588 -0.08 17.92 7.89
CA HIS B 588 -0.27 18.29 6.49
C HIS B 588 0.48 17.27 5.65
N GLU B 589 0.54 17.49 4.34
CA GLU B 589 1.29 16.61 3.45
C GLU B 589 2.80 16.71 3.60
N SER B 590 3.27 17.65 4.41
CA SER B 590 4.68 17.70 4.73
C SER B 590 4.89 18.31 6.12
N ARG B 591 5.99 17.92 6.74
CA ARG B 591 6.43 18.50 7.99
C ARG B 591 6.63 20.02 7.81
N ARG B 592 7.16 20.42 6.66
CA ARG B 592 7.40 21.83 6.40
C ARG B 592 6.12 22.64 6.64
N ILE B 593 4.99 22.16 6.16
CA ILE B 593 3.77 22.93 6.25
C ILE B 593 3.30 23.01 7.69
N ASP B 594 3.50 21.91 8.44
CA ASP B 594 3.20 21.86 9.89
C ASP B 594 3.96 22.96 10.57
N ASN B 595 5.22 23.12 10.16
CA ASN B 595 6.08 24.14 10.69
C ASN B 595 5.70 25.56 10.26
N GLN B 596 5.15 25.71 9.05
CA GLN B 596 4.60 27.00 8.65
C GLN B 596 3.48 27.39 9.60
N LEU B 597 2.62 26.45 9.97
CA LEU B 597 1.53 26.75 10.88
C LEU B 597 2.07 27.13 12.26
N ARG B 598 3.07 26.38 12.75
CA ARG B 598 3.69 26.69 14.05
C ARG B 598 4.33 28.07 14.00
N GLY B 599 4.97 28.40 12.87
CA GLY B 599 5.71 29.65 12.76
C GLY B 599 4.88 30.93 12.86
N ARG B 600 3.56 30.80 12.84
CA ARG B 600 2.67 31.94 12.87
C ARG B 600 2.62 32.61 14.25
N SER B 601 3.02 31.86 15.26
CA SER B 601 3.16 32.28 16.64
C SER B 601 4.62 32.64 16.93
N GLY B 602 4.82 33.44 17.96
CA GLY B 602 6.16 33.80 18.42
C GLY B 602 6.98 34.60 17.43
N ARG B 603 6.34 35.51 16.68
CA ARG B 603 7.12 36.35 15.78
C ARG B 603 7.81 37.47 16.56
N GLN B 604 8.94 37.93 16.05
CA GLN B 604 9.61 39.11 16.58
C GLN B 604 9.96 39.01 18.08
N GLY B 605 10.14 37.80 18.59
CA GLY B 605 10.63 37.63 19.93
C GLY B 605 9.52 37.48 20.95
N ASP B 606 8.27 37.46 20.48
CA ASP B 606 7.09 37.27 21.36
C ASP B 606 7.05 35.90 22.01
N PRO B 607 6.52 35.81 23.22
CA PRO B 607 6.14 34.50 23.76
C PRO B 607 5.09 33.86 22.86
N GLY B 608 4.95 32.54 22.94
CA GLY B 608 3.99 31.82 22.15
C GLY B 608 4.14 30.32 22.31
N GLU B 609 3.10 29.59 21.97
CA GLU B 609 3.09 28.16 22.12
C GLU B 609 2.43 27.53 20.91
N SER B 610 2.97 26.42 20.42
CA SER B 610 2.25 25.63 19.43
C SER B 610 2.05 24.21 19.88
N ARG B 611 1.05 23.54 19.30
CA ARG B 611 0.84 22.13 19.54
C ARG B 611 -0.15 21.52 18.58
N PHE B 612 0.19 20.33 18.11
CA PHE B 612 -0.71 19.53 17.31
C PHE B 612 -1.43 18.52 18.15
N TYR B 613 -2.66 18.21 17.75
CA TYR B 613 -3.41 17.10 18.31
C TYR B 613 -3.63 16.13 17.16
N LEU B 614 -3.24 14.88 17.31
CA LEU B 614 -3.37 13.92 16.20
C LEU B 614 -4.19 12.71 16.64
N SER B 615 -4.73 11.99 15.65
CA SER B 615 -5.39 10.73 15.93
C SER B 615 -5.07 9.64 14.92
N LEU B 616 -5.11 8.40 15.39
CA LEU B 616 -4.97 7.21 14.53
C LEU B 616 -6.11 7.14 13.54
N GLY B 617 -7.07 8.04 13.69
CA GLY B 617 -8.23 8.10 12.82
C GLY B 617 -8.12 9.17 11.78
N ASP B 618 -7.05 9.99 11.82
CA ASP B 618 -6.88 11.13 10.93
C ASP B 618 -6.81 10.64 9.50
N GLU B 619 -7.16 11.51 8.56
CA GLU B 619 -7.11 11.21 7.14
C GLU B 619 -5.77 10.62 6.73
N LEU B 620 -4.70 11.29 7.16
CA LEU B 620 -3.34 10.87 6.88
C LEU B 620 -3.14 9.40 7.26
N MET B 621 -3.52 9.07 8.48
CA MET B 621 -3.30 7.76 9.07
C MET B 621 -4.18 6.67 8.46
N ARG B 622 -5.46 6.98 8.25
CA ARG B 622 -6.42 6.07 7.64
C ARG B 622 -5.90 5.59 6.27
N ARG B 623 -4.98 6.36 5.69
CA ARG B 623 -4.39 6.03 4.40
C ARG B 623 -3.26 5.00 4.52
N PHE B 624 -2.93 4.67 5.77
CA PHE B 624 -1.86 3.73 6.08
C PHE B 624 -2.44 2.85 7.19
N ASN B 625 -1.84 2.82 8.38
CA ASN B 625 -2.18 1.76 9.34
C ASN B 625 -2.94 2.14 10.62
N GLY B 626 -3.42 3.38 10.69
CA GLY B 626 -4.14 3.87 11.85
C GLY B 626 -5.25 2.96 12.42
N ALA B 627 -6.05 2.41 11.52
CA ALA B 627 -7.13 1.53 11.90
C ALA B 627 -6.59 0.40 12.75
N ALA B 628 -5.49 -0.21 12.29
CA ALA B 628 -4.88 -1.38 12.93
C ALA B 628 -4.36 -1.04 14.31
N LEU B 629 -3.65 0.08 14.39
CA LEU B 629 -3.11 0.55 15.65
C LEU B 629 -4.19 0.80 16.70
N GLU B 630 -5.31 1.34 16.25
CA GLU B 630 -6.41 1.66 17.16
C GLU B 630 -7.03 0.41 17.74
N THR B 631 -7.30 -0.59 16.89
CA THR B 631 -7.95 -1.82 17.36
C THR B 631 -6.97 -2.70 18.16
N LEU B 632 -5.68 -2.47 17.93
CA LEU B 632 -4.63 -3.02 18.77
C LEU B 632 -4.70 -2.37 20.14
N LEU B 633 -4.50 -1.05 20.17
CA LEU B 633 -4.53 -0.29 21.41
C LEU B 633 -5.78 -0.61 22.18
N THR B 634 -6.91 -0.68 21.48
CA THR B 634 -8.18 -1.04 22.13
C THR B 634 -8.07 -2.36 22.86
N ARG B 635 -7.46 -3.35 22.22
CA ARG B 635 -7.28 -4.67 22.83
C ARG B 635 -6.36 -4.66 24.06
N LEU B 636 -5.37 -3.76 24.04
CA LEU B 636 -4.52 -3.52 25.21
C LEU B 636 -5.20 -2.69 26.29
N ASN B 637 -6.49 -2.42 26.08
CA ASN B 637 -7.34 -1.74 27.04
C ASN B 637 -6.90 -0.33 27.44
N LEU B 638 -6.06 0.28 26.60
CA LEU B 638 -5.72 1.68 26.73
C LEU B 638 -6.95 2.54 26.44
N PRO B 639 -7.33 3.39 27.40
CA PRO B 639 -8.51 4.25 27.26
C PRO B 639 -8.33 5.27 26.11
N ASP B 640 -9.41 5.94 25.73
CA ASP B 640 -9.37 6.84 24.57
C ASP B 640 -8.71 8.20 24.86
N ASP B 641 -8.90 8.71 26.07
CA ASP B 641 -8.30 9.98 26.47
C ASP B 641 -6.81 9.92 26.85
N VAL B 642 -6.22 8.74 26.97
CA VAL B 642 -4.77 8.67 27.22
C VAL B 642 -3.90 8.97 25.94
N PRO B 643 -3.04 9.99 25.99
CA PRO B 643 -2.19 10.30 24.84
C PRO B 643 -1.18 9.18 24.61
N ILE B 644 -1.13 8.69 23.39
CA ILE B 644 -0.31 7.56 23.07
C ILE B 644 1.17 7.97 22.99
N GLU B 645 2.00 7.41 23.87
CA GLU B 645 3.42 7.73 23.82
C GLU B 645 4.30 6.51 23.62
N ALA B 646 4.37 6.06 22.38
CA ALA B 646 5.09 4.85 22.00
C ALA B 646 5.94 5.08 20.77
N LYS B 647 7.23 4.82 20.92
CA LYS B 647 8.18 4.93 19.82
C LYS B 647 7.69 4.27 18.51
N MET B 648 6.83 3.25 18.63
CA MET B 648 6.15 2.65 17.48
C MET B 648 5.10 3.56 16.80
N VAL B 649 4.26 4.23 17.59
CA VAL B 649 3.20 5.10 17.06
C VAL B 649 3.75 6.47 16.62
N THR B 650 4.77 6.95 17.30
CA THR B 650 5.49 8.12 16.83
C THR B 650 6.12 7.83 15.46
N ARG B 651 6.79 6.70 15.35
CA ARG B 651 7.41 6.27 14.11
C ARG B 651 6.39 6.16 12.96
N ALA B 652 5.22 5.58 13.26
CA ALA B 652 4.14 5.38 12.28
C ALA B 652 3.63 6.70 11.66
N ILE B 653 3.45 7.69 12.53
CA ILE B 653 2.96 8.99 12.11
C ILE B 653 4.00 9.69 11.23
N LYS B 654 5.25 9.75 11.68
CA LYS B 654 6.33 10.32 10.90
C LYS B 654 6.40 9.60 9.55
N SER B 655 6.26 8.29 9.58
CA SER B 655 6.42 7.48 8.38
C SER B 655 5.28 7.67 7.38
N ALA B 656 4.06 7.88 7.88
CA ALA B 656 2.94 8.16 7.00
C ALA B 656 3.18 9.50 6.25
N GLN B 657 3.52 10.54 6.98
CA GLN B 657 3.78 11.84 6.40
C GLN B 657 5.00 11.77 5.43
N THR B 658 6.11 11.22 5.91
CA THR B 658 7.30 11.07 5.08
C THR B 658 6.98 10.41 3.73
N GLN B 659 6.07 9.44 3.74
CA GLN B 659 5.66 8.81 2.48
C GLN B 659 4.85 9.69 1.49
N VAL B 660 3.93 10.50 2.03
CA VAL B 660 3.17 11.45 1.23
C VAL B 660 4.16 12.45 0.62
N GLU B 661 5.11 12.90 1.44
CA GLU B 661 6.19 13.82 1.04
C GLU B 661 6.94 13.26 -0.15
N GLN B 662 7.38 12.01 -0.02
CA GLN B 662 8.18 11.30 -1.02
C GLN B 662 7.36 11.08 -2.28
N GLN B 663 6.07 10.80 -2.13
CA GLN B 663 5.18 10.65 -3.27
C GLN B 663 5.03 11.96 -4.07
N ASN B 664 4.80 13.07 -3.36
CA ASN B 664 4.75 14.37 -3.99
C ASN B 664 6.02 14.65 -4.78
N PHE B 665 7.16 14.37 -4.17
CA PHE B 665 8.43 14.63 -4.76
C PHE B 665 8.55 13.77 -6.03
N GLU B 666 8.17 12.49 -6.00
CA GLU B 666 8.25 11.68 -7.21
C GLU B 666 7.32 12.16 -8.35
N VAL B 667 6.16 12.69 -8.01
CA VAL B 667 5.24 13.19 -9.01
C VAL B 667 5.87 14.40 -9.72
N ARG B 668 6.50 15.23 -8.91
CA ARG B 668 7.07 16.49 -9.32
C ARG B 668 8.22 16.19 -10.28
N LYS B 669 9.06 15.24 -9.90
CA LYS B 669 10.22 14.83 -10.70
C LYS B 669 9.78 14.11 -11.97
N ASN B 670 8.60 13.53 -11.94
CA ASN B 670 8.08 12.89 -13.13
C ASN B 670 7.49 13.92 -14.09
N VAL B 671 6.75 14.87 -13.56
CA VAL B 671 6.12 15.89 -14.36
C VAL B 671 7.20 16.61 -15.17
N LEU B 672 8.28 16.99 -14.49
CA LEU B 672 9.43 17.64 -15.09
C LEU B 672 10.20 16.78 -16.14
N LYS B 673 10.63 15.58 -15.81
CA LYS B 673 11.30 14.75 -16.83
C LYS B 673 10.48 14.67 -18.13
N TYR B 674 9.19 14.43 -18.04
CA TYR B 674 8.37 14.32 -19.23
C TYR B 674 8.25 15.67 -19.94
N ASP B 675 8.23 16.75 -19.15
CA ASP B 675 8.27 18.09 -19.70
C ASP B 675 9.60 18.47 -20.39
N GLU B 676 10.75 17.87 -20.01
CA GLU B 676 12.01 18.24 -20.65
C GLU B 676 11.88 18.00 -22.14
N VAL B 677 11.31 16.87 -22.52
CA VAL B 677 11.22 16.50 -23.92
C VAL B 677 10.45 17.55 -24.72
N MET B 678 9.33 18.01 -24.20
CA MET B 678 8.46 18.89 -24.94
C MET B 678 8.91 20.32 -24.81
N ASN B 679 9.68 20.61 -23.75
CA ASN B 679 10.24 21.94 -23.57
C ASN B 679 11.31 22.25 -24.65
N GLN B 680 12.13 21.26 -25.00
CA GLN B 680 13.10 21.43 -26.03
C GLN B 680 12.41 21.60 -27.38
N GLN B 681 11.23 21.03 -27.53
CA GLN B 681 10.57 21.11 -28.83
C GLN B 681 9.91 22.48 -29.03
N ARG B 682 9.45 23.08 -27.95
CA ARG B 682 8.77 24.34 -28.09
C ARG B 682 9.70 25.55 -28.14
N LYS B 683 10.91 25.39 -27.63
CA LYS B 683 11.90 26.45 -27.77
C LYS B 683 12.14 26.68 -29.27
N VAL B 684 12.37 25.60 -29.99
CA VAL B 684 12.49 25.63 -31.44
C VAL B 684 11.25 26.25 -32.10
N ILE B 685 10.05 25.77 -31.76
CA ILE B 685 8.86 26.25 -32.45
C ILE B 685 8.56 27.68 -32.09
N TYR B 686 8.74 28.03 -30.83
CA TYR B 686 8.48 29.40 -30.38
C TYR B 686 9.43 30.37 -31.06
N ALA B 687 10.70 29.97 -31.17
CA ALA B 687 11.70 30.78 -31.88
C ALA B 687 11.29 31.02 -33.31
N GLU B 688 10.91 29.95 -34.04
CA GLU B 688 10.41 30.07 -35.42
C GLU B 688 9.27 31.08 -35.49
N ARG B 689 8.30 30.95 -34.59
CA ARG B 689 7.12 31.81 -34.61
C ARG B 689 7.52 33.26 -34.37
N ARG B 690 8.45 33.48 -33.44
CA ARG B 690 9.04 34.80 -33.14
C ARG B 690 9.71 35.48 -34.36
N ARG B 691 10.52 34.72 -35.08
CA ARG B 691 11.14 35.23 -36.29
C ARG B 691 10.11 35.89 -37.16
N ILE B 692 8.97 35.23 -37.25
CA ILE B 692 7.97 35.59 -38.25
C ILE B 692 7.19 36.77 -37.75
N LEU B 693 6.90 36.81 -36.46
CA LEU B 693 6.19 37.93 -35.89
C LEU B 693 7.01 39.21 -36.01
N GLU B 694 8.32 39.05 -35.94
CA GLU B 694 9.23 40.17 -35.89
C GLU B 694 9.48 40.77 -37.27
N GLY B 695 9.16 40.04 -38.33
CA GLY B 695 9.23 40.57 -39.67
C GLY B 695 10.46 40.15 -40.45
N GLU B 696 11.32 39.35 -39.83
CA GLU B 696 12.53 38.90 -40.45
C GLU B 696 12.43 38.54 -41.94
N ASN B 697 13.45 38.87 -42.71
CA ASN B 697 13.48 38.50 -44.11
C ASN B 697 13.72 37.02 -44.14
N LEU B 698 12.79 36.27 -44.73
CA LEU B 698 12.98 34.82 -44.71
C LEU B 698 13.22 34.23 -46.09
N LYS B 699 13.69 35.06 -47.02
CA LYS B 699 13.95 34.57 -48.35
C LYS B 699 14.98 33.44 -48.33
N ASP B 700 15.99 33.57 -47.48
CA ASP B 700 17.08 32.59 -47.52
C ASP B 700 16.59 31.23 -47.02
N GLN B 701 15.75 31.27 -45.98
CA GLN B 701 15.24 30.05 -45.39
C GLN B 701 14.18 29.41 -46.28
N ALA B 702 13.24 30.22 -46.77
CA ALA B 702 12.31 29.78 -47.83
C ALA B 702 13.01 28.97 -48.92
N LEU B 703 14.04 29.55 -49.54
CA LEU B 703 14.79 28.88 -50.60
C LEU B 703 15.51 27.62 -50.12
N ASP B 704 16.06 27.67 -48.91
CA ASP B 704 16.66 26.49 -48.30
C ASP B 704 15.65 25.33 -48.16
N MET B 705 14.43 25.66 -47.70
CA MET B 705 13.33 24.70 -47.65
C MET B 705 13.04 24.12 -49.04
N VAL B 706 12.84 24.99 -50.04
CA VAL B 706 12.67 24.55 -51.41
C VAL B 706 13.82 23.63 -51.77
N ARG B 707 15.03 24.07 -51.44
CA ARG B 707 16.22 23.30 -51.78
C ARG B 707 16.15 21.94 -51.10
N ASP B 708 15.80 21.95 -49.82
CA ASP B 708 15.76 20.74 -49.01
C ASP B 708 14.79 19.68 -49.52
N VAL B 709 13.60 20.14 -49.89
CA VAL B 709 12.52 19.26 -50.34
C VAL B 709 12.86 18.54 -51.66
N ILE B 710 13.34 19.30 -52.64
CA ILE B 710 13.70 18.72 -53.93
C ILE B 710 14.79 17.66 -53.76
N THR B 711 15.79 17.98 -52.92
CA THR B 711 16.86 17.06 -52.54
C THR B 711 16.27 15.78 -51.97
N ALA B 712 15.36 15.94 -51.00
CA ALA B 712 14.68 14.82 -50.37
C ALA B 712 13.94 13.92 -51.36
N TYR B 713 13.32 14.52 -52.39
CA TYR B 713 12.61 13.75 -53.42
C TYR B 713 13.57 13.08 -54.33
N VAL B 714 14.54 13.84 -54.83
CA VAL B 714 15.58 13.31 -55.71
C VAL B 714 16.26 12.17 -54.99
N ASP B 715 16.48 12.35 -53.69
CA ASP B 715 17.10 11.35 -52.83
C ASP B 715 16.32 10.05 -52.78
N GLY B 716 15.05 10.14 -52.39
CA GLY B 716 14.16 8.98 -52.35
C GLY B 716 13.97 8.32 -53.71
N ALA B 717 13.73 9.12 -54.74
CA ALA B 717 13.42 8.62 -56.08
C ALA B 717 14.63 8.09 -56.85
N THR B 718 15.80 8.70 -56.63
CA THR B 718 17.02 8.23 -57.29
C THR B 718 17.61 7.01 -56.56
N GLY B 719 17.46 6.99 -55.24
CA GLY B 719 17.89 5.89 -54.39
C GLY B 719 19.06 5.08 -54.93
N GLU B 720 18.81 3.82 -55.28
CA GLU B 720 19.84 2.90 -55.77
C GLU B 720 19.48 2.36 -57.16
N GLY B 721 20.15 1.30 -57.61
CA GLY B 721 19.86 0.68 -58.90
C GLY B 721 20.52 1.34 -60.11
N TYR B 722 20.28 2.63 -60.25
CA TYR B 722 21.08 3.57 -61.08
C TYR B 722 20.93 3.64 -62.59
N ALA B 723 20.82 2.51 -63.29
CA ALA B 723 20.62 2.54 -64.74
C ALA B 723 19.20 2.96 -65.11
N GLU B 724 18.77 2.59 -66.33
CA GLU B 724 17.41 2.83 -66.82
C GLU B 724 16.40 2.83 -65.67
N ASP B 725 16.31 1.70 -64.98
CA ASP B 725 15.52 1.55 -63.77
C ASP B 725 15.64 2.78 -62.89
N TRP B 726 14.72 3.72 -63.09
CA TRP B 726 14.49 4.87 -62.20
C TRP B 726 13.10 5.39 -62.52
N ASP B 727 12.33 5.72 -61.48
CA ASP B 727 11.01 6.30 -61.65
C ASP B 727 11.12 7.81 -61.69
N LEU B 728 11.22 8.34 -62.92
CA LEU B 728 11.33 9.79 -63.12
C LEU B 728 9.97 10.40 -63.35
N ASP B 729 9.18 9.76 -64.22
CA ASP B 729 7.78 10.15 -64.42
C ASP B 729 7.12 10.43 -63.06
N ALA B 730 7.17 9.43 -62.18
CA ALA B 730 6.60 9.53 -60.83
C ALA B 730 7.31 10.54 -59.92
N LEU B 731 8.58 10.80 -60.20
CA LEU B 731 9.32 11.81 -59.45
C LEU B 731 8.83 13.20 -59.84
N TRP B 732 8.67 13.41 -61.16
CA TRP B 732 8.23 14.70 -61.68
C TRP B 732 6.85 15.05 -61.15
N THR B 733 5.94 14.07 -61.19
CA THR B 733 4.56 14.27 -60.74
C THR B 733 4.53 14.71 -59.29
N ALA B 734 5.35 14.08 -58.45
CA ALA B 734 5.45 14.46 -57.04
C ALA B 734 6.04 15.86 -56.89
N LEU B 735 7.02 16.19 -57.72
CA LEU B 735 7.57 17.55 -57.75
C LEU B 735 6.55 18.53 -58.30
N LYS B 736 5.89 18.16 -59.41
CA LYS B 736 4.90 19.01 -60.07
C LYS B 736 3.86 19.58 -59.11
N THR B 737 3.31 18.75 -58.22
CA THR B 737 2.31 19.25 -57.29
C THR B 737 2.89 20.31 -56.36
N LEU B 738 4.20 20.29 -56.15
CA LEU B 738 4.86 21.29 -55.31
C LEU B 738 5.05 22.61 -56.05
N TYR B 739 5.54 22.53 -57.29
CA TYR B 739 5.93 23.74 -58.02
C TYR B 739 5.86 23.60 -59.55
N PRO B 740 5.74 24.74 -60.25
CA PRO B 740 5.67 24.72 -61.72
C PRO B 740 7.00 24.37 -62.41
N VAL B 741 7.35 23.08 -62.36
CA VAL B 741 8.56 22.56 -62.99
C VAL B 741 8.68 22.96 -64.48
N GLY B 742 9.78 23.60 -64.84
CA GLY B 742 9.96 24.12 -66.19
C GLY B 742 11.03 23.46 -67.04
N ILE B 743 11.29 22.18 -66.80
CA ILE B 743 12.18 21.36 -67.65
C ILE B 743 11.73 19.91 -67.67
N THR B 744 11.14 19.47 -68.78
CA THR B 744 10.75 18.06 -68.93
C THR B 744 11.93 17.16 -68.61
N ALA B 745 11.67 16.02 -67.93
CA ALA B 745 12.72 15.05 -67.66
C ALA B 745 13.51 14.66 -68.97
N ASP B 746 12.87 14.79 -70.13
CA ASP B 746 13.57 14.60 -71.42
C ASP B 746 14.55 15.73 -71.78
N SER B 747 14.60 16.78 -70.93
CA SER B 747 15.57 17.86 -71.07
C SER B 747 16.98 17.30 -71.14
N LEU B 748 17.20 16.19 -70.41
CA LEU B 748 18.52 15.56 -70.34
C LEU B 748 18.49 14.04 -70.65
N THR B 749 18.82 13.68 -71.91
CA THR B 749 18.99 12.28 -72.36
C THR B 749 19.71 12.24 -73.72
N LEU B 765 21.40 14.99 -62.02
CA LEU B 765 20.01 15.54 -62.11
C LEU B 765 19.56 16.41 -60.92
N LEU B 766 20.18 16.23 -59.75
CA LEU B 766 19.86 17.04 -58.57
C LEU B 766 20.10 18.52 -58.85
N GLU B 767 21.16 18.81 -59.58
CA GLU B 767 21.62 20.17 -59.85
C GLU B 767 20.64 20.96 -60.72
N ALA B 768 20.29 20.42 -61.89
CA ALA B 768 19.33 21.05 -62.79
C ALA B 768 17.98 21.33 -62.12
N LEU B 769 17.47 20.41 -61.32
CA LEU B 769 16.20 20.64 -60.65
C LEU B 769 16.25 21.88 -59.75
N LEU B 770 17.28 21.97 -58.91
CA LEU B 770 17.41 23.09 -57.97
C LEU B 770 17.48 24.43 -58.68
N LYS B 771 18.05 24.43 -59.88
CA LYS B 771 18.25 25.66 -60.64
C LYS B 771 16.95 26.11 -61.31
N ASP B 772 16.15 25.15 -61.75
CA ASP B 772 14.85 25.43 -62.33
C ASP B 772 13.92 25.93 -61.21
N ALA B 773 13.97 25.22 -60.08
CA ALA B 773 13.19 25.60 -58.88
C ALA B 773 13.44 27.04 -58.49
N GLU B 774 14.68 27.48 -58.65
CA GLU B 774 15.06 28.80 -58.21
C GLU B 774 14.53 29.86 -59.18
N ARG B 775 14.48 29.52 -60.47
CA ARG B 775 13.91 30.42 -61.46
C ARG B 775 12.38 30.43 -61.34
N ALA B 776 11.78 29.29 -61.02
CA ALA B 776 10.33 29.25 -60.79
C ALA B 776 9.94 30.14 -59.61
N TYR B 777 10.80 30.11 -58.58
CA TYR B 777 10.63 30.94 -57.38
C TYR B 777 10.83 32.40 -57.69
N ALA B 778 11.87 32.71 -58.47
CA ALA B 778 12.12 34.08 -58.93
C ALA B 778 10.94 34.58 -59.76
N ALA B 779 10.35 33.69 -60.55
CA ALA B 779 9.11 34.00 -61.25
C ALA B 779 8.01 34.29 -60.23
N ARG B 780 7.81 33.36 -59.29
CA ARG B 780 6.82 33.56 -58.25
C ARG B 780 7.00 34.88 -57.52
N GLU B 781 8.24 35.18 -57.11
CA GLU B 781 8.52 36.42 -56.41
C GLU B 781 8.03 37.61 -57.22
N ALA B 782 8.11 37.50 -58.56
CA ALA B 782 7.69 38.59 -59.45
C ALA B 782 6.20 38.62 -59.70
N GLU B 783 5.57 37.45 -59.77
CA GLU B 783 4.12 37.36 -59.89
C GLU B 783 3.49 38.08 -58.70
N LEU B 784 4.06 37.87 -57.51
CA LEU B 784 3.59 38.51 -56.29
C LEU B 784 3.76 40.01 -56.32
N GLU B 785 4.85 40.48 -56.94
CA GLU B 785 5.14 41.91 -57.10
C GLU B 785 4.01 42.65 -57.78
N GLU B 786 3.58 42.11 -58.92
CA GLU B 786 2.48 42.68 -59.71
C GLU B 786 1.21 42.80 -58.87
N ILE B 787 0.90 41.78 -58.07
CA ILE B 787 -0.30 41.79 -57.24
C ILE B 787 -0.17 42.65 -55.97
N ALA B 788 1.01 42.67 -55.36
CA ALA B 788 1.18 43.44 -54.13
C ALA B 788 2.24 44.55 -54.14
N GLY B 789 3.34 44.34 -54.87
CA GLY B 789 4.42 45.33 -54.90
C GLY B 789 5.57 45.02 -53.96
N GLU B 790 6.68 45.76 -54.07
CA GLU B 790 7.93 45.45 -53.35
C GLU B 790 7.72 44.81 -51.99
N GLY B 791 8.28 43.61 -51.82
CA GLY B 791 8.19 42.88 -50.56
C GLY B 791 7.07 41.86 -50.56
N ALA B 792 6.24 41.90 -51.60
CA ALA B 792 5.07 41.02 -51.72
C ALA B 792 5.36 39.58 -51.33
N MET B 793 6.48 39.05 -51.80
CA MET B 793 6.88 37.69 -51.50
C MET B 793 7.41 37.54 -50.09
N ARG B 794 8.03 38.58 -49.56
CA ARG B 794 8.61 38.53 -48.22
C ARG B 794 7.53 38.29 -47.18
N GLN B 795 6.41 39.02 -47.33
CA GLN B 795 5.22 38.88 -46.50
C GLN B 795 4.47 37.57 -46.76
N LEU B 796 4.42 37.12 -47.99
CA LEU B 796 3.78 35.86 -48.29
C LEU B 796 4.50 34.73 -47.57
N GLU B 797 5.83 34.79 -47.55
CA GLU B 797 6.64 33.77 -46.85
C GLU B 797 6.27 33.71 -45.38
N ARG B 798 6.27 34.87 -44.73
CA ARG B 798 5.90 34.98 -43.33
C ARG B 798 4.50 34.40 -43.04
N ASN B 799 3.51 34.79 -43.87
CA ASN B 799 2.14 34.37 -43.67
C ASN B 799 2.02 32.87 -43.84
N VAL B 800 2.63 32.35 -44.89
CA VAL B 800 2.54 30.92 -45.20
C VAL B 800 3.20 30.05 -44.15
N LEU B 801 4.36 30.45 -43.66
CA LEU B 801 5.10 29.67 -42.68
C LEU B 801 4.35 29.61 -41.37
N LEU B 802 3.90 30.77 -40.89
CA LEU B 802 3.16 30.84 -39.63
C LEU B 802 1.90 29.94 -39.64
N ASN B 803 1.12 30.01 -40.71
CA ASN B 803 0.00 29.10 -40.90
C ASN B 803 0.37 27.63 -40.82
N VAL B 804 1.43 27.26 -41.52
CA VAL B 804 1.86 25.89 -41.62
C VAL B 804 2.37 25.43 -40.26
N ILE B 805 3.24 26.24 -39.64
CA ILE B 805 3.76 25.95 -38.29
C ILE B 805 2.63 25.78 -37.26
N ASP B 806 1.75 26.76 -37.10
CA ASP B 806 0.70 26.65 -36.08
C ASP B 806 -0.16 25.38 -36.23
N ARG B 807 -0.51 25.05 -37.46
CA ARG B 807 -1.41 23.93 -37.75
C ARG B 807 -0.72 22.59 -37.50
N LYS B 808 0.53 22.44 -37.91
CA LYS B 808 1.18 21.16 -37.70
C LYS B 808 1.63 21.00 -36.25
N TRP B 809 1.87 22.11 -35.56
CA TRP B 809 2.28 22.11 -34.16
C TRP B 809 1.09 21.66 -33.36
N ARG B 810 -0.08 22.23 -33.63
CA ARG B 810 -1.28 21.79 -32.92
C ARG B 810 -1.50 20.29 -33.08
N GLU B 811 -1.32 19.80 -34.30
CA GLU B 811 -1.63 18.41 -34.59
C GLU B 811 -0.66 17.55 -33.82
N HIS B 812 0.60 17.96 -33.84
CA HIS B 812 1.65 17.27 -33.12
C HIS B 812 1.36 17.20 -31.65
N LEU B 813 0.99 18.34 -31.05
CA LEU B 813 0.57 18.38 -29.64
C LEU B 813 -0.54 17.41 -29.31
N TYR B 814 -1.48 17.24 -30.24
CA TYR B 814 -2.58 16.29 -30.00
C TYR B 814 -2.02 14.90 -29.92
N GLU B 815 -1.03 14.63 -30.77
CA GLU B 815 -0.46 13.29 -30.93
C GLU B 815 0.47 12.94 -29.74
N MET B 816 1.27 13.92 -29.28
CA MET B 816 2.02 13.81 -28.02
C MET B 816 1.11 13.60 -26.78
N ASP B 817 -0.07 14.21 -26.78
CA ASP B 817 -0.96 14.00 -25.66
C ASP B 817 -1.18 12.50 -25.56
N TYR B 818 -1.64 11.91 -26.66
CA TYR B 818 -1.92 10.47 -26.71
C TYR B 818 -0.68 9.63 -26.42
N LEU B 819 0.48 10.09 -26.91
CA LEU B 819 1.72 9.37 -26.70
C LEU B 819 2.05 9.21 -25.22
N LYS B 820 1.97 10.31 -24.49
CA LYS B 820 2.29 10.36 -23.07
C LYS B 820 1.33 9.59 -22.18
N GLU B 821 0.03 9.72 -22.43
CA GLU B 821 -0.97 8.94 -21.72
C GLU B 821 -0.60 7.46 -21.76
N GLY B 822 -0.23 7.00 -22.94
CA GLY B 822 -0.15 5.59 -23.21
C GLY B 822 1.23 4.99 -23.09
N ILE B 823 2.27 5.83 -23.10
CA ILE B 823 3.64 5.33 -23.03
C ILE B 823 3.87 4.36 -21.86
N GLY B 824 3.33 4.70 -20.67
CA GLY B 824 3.46 3.87 -19.49
C GLY B 824 2.99 2.44 -19.67
N LEU B 825 1.98 2.29 -20.53
CA LEU B 825 1.35 1.03 -20.81
C LEU B 825 2.30 0.07 -21.54
N ARG B 826 3.21 0.62 -22.33
CA ARG B 826 4.30 -0.20 -22.92
C ARG B 826 5.64 0.00 -22.17
N ALA B 827 5.91 -0.95 -21.25
CA ALA B 827 7.00 -0.87 -20.25
C ALA B 827 7.48 -2.25 -19.78
N MET B 828 8.37 -2.23 -18.78
CA MET B 828 8.81 -3.40 -17.99
C MET B 828 9.94 -2.97 -17.03
N ALA B 829 10.33 -3.86 -16.13
CA ALA B 829 11.69 -3.88 -15.58
C ALA B 829 12.58 -4.58 -16.66
N GLN B 830 12.64 -3.96 -17.84
CA GLN B 830 13.43 -4.36 -19.02
C GLN B 830 13.48 -3.22 -20.06
N ARG B 831 12.81 -2.10 -19.75
CA ARG B 831 12.80 -0.89 -20.58
C ARG B 831 12.34 0.31 -19.74
N ASP B 832 12.89 1.50 -20.01
CA ASP B 832 12.41 2.72 -19.36
C ASP B 832 11.41 3.44 -20.28
N PRO B 833 10.17 3.60 -19.79
CA PRO B 833 9.15 4.41 -20.45
C PRO B 833 9.69 5.73 -20.93
N LEU B 834 10.41 6.47 -20.11
CA LEU B 834 10.88 7.81 -20.53
C LEU B 834 11.81 7.80 -21.78
N VAL B 835 12.69 6.82 -21.87
CA VAL B 835 13.51 6.66 -23.05
C VAL B 835 12.65 6.45 -24.28
N GLU B 836 11.65 5.60 -24.19
CA GLU B 836 10.85 5.28 -25.37
C GLU B 836 10.00 6.46 -25.74
N TYR B 837 9.58 7.25 -24.75
CA TYR B 837 8.81 8.44 -24.97
C TYR B 837 9.65 9.45 -25.74
N GLN B 838 10.90 9.63 -25.29
CA GLN B 838 11.83 10.53 -25.97
C GLN B 838 12.14 10.10 -27.40
N ARG B 839 12.46 8.82 -27.59
CA ARG B 839 12.75 8.25 -28.90
C ARG B 839 11.57 8.53 -29.88
N GLU B 840 10.36 8.28 -29.41
CA GLU B 840 9.18 8.39 -30.26
C GLU B 840 8.81 9.83 -30.45
N GLY B 841 8.91 10.59 -29.36
CA GLY B 841 8.56 11.98 -29.37
C GLY B 841 9.44 12.80 -30.27
N TYR B 842 10.75 12.63 -30.18
CA TYR B 842 11.61 13.34 -31.09
C TYR B 842 11.38 12.90 -32.53
N ASP B 843 11.12 11.60 -32.76
CA ASP B 843 10.82 11.10 -34.10
C ASP B 843 9.59 11.78 -34.69
N MET B 844 8.50 11.87 -33.93
CA MET B 844 7.34 12.59 -34.41
C MET B 844 7.73 14.01 -34.73
N PHE B 845 8.59 14.59 -33.91
CA PHE B 845 8.94 16.00 -34.04
C PHE B 845 9.69 16.22 -35.35
N MET B 846 10.70 15.42 -35.64
CA MET B 846 11.44 15.57 -36.88
C MET B 846 10.55 15.35 -38.11
N ALA B 847 9.60 14.41 -37.99
CA ALA B 847 8.70 14.09 -39.08
C ALA B 847 7.76 15.25 -39.30
N MET B 848 7.39 15.91 -38.21
CA MET B 848 6.60 17.13 -38.24
C MET B 848 7.36 18.25 -38.93
N LEU B 849 8.64 18.38 -38.67
CA LEU B 849 9.33 19.49 -39.24
C LEU B 849 9.45 19.27 -40.75
N ASP B 850 9.70 18.02 -41.13
CA ASP B 850 9.87 17.66 -42.55
C ASP B 850 8.58 17.94 -43.32
N GLY B 851 7.46 17.64 -42.67
CA GLY B 851 6.14 17.97 -43.16
C GLY B 851 5.95 19.46 -43.30
N MET B 852 6.41 20.25 -42.33
CA MET B 852 6.24 21.69 -42.42
C MET B 852 6.92 22.26 -43.67
N LYS B 853 8.11 21.76 -43.96
CA LYS B 853 8.91 22.29 -45.07
C LYS B 853 8.18 21.97 -46.38
N GLU B 854 7.79 20.71 -46.55
CA GLU B 854 7.16 20.25 -47.78
C GLU B 854 5.89 21.08 -48.06
N GLU B 855 4.99 21.18 -47.10
CA GLU B 855 3.80 21.99 -47.30
C GLU B 855 4.10 23.47 -47.52
N SER B 856 5.07 24.03 -46.80
CA SER B 856 5.34 25.45 -47.00
C SER B 856 5.74 25.79 -48.43
N VAL B 857 6.59 24.98 -49.04
CA VAL B 857 7.00 25.31 -50.39
C VAL B 857 5.80 25.15 -51.34
N GLY B 858 5.03 24.09 -51.14
CA GLY B 858 3.74 23.92 -51.77
C GLY B 858 2.90 25.18 -51.73
N PHE B 859 2.70 25.75 -50.54
CA PHE B 859 1.86 26.94 -50.44
C PHE B 859 2.56 28.17 -51.00
N LEU B 860 3.87 28.23 -50.82
CA LEU B 860 4.61 29.38 -51.32
C LEU B 860 4.48 29.52 -52.84
N PHE B 861 4.46 28.40 -53.55
CA PHE B 861 4.36 28.44 -55.01
C PHE B 861 2.93 28.67 -55.51
N ASN B 862 1.93 28.16 -54.76
CA ASN B 862 0.57 28.00 -55.30
C ASN B 862 -0.59 28.66 -54.56
N VAL B 863 -0.37 29.21 -53.37
CA VAL B 863 -1.46 29.77 -52.60
C VAL B 863 -2.13 30.93 -53.34
N THR B 864 -3.41 31.15 -53.03
CA THR B 864 -4.17 32.25 -53.60
C THR B 864 -3.95 33.56 -52.84
N VAL B 865 -3.71 34.63 -53.60
CA VAL B 865 -3.54 35.99 -53.06
C VAL B 865 -4.62 36.94 -53.61
MG MG C . -11.36 -35.70 -2.57
PB ADP D . -10.85 -36.84 -6.10
O1B ADP D . -9.51 -37.43 -6.50
O2B ADP D . -10.96 -36.67 -4.53
O3B ADP D . -11.26 -35.52 -6.97
PA ADP D . -12.72 -39.02 -5.72
O1A ADP D . -13.68 -38.09 -5.08
O2A ADP D . -12.11 -40.07 -4.78
O3A ADP D . -11.66 -38.16 -6.59
O5' ADP D . -13.39 -39.87 -6.92
C5' ADP D . -13.82 -39.30 -8.15
C4' ADP D . -14.73 -40.32 -8.85
O4' ADP D . -14.00 -41.37 -9.49
C3' ADP D . -15.65 -40.98 -7.85
O3' ADP D . -16.96 -40.96 -8.36
C2' ADP D . -15.13 -42.39 -7.73
O2' ADP D . -16.19 -43.28 -7.56
C1' ADP D . -14.44 -42.64 -9.05
N9 ADP D . -13.30 -43.59 -8.94
C8 ADP D . -12.23 -43.54 -8.06
N7 ADP D . -11.41 -44.62 -8.29
C5 ADP D . -11.95 -45.34 -9.31
C6 ADP D . -11.56 -46.52 -9.95
N6 ADP D . -10.32 -46.97 -9.84
N1 ADP D . -12.36 -47.06 -10.97
C2 ADP D . -13.52 -46.43 -11.36
N3 ADP D . -13.90 -45.27 -10.71
C4 ADP D . -13.15 -44.72 -9.71
MG MG E . 4.38 37.37 3.31
PB ADP F . 6.21 38.10 6.38
O1B ADP F . 7.71 38.02 6.58
O2B ADP F . 5.87 38.12 4.85
O3B ADP F . 5.32 36.97 7.16
PA ADP F . 5.19 40.82 6.32
O1A ADP F . 3.87 40.23 5.89
O2A ADP F . 5.85 41.55 5.12
O3A ADP F . 6.11 39.63 6.96
O5' ADP F . 5.14 41.84 7.55
C5' ADP F . 4.90 41.46 8.90
C4' ADP F . 4.58 42.73 9.72
O4' ADP F . 5.73 43.44 10.15
C3' ADP F . 3.78 43.68 8.84
O3' ADP F . 2.65 44.14 9.56
C2' ADP F . 4.78 44.78 8.48
O2' ADP F . 4.16 46.03 8.22
C1' ADP F . 5.72 44.76 9.67
N9 ADP F . 7.11 45.13 9.35
C8 ADP F . 7.92 44.61 8.35
N7 ADP F . 9.14 45.20 8.42
C5 ADP F . 9.13 46.11 9.43
C6 ADP F . 10.11 46.99 9.92
N6 ADP F . 11.39 46.81 9.59
N1 ADP F . 9.78 47.81 11.01
C2 ADP F . 8.52 47.75 11.60
N3 ADP F . 7.57 46.88 11.10
C4 ADP F . 7.87 46.07 10.04
#